data_2WBU
# 
_entry.id   2WBU 
# 
_audit_conform.dict_name       mmcif_pdbx.dic 
_audit_conform.dict_version    5.382 
_audit_conform.dict_location   http://mmcif.pdb.org/dictionaries/ascii/mmcif_pdbx.dic 
# 
loop_
_database_2.database_id 
_database_2.database_code 
_database_2.pdbx_database_accession 
_database_2.pdbx_DOI 
PDB   2WBU         pdb_00002wbu 10.2210/pdb2wbu/pdb 
PDBE  EBI-38959    ?            ?                   
WWPDB D_1290038959 ?            ?                   
# 
_pdbx_database_related.db_name        PDB 
_pdbx_database_related.db_id          2WBS 
_pdbx_database_related.content_type   unspecified 
_pdbx_database_related.details        'CRYSTAL STRUCTURE IN COMPLEX WITH DNA' 
# 
_pdbx_database_status.status_code                     REL 
_pdbx_database_status.entry_id                        2WBU 
_pdbx_database_status.deposit_site                    PDBE 
_pdbx_database_status.process_site                    PDBE 
_pdbx_database_status.SG_entry                        . 
_pdbx_database_status.recvd_initial_deposition_date   2009-03-05 
_pdbx_database_status.pdb_format_compatible           Y 
_pdbx_database_status.status_code_sf                  REL 
_pdbx_database_status.status_code_mr                  ? 
_pdbx_database_status.status_code_cs                  ? 
_pdbx_database_status.methods_development_category    ? 
_pdbx_database_status.status_code_nmr_data            ? 
# 
loop_
_audit_author.name 
_audit_author.pdbx_ordinal 
'Schuetz, A.'    1 
'Zocher, G.'     2 
'Carstanjen, D.' 3 
'Heinemann, U.'  4 
# 
_citation.id                        primary 
_citation.title                     
'The Structure of the Klf4 DNA-Binding Domain Links to Self-Renewal and Macrophage Differentiation.' 
_citation.journal_abbrev            'Cell.Mol.Life Sci.' 
_citation.journal_volume            68 
_citation.page_first                3121 
_citation.page_last                 ? 
_citation.year                      2011 
_citation.journal_id_ASTM           ? 
_citation.country                   SZ 
_citation.journal_id_ISSN           1420-682X 
_citation.journal_id_CSD            ? 
_citation.book_publisher            ? 
_citation.pdbx_database_id_PubMed   21290164 
_citation.pdbx_database_id_DOI      10.1007/S00018-010-0618-X 
# 
loop_
_citation_author.citation_id 
_citation_author.name 
_citation_author.ordinal 
_citation_author.identifier_ORCID 
primary 'Schuetz, A.'     1 ? 
primary 'Nana, D.'        2 ? 
primary 'Rose, C.'        3 ? 
primary 'Zocher, G.'      4 ? 
primary 'Milanovic, M.'   5 ? 
primary 'Koenigsmann, J.' 6 ? 
primary 'Blasig, R.'      7 ? 
primary 'Heinemann, U.'   8 ? 
primary 'Carstanjen, D.'  9 ? 
# 
_cell.entry_id           2WBU 
_cell.length_a           50.275 
_cell.length_b           50.275 
_cell.length_c           131.027 
_cell.angle_alpha        90.00 
_cell.angle_beta         90.00 
_cell.angle_gamma        90.00 
_cell.Z_PDB              8 
_cell.pdbx_unique_axis   ? 
# 
_symmetry.entry_id                         2WBU 
_symmetry.space_group_name_H-M             'P 43 21 2' 
_symmetry.pdbx_full_space_group_name_H-M   ? 
_symmetry.cell_setting                     ? 
_symmetry.Int_Tables_number                96 
# 
loop_
_entity.id 
_entity.type 
_entity.src_method 
_entity.pdbx_description 
_entity.formula_weight 
_entity.pdbx_number_of_molecules 
_entity.pdbx_ec 
_entity.pdbx_mutation 
_entity.pdbx_fragment 
_entity.details 
1 polymer     man 'KRUEPPEL-LIKE FACTOR 4'                            10572.937 1  ? ? 'RESIDUES 396-483' ? 
2 polymer     syn 
;5'-D(*DGP*DAP*DGP*DGP*DCP*DGP*DTP* DGP*DGP*DC)-3'
;
3126.040  1  ? ? ?                  ? 
3 polymer     syn 
;5'-D(*DGP*DCP*DCP*DAP*DCP*DGP*DCP* DCP*DTP*DC)-3'
;
2965.945  1  ? ? ?                  ? 
4 non-polymer syn 'ZINC ION'                                          65.409    3  ? ? ?                  ? 
5 water       nat water                                               18.015    21 ? ? ?                  ? 
# 
_entity_name_com.entity_id   1 
_entity_name_com.name        'GUT-ENRICHED KRUEPPEL-LIKE FACTOR, EPITHELIAL ZINC FINGER PROTEIN EZF' 
# 
loop_
_entity_poly.entity_id 
_entity_poly.type 
_entity_poly.nstd_linkage 
_entity_poly.nstd_monomer 
_entity_poly.pdbx_seq_one_letter_code 
_entity_poly.pdbx_seq_one_letter_code_can 
_entity_poly.pdbx_strand_id 
_entity_poly.pdbx_target_identifier 
1 'polypeptide(L)'        no no 
;GSRTATHTCDYAGCGKTYTKSSHLKAHLRTHTGEKPYHCDWDGCGWKFARSDELTRHYRKHTGHRPFQCQKCDRAFSRSD
HLALHMKRHF
;
;GSRTATHTCDYAGCGKTYTKSSHLKAHLRTHTGEKPYHCDWDGCGWKFARSDELTRHYRKHTGHRPFQCQKCDRAFSRSD
HLALHMKRHF
;
A ? 
2 polydeoxyribonucleotide no no '(DG)(DA)(DG)(DG)(DC)(DG)(DT)(DG)(DG)(DC)'                                                    
GAGGCGTGGC                                                                                    B ? 
3 polydeoxyribonucleotide no no '(DG)(DC)(DC)(DA)(DC)(DG)(DC)(DC)(DT)(DC)'                                                    
GCCACGCCTC                                                                                    C ? 
# 
loop_
_entity_poly_seq.entity_id 
_entity_poly_seq.num 
_entity_poly_seq.mon_id 
_entity_poly_seq.hetero 
1 1  GLY n 
1 2  SER n 
1 3  ARG n 
1 4  THR n 
1 5  ALA n 
1 6  THR n 
1 7  HIS n 
1 8  THR n 
1 9  CYS n 
1 10 ASP n 
1 11 TYR n 
1 12 ALA n 
1 13 GLY n 
1 14 CYS n 
1 15 GLY n 
1 16 LYS n 
1 17 THR n 
1 18 TYR n 
1 19 THR n 
1 20 LYS n 
1 21 SER n 
1 22 SER n 
1 23 HIS n 
1 24 LEU n 
1 25 LYS n 
1 26 ALA n 
1 27 HIS n 
1 28 LEU n 
1 29 ARG n 
1 30 THR n 
1 31 HIS n 
1 32 THR n 
1 33 GLY n 
1 34 GLU n 
1 35 LYS n 
1 36 PRO n 
1 37 TYR n 
1 38 HIS n 
1 39 CYS n 
1 40 ASP n 
1 41 TRP n 
1 42 ASP n 
1 43 GLY n 
1 44 CYS n 
1 45 GLY n 
1 46 TRP n 
1 47 LYS n 
1 48 PHE n 
1 49 ALA n 
1 50 ARG n 
1 51 SER n 
1 52 ASP n 
1 53 GLU n 
1 54 LEU n 
1 55 THR n 
1 56 ARG n 
1 57 HIS n 
1 58 TYR n 
1 59 ARG n 
1 60 LYS n 
1 61 HIS n 
1 62 THR n 
1 63 GLY n 
1 64 HIS n 
1 65 ARG n 
1 66 PRO n 
1 67 PHE n 
1 68 GLN n 
1 69 CYS n 
1 70 GLN n 
1 71 LYS n 
1 72 CYS n 
1 73 ASP n 
1 74 ARG n 
1 75 ALA n 
1 76 PHE n 
1 77 SER n 
1 78 ARG n 
1 79 SER n 
1 80 ASP n 
1 81 HIS n 
1 82 LEU n 
1 83 ALA n 
1 84 LEU n 
1 85 HIS n 
1 86 MET n 
1 87 LYS n 
1 88 ARG n 
1 89 HIS n 
1 90 PHE n 
2 1  DG  n 
2 2  DA  n 
2 3  DG  n 
2 4  DG  n 
2 5  DC  n 
2 6  DG  n 
2 7  DT  n 
2 8  DG  n 
2 9  DG  n 
2 10 DC  n 
3 1  DG  n 
3 2  DC  n 
3 3  DC  n 
3 4  DA  n 
3 5  DC  n 
3 6  DG  n 
3 7  DC  n 
3 8  DC  n 
3 9  DT  n 
3 10 DC  n 
# 
_entity_src_gen.entity_id                          1 
_entity_src_gen.pdbx_src_id                        1 
_entity_src_gen.pdbx_alt_source_flag               sample 
_entity_src_gen.pdbx_seq_type                      ? 
_entity_src_gen.pdbx_beg_seq_num                   ? 
_entity_src_gen.pdbx_end_seq_num                   ? 
_entity_src_gen.gene_src_common_name               'HOUSE MOUSE' 
_entity_src_gen.gene_src_genus                     ? 
_entity_src_gen.pdbx_gene_src_gene                 ? 
_entity_src_gen.gene_src_species                   ? 
_entity_src_gen.gene_src_strain                    ? 
_entity_src_gen.gene_src_tissue                    ? 
_entity_src_gen.gene_src_tissue_fraction           ? 
_entity_src_gen.gene_src_details                   ? 
_entity_src_gen.pdbx_gene_src_fragment             ? 
_entity_src_gen.pdbx_gene_src_scientific_name      'MUS MUSCULUS' 
_entity_src_gen.pdbx_gene_src_ncbi_taxonomy_id     10090 
_entity_src_gen.pdbx_gene_src_variant              ? 
_entity_src_gen.pdbx_gene_src_cell_line            ? 
_entity_src_gen.pdbx_gene_src_atcc                 ? 
_entity_src_gen.pdbx_gene_src_organ                ? 
_entity_src_gen.pdbx_gene_src_organelle            ? 
_entity_src_gen.pdbx_gene_src_cell                 ? 
_entity_src_gen.pdbx_gene_src_cellular_location    ? 
_entity_src_gen.host_org_common_name               ? 
_entity_src_gen.pdbx_host_org_scientific_name      'ESCHERICHIA COLI' 
_entity_src_gen.pdbx_host_org_ncbi_taxonomy_id     562 
_entity_src_gen.host_org_genus                     ? 
_entity_src_gen.pdbx_host_org_gene                 ? 
_entity_src_gen.pdbx_host_org_organ                ? 
_entity_src_gen.host_org_species                   ? 
_entity_src_gen.pdbx_host_org_tissue               ? 
_entity_src_gen.pdbx_host_org_tissue_fraction      ? 
_entity_src_gen.pdbx_host_org_strain               ? 
_entity_src_gen.pdbx_host_org_variant              ? 
_entity_src_gen.pdbx_host_org_cell_line            ? 
_entity_src_gen.pdbx_host_org_atcc                 ? 
_entity_src_gen.pdbx_host_org_culture_collection   ? 
_entity_src_gen.pdbx_host_org_cell                 ? 
_entity_src_gen.pdbx_host_org_organelle            ? 
_entity_src_gen.pdbx_host_org_cellular_location    ? 
_entity_src_gen.pdbx_host_org_vector_type          ? 
_entity_src_gen.pdbx_host_org_vector               ? 
_entity_src_gen.host_org_details                   ? 
_entity_src_gen.expression_system_id               ? 
_entity_src_gen.plasmid_name                       PQLINKH 
_entity_src_gen.plasmid_details                    ? 
_entity_src_gen.pdbx_description                   ? 
# 
loop_
_struct_ref.id 
_struct_ref.db_name 
_struct_ref.db_code 
_struct_ref.entity_id 
_struct_ref.pdbx_seq_one_letter_code 
_struct_ref.pdbx_align_begin 
_struct_ref.pdbx_db_accession 
_struct_ref.pdbx_db_isoform 
1 PDB 2WBU       1 ? ? 2WBU   ? 
2 UNP KLF4_MOUSE 1 ? ? Q60793 ? 
3 PDB 2WBU       2 ? ? 2WBU   ? 
4 PDB 2WBU       3 ? ? 2WBU   ? 
# 
loop_
_struct_ref_seq.align_id 
_struct_ref_seq.ref_id 
_struct_ref_seq.pdbx_PDB_id_code 
_struct_ref_seq.pdbx_strand_id 
_struct_ref_seq.seq_align_beg 
_struct_ref_seq.pdbx_seq_align_beg_ins_code 
_struct_ref_seq.seq_align_end 
_struct_ref_seq.pdbx_seq_align_end_ins_code 
_struct_ref_seq.pdbx_db_accession 
_struct_ref_seq.db_align_beg 
_struct_ref_seq.pdbx_db_align_beg_ins_code 
_struct_ref_seq.db_align_end 
_struct_ref_seq.pdbx_db_align_end_ins_code 
_struct_ref_seq.pdbx_auth_seq_align_beg 
_struct_ref_seq.pdbx_auth_seq_align_end 
1 1 2WBU A 1 ? 2  ? 2WBU   394 ? 395 ? 394 395 
2 2 2WBU A 3 ? 90 ? Q60793 396 ? 483 ? 396 483 
3 3 2WBU B 1 ? 10 ? 2WBU   1   ? 10  ? 1   10  
4 4 2WBU C 1 ? 10 ? 2WBU   1   ? 10  ? 1   10  
# 
loop_
_chem_comp.id 
_chem_comp.type 
_chem_comp.mon_nstd_flag 
_chem_comp.name 
_chem_comp.pdbx_synonyms 
_chem_comp.formula 
_chem_comp.formula_weight 
ALA 'L-peptide linking' y ALANINE                              ? 'C3 H7 N O2'      89.093  
ARG 'L-peptide linking' y ARGININE                             ? 'C6 H15 N4 O2 1'  175.209 
ASP 'L-peptide linking' y 'ASPARTIC ACID'                      ? 'C4 H7 N O4'      133.103 
CYS 'L-peptide linking' y CYSTEINE                             ? 'C3 H7 N O2 S'    121.158 
DA  'DNA linking'       y "2'-DEOXYADENOSINE-5'-MONOPHOSPHATE" ? 'C10 H14 N5 O6 P' 331.222 
DC  'DNA linking'       y "2'-DEOXYCYTIDINE-5'-MONOPHOSPHATE"  ? 'C9 H14 N3 O7 P'  307.197 
DG  'DNA linking'       y "2'-DEOXYGUANOSINE-5'-MONOPHOSPHATE" ? 'C10 H14 N5 O7 P' 347.221 
DT  'DNA linking'       y "THYMIDINE-5'-MONOPHOSPHATE"         ? 'C10 H15 N2 O8 P' 322.208 
GLN 'L-peptide linking' y GLUTAMINE                            ? 'C5 H10 N2 O3'    146.144 
GLU 'L-peptide linking' y 'GLUTAMIC ACID'                      ? 'C5 H9 N O4'      147.129 
GLY 'peptide linking'   y GLYCINE                              ? 'C2 H5 N O2'      75.067  
HIS 'L-peptide linking' y HISTIDINE                            ? 'C6 H10 N3 O2 1'  156.162 
HOH non-polymer         . WATER                                ? 'H2 O'            18.015  
LEU 'L-peptide linking' y LEUCINE                              ? 'C6 H13 N O2'     131.173 
LYS 'L-peptide linking' y LYSINE                               ? 'C6 H15 N2 O2 1'  147.195 
MET 'L-peptide linking' y METHIONINE                           ? 'C5 H11 N O2 S'   149.211 
PHE 'L-peptide linking' y PHENYLALANINE                        ? 'C9 H11 N O2'     165.189 
PRO 'L-peptide linking' y PROLINE                              ? 'C5 H9 N O2'      115.130 
SER 'L-peptide linking' y SERINE                               ? 'C3 H7 N O3'      105.093 
THR 'L-peptide linking' y THREONINE                            ? 'C4 H9 N O3'      119.119 
TRP 'L-peptide linking' y TRYPTOPHAN                           ? 'C11 H12 N2 O2'   204.225 
TYR 'L-peptide linking' y TYROSINE                             ? 'C9 H11 N O3'     181.189 
ZN  non-polymer         . 'ZINC ION'                           ? 'Zn 2'            65.409  
# 
_exptl.entry_id          2WBU 
_exptl.method            'X-RAY DIFFRACTION' 
_exptl.crystals_number   1 
# 
_exptl_crystal.id                    1 
_exptl_crystal.density_meas          ? 
_exptl_crystal.density_Matthews      2.49 
_exptl_crystal.density_percent_sol   55.98 
_exptl_crystal.description           NONE 
# 
_exptl_crystal_grow.crystal_id      1 
_exptl_crystal_grow.method          ? 
_exptl_crystal_grow.temp            ? 
_exptl_crystal_grow.temp_details    ? 
_exptl_crystal_grow.pH              8.5 
_exptl_crystal_grow.pdbx_pH_range   ? 
_exptl_crystal_grow.pdbx_details    '27 % PEG 3350, 0.2 M NAACETATE, 0.1 M TRIS-HCL PH 8.5' 
# 
_diffrn.id                     1 
_diffrn.ambient_temp           100 
_diffrn.ambient_temp_details   ? 
_diffrn.crystal_id             1 
# 
_diffrn_detector.diffrn_id              1 
_diffrn_detector.detector               CCD 
_diffrn_detector.type                   'MARMOSAIC 225 mm CCD' 
_diffrn_detector.pdbx_collection_date   2009-01-23 
_diffrn_detector.details                ? 
# 
_diffrn_radiation.diffrn_id                        1 
_diffrn_radiation.wavelength_id                    1 
_diffrn_radiation.pdbx_monochromatic_or_laue_m_l   M 
_diffrn_radiation.monochromator                    ? 
_diffrn_radiation.pdbx_diffrn_protocol             'SINGLE WAVELENGTH' 
_diffrn_radiation.pdbx_scattering_type             x-ray 
# 
_diffrn_radiation_wavelength.id           1 
_diffrn_radiation_wavelength.wavelength   0.91841 
_diffrn_radiation_wavelength.wt           1.0 
# 
_diffrn_source.diffrn_id                   1 
_diffrn_source.source                      SYNCHROTRON 
_diffrn_source.type                        'BESSY BEAMLINE 14.1' 
_diffrn_source.pdbx_synchrotron_site       BESSY 
_diffrn_source.pdbx_synchrotron_beamline   14.1 
_diffrn_source.pdbx_wavelength             0.91841 
_diffrn_source.pdbx_wavelength_list        ? 
# 
_reflns.pdbx_diffrn_id               1 
_reflns.pdbx_ordinal                 1 
_reflns.entry_id                     2WBU 
_reflns.observed_criterion_sigma_I   4.2 
_reflns.observed_criterion_sigma_F   ? 
_reflns.d_resolution_low             46.93 
_reflns.d_resolution_high            2.50 
_reflns.number_obs                   6277 
_reflns.number_all                   ? 
_reflns.percent_possible_obs         99.5 
_reflns.pdbx_Rmerge_I_obs            0.08 
_reflns.pdbx_Rsym_value              ? 
_reflns.pdbx_netI_over_sigmaI        20.40 
_reflns.B_iso_Wilson_estimate        ? 
_reflns.pdbx_redundancy              8.3 
# 
_reflns_shell.pdbx_diffrn_id         1 
_reflns_shell.pdbx_ordinal           1 
_reflns_shell.d_res_high             2.50 
_reflns_shell.d_res_low              2.56 
_reflns_shell.percent_possible_all   100.0 
_reflns_shell.Rmerge_I_obs           0.64 
_reflns_shell.pdbx_Rsym_value        ? 
_reflns_shell.meanI_over_sigI_obs    4.20 
_reflns_shell.pdbx_redundancy        8.4 
# 
_refine.pdbx_refine_id                           'X-RAY DIFFRACTION' 
_refine.entry_id                                 2WBU 
_refine.pdbx_diffrn_id                           1 
_refine.pdbx_TLS_residual_ADP_flag               'LIKELY RESIDUAL' 
_refine.ls_number_reflns_obs                     5773 
_refine.ls_number_reflns_all                     ? 
_refine.pdbx_ls_sigma_I                          ? 
_refine.pdbx_ls_sigma_F                          ? 
_refine.pdbx_data_cutoff_high_absF               ? 
_refine.pdbx_data_cutoff_low_absF                ? 
_refine.pdbx_data_cutoff_high_rms_absF           ? 
_refine.ls_d_res_low                             46.93 
_refine.ls_d_res_high                            2.50 
_refine.ls_percent_reflns_obs                    100.0 
_refine.ls_R_factor_obs                          0.220 
_refine.ls_R_factor_all                          ? 
_refine.ls_R_factor_R_work                       0.214 
_refine.ls_R_factor_R_free                       0.278 
_refine.ls_R_factor_R_free_error                 ? 
_refine.ls_R_factor_R_free_error_details         ? 
_refine.ls_percent_reflns_R_free                 8.000 
_refine.ls_number_reflns_R_free                  503 
_refine.ls_number_parameters                     ? 
_refine.ls_number_restraints                     ? 
_refine.occupancy_min                            ? 
_refine.occupancy_max                            ? 
_refine.correlation_coeff_Fo_to_Fc               0.947 
_refine.correlation_coeff_Fo_to_Fc_free          0.923 
_refine.B_iso_mean                               23.05 
_refine.aniso_B[1][1]                            2.22000 
_refine.aniso_B[2][2]                            2.22000 
_refine.aniso_B[3][3]                            -4.45000 
_refine.aniso_B[1][2]                            0.00000 
_refine.aniso_B[1][3]                            0.00000 
_refine.aniso_B[2][3]                            0.00000 
_refine.solvent_model_details                    MASK 
_refine.solvent_model_param_ksol                 ? 
_refine.solvent_model_param_bsol                 ? 
_refine.pdbx_solvent_vdw_probe_radii             1.40 
_refine.pdbx_solvent_ion_probe_radii             0.80 
_refine.pdbx_solvent_shrinkage_radii             0.80 
_refine.pdbx_ls_cross_valid_method               THROUGHOUT 
_refine.details                                  'HYDROGENS HAVE BEEN ADDED IN THE RIDING POSITIONS.' 
_refine.pdbx_starting_model                      'PDB ENTRY 2WBS' 
_refine.pdbx_method_to_determine_struct          'MOLECULAR REPLACEMENT' 
_refine.pdbx_isotropic_thermal_model             ? 
_refine.pdbx_stereochemistry_target_values       'MAXIMUM LIKELIHOOD' 
_refine.pdbx_stereochem_target_val_spec_case     ? 
_refine.pdbx_R_Free_selection_details            RANDOM 
_refine.pdbx_overall_ESU_R                       0.530 
_refine.pdbx_overall_ESU_R_Free                  0.317 
_refine.overall_SU_ML                            0.237 
_refine.pdbx_overall_phase_error                 ? 
_refine.overall_SU_B                             21.518 
_refine.overall_SU_R_Cruickshank_DPI             ? 
_refine.pdbx_overall_SU_R_free_Cruickshank_DPI   ? 
_refine.pdbx_overall_SU_R_Blow_DPI               ? 
_refine.pdbx_overall_SU_R_free_Blow_DPI          ? 
# 
_refine_hist.pdbx_refine_id                   'X-RAY DIFFRACTION' 
_refine_hist.cycle_id                         LAST 
_refine_hist.pdbx_number_atoms_protein        708 
_refine_hist.pdbx_number_atoms_nucleic_acid   404 
_refine_hist.pdbx_number_atoms_ligand         3 
_refine_hist.number_atoms_solvent             21 
_refine_hist.number_atoms_total               1136 
_refine_hist.d_res_high                       2.50 
_refine_hist.d_res_low                        46.93 
# 
loop_
_refine_ls_restr.type 
_refine_ls_restr.dev_ideal 
_refine_ls_restr.dev_ideal_target 
_refine_ls_restr.weight 
_refine_ls_restr.number 
_refine_ls_restr.pdbx_refine_id 
_refine_ls_restr.pdbx_restraint_function 
r_bond_refined_d             0.016  0.021  ? 1184 'X-RAY DIFFRACTION' ? 
r_bond_other_d               ?      ?      ? ?    'X-RAY DIFFRACTION' ? 
r_angle_refined_deg          1.355  2.346  ? 1676 'X-RAY DIFFRACTION' ? 
r_angle_other_deg            ?      ?      ? ?    'X-RAY DIFFRACTION' ? 
r_dihedral_angle_1_deg       6.698  5.000  ? 84   'X-RAY DIFFRACTION' ? 
r_dihedral_angle_2_deg       33.399 20.513 ? 39   'X-RAY DIFFRACTION' ? 
r_dihedral_angle_3_deg       20.050 15.000 ? 123  'X-RAY DIFFRACTION' ? 
r_dihedral_angle_4_deg       30.210 15.000 ? 8    'X-RAY DIFFRACTION' ? 
r_chiral_restr               0.086  0.200  ? 170  'X-RAY DIFFRACTION' ? 
r_gen_planes_refined         0.007  0.020  ? 784  'X-RAY DIFFRACTION' ? 
r_gen_planes_other           ?      ?      ? ?    'X-RAY DIFFRACTION' ? 
r_nbd_refined                ?      ?      ? ?    'X-RAY DIFFRACTION' ? 
r_nbd_other                  ?      ?      ? ?    'X-RAY DIFFRACTION' ? 
r_nbtor_refined              ?      ?      ? ?    'X-RAY DIFFRACTION' ? 
r_nbtor_other                ?      ?      ? ?    'X-RAY DIFFRACTION' ? 
r_xyhbond_nbd_refined        ?      ?      ? ?    'X-RAY DIFFRACTION' ? 
r_xyhbond_nbd_other          ?      ?      ? ?    'X-RAY DIFFRACTION' ? 
r_metal_ion_refined          ?      ?      ? ?    'X-RAY DIFFRACTION' ? 
r_metal_ion_other            ?      ?      ? ?    'X-RAY DIFFRACTION' ? 
r_symmetry_vdw_refined       ?      ?      ? ?    'X-RAY DIFFRACTION' ? 
r_symmetry_vdw_other         ?      ?      ? ?    'X-RAY DIFFRACTION' ? 
r_symmetry_hbond_refined     ?      ?      ? ?    'X-RAY DIFFRACTION' ? 
r_symmetry_hbond_other       ?      ?      ? ?    'X-RAY DIFFRACTION' ? 
r_symmetry_metal_ion_refined ?      ?      ? ?    'X-RAY DIFFRACTION' ? 
r_symmetry_metal_ion_other   ?      ?      ? ?    'X-RAY DIFFRACTION' ? 
r_mcbond_it                  0.550  1.500  ? 421  'X-RAY DIFFRACTION' ? 
r_mcbond_other               ?      ?      ? ?    'X-RAY DIFFRACTION' ? 
r_mcangle_it                 1.080  2.000  ? 670  'X-RAY DIFFRACTION' ? 
r_mcangle_other              ?      ?      ? ?    'X-RAY DIFFRACTION' ? 
r_scbond_it                  1.900  3.000  ? 763  'X-RAY DIFFRACTION' ? 
r_scbond_other               ?      ?      ? ?    'X-RAY DIFFRACTION' ? 
r_scangle_it                 2.663  4.500  ? 1006 'X-RAY DIFFRACTION' ? 
r_scangle_other              ?      ?      ? ?    'X-RAY DIFFRACTION' ? 
r_long_range_B_refined       ?      ?      ? ?    'X-RAY DIFFRACTION' ? 
r_long_range_B_other         ?      ?      ? ?    'X-RAY DIFFRACTION' ? 
r_rigid_bond_restr           ?      ?      ? ?    'X-RAY DIFFRACTION' ? 
r_sphericity_free            ?      ?      ? ?    'X-RAY DIFFRACTION' ? 
r_sphericity_bonded          ?      ?      ? ?    'X-RAY DIFFRACTION' ? 
# 
_refine_ls_shell.pdbx_refine_id                   'X-RAY DIFFRACTION' 
_refine_ls_shell.pdbx_total_number_of_bins_used   20 
_refine_ls_shell.d_res_high                       2.50 
_refine_ls_shell.d_res_low                        2.56 
_refine_ls_shell.number_reflns_R_work             410 
_refine_ls_shell.R_factor_R_work                  0.3040 
_refine_ls_shell.percent_reflns_obs               100.00 
_refine_ls_shell.R_factor_R_free                  0.4610 
_refine_ls_shell.R_factor_R_free_error            ? 
_refine_ls_shell.percent_reflns_R_free            ? 
_refine_ls_shell.number_reflns_R_free             36 
_refine_ls_shell.number_reflns_all                ? 
_refine_ls_shell.R_factor_all                     ? 
# 
_struct.entry_id                  2WBU 
_struct.title                     'CRYSTAL STRUCTURE OF THE ZINC FINGER DOMAIN OF KLF4 BOUND TO ITS TARGET DNA' 
_struct.pdbx_model_details        ? 
_struct.pdbx_CASP_flag            ? 
_struct.pdbx_model_type_details   ? 
# 
_struct_keywords.entry_id        2WBU 
_struct_keywords.pdbx_keywords   TRANSCRIPTION/DNA 
_struct_keywords.text            
'TRANSCRIPTION-DNA COMPLEX, NUCLEUS, ACTIVATOR, DNA-BINDING, ZINC-FINGER, TRANSCRIPTION, METAL-BINDING, TRANSCRIPTION REGULATION' 
# 
loop_
_struct_asym.id 
_struct_asym.pdbx_blank_PDB_chainid_flag 
_struct_asym.pdbx_modified 
_struct_asym.entity_id 
_struct_asym.details 
A N N 1 ? 
B N N 2 ? 
C N N 3 ? 
D N N 4 ? 
E N N 4 ? 
F N N 4 ? 
G N N 5 ? 
H N N 5 ? 
# 
_struct_biol.id   1 
# 
loop_
_struct_conf.conf_type_id 
_struct_conf.id 
_struct_conf.pdbx_PDB_helix_id 
_struct_conf.beg_label_comp_id 
_struct_conf.beg_label_asym_id 
_struct_conf.beg_label_seq_id 
_struct_conf.pdbx_beg_PDB_ins_code 
_struct_conf.end_label_comp_id 
_struct_conf.end_label_asym_id 
_struct_conf.end_label_seq_id 
_struct_conf.pdbx_end_PDB_ins_code 
_struct_conf.beg_auth_comp_id 
_struct_conf.beg_auth_asym_id 
_struct_conf.beg_auth_seq_id 
_struct_conf.end_auth_comp_id 
_struct_conf.end_auth_asym_id 
_struct_conf.end_auth_seq_id 
_struct_conf.pdbx_PDB_helix_class 
_struct_conf.details 
_struct_conf.pdbx_PDB_helix_length 
HELX_P HELX_P1 1 SER A 21 ? THR A 32 ? SER A 414 THR A 425 1 ? 12 
HELX_P HELX_P2 2 SER A 51 ? THR A 62 ? SER A 444 THR A 455 1 ? 12 
HELX_P HELX_P3 3 SER A 79 ? LYS A 87 ? SER A 472 LYS A 480 1 ? 9  
# 
_struct_conf_type.id          HELX_P 
_struct_conf_type.criteria    ? 
_struct_conf_type.reference   ? 
# 
loop_
_struct_conn.id 
_struct_conn.conn_type_id 
_struct_conn.pdbx_leaving_atom_flag 
_struct_conn.pdbx_PDB_id 
_struct_conn.ptnr1_label_asym_id 
_struct_conn.ptnr1_label_comp_id 
_struct_conn.ptnr1_label_seq_id 
_struct_conn.ptnr1_label_atom_id 
_struct_conn.pdbx_ptnr1_label_alt_id 
_struct_conn.pdbx_ptnr1_PDB_ins_code 
_struct_conn.pdbx_ptnr1_standard_comp_id 
_struct_conn.ptnr1_symmetry 
_struct_conn.ptnr2_label_asym_id 
_struct_conn.ptnr2_label_comp_id 
_struct_conn.ptnr2_label_seq_id 
_struct_conn.ptnr2_label_atom_id 
_struct_conn.pdbx_ptnr2_label_alt_id 
_struct_conn.pdbx_ptnr2_PDB_ins_code 
_struct_conn.ptnr1_auth_asym_id 
_struct_conn.ptnr1_auth_comp_id 
_struct_conn.ptnr1_auth_seq_id 
_struct_conn.ptnr2_auth_asym_id 
_struct_conn.ptnr2_auth_comp_id 
_struct_conn.ptnr2_auth_seq_id 
_struct_conn.ptnr2_symmetry 
_struct_conn.pdbx_ptnr3_label_atom_id 
_struct_conn.pdbx_ptnr3_label_seq_id 
_struct_conn.pdbx_ptnr3_label_comp_id 
_struct_conn.pdbx_ptnr3_label_asym_id 
_struct_conn.pdbx_ptnr3_label_alt_id 
_struct_conn.pdbx_ptnr3_PDB_ins_code 
_struct_conn.details 
_struct_conn.pdbx_dist_value 
_struct_conn.pdbx_value_order 
_struct_conn.pdbx_role 
metalc1  metalc ? ? A CYS 9  SG  ? ? ? 1_555 F ZN .  ZN ? ? A CYS 402 A ZN 1486 1_555 ? ? ? ? ? ? ?            2.112 ? ? 
metalc2  metalc ? ? A CYS 14 SG  ? ? ? 1_555 F ZN .  ZN ? ? A CYS 407 A ZN 1486 1_555 ? ? ? ? ? ? ?            2.231 ? ? 
metalc3  metalc ? ? A HIS 27 NE2 ? ? ? 1_555 F ZN .  ZN ? ? A HIS 420 A ZN 1486 1_555 ? ? ? ? ? ? ?            2.014 ? ? 
metalc4  metalc ? ? A HIS 31 NE2 ? ? ? 1_555 F ZN .  ZN ? ? A HIS 424 A ZN 1486 1_555 ? ? ? ? ? ? ?            2.110 ? ? 
metalc5  metalc ? ? A CYS 39 SG  ? ? ? 1_555 E ZN .  ZN ? ? A CYS 432 A ZN 1485 1_555 ? ? ? ? ? ? ?            2.121 ? ? 
metalc6  metalc ? ? A CYS 44 SG  ? ? ? 1_555 E ZN .  ZN ? ? A CYS 437 A ZN 1485 1_555 ? ? ? ? ? ? ?            2.191 ? ? 
metalc7  metalc ? ? A HIS 57 NE2 ? ? ? 1_555 E ZN .  ZN ? ? A HIS 450 A ZN 1485 1_555 ? ? ? ? ? ? ?            2.238 ? ? 
metalc8  metalc ? ? A HIS 61 NE2 ? ? ? 1_555 E ZN .  ZN ? ? A HIS 454 A ZN 1485 1_555 ? ? ? ? ? ? ?            2.069 ? ? 
metalc9  metalc ? ? A CYS 69 SG  ? ? ? 1_555 D ZN .  ZN ? ? A CYS 462 A ZN 1484 1_555 ? ? ? ? ? ? ?            2.148 ? ? 
metalc10 metalc ? ? A CYS 72 SG  ? ? ? 1_555 D ZN .  ZN ? ? A CYS 465 A ZN 1484 1_555 ? ? ? ? ? ? ?            2.075 ? ? 
metalc11 metalc ? ? A HIS 85 NE2 ? ? ? 1_555 D ZN .  ZN ? ? A HIS 478 A ZN 1484 1_555 ? ? ? ? ? ? ?            1.795 ? ? 
metalc12 metalc ? ? A HIS 89 NE2 ? ? ? 1_555 D ZN .  ZN ? ? A HIS 482 A ZN 1484 1_555 ? ? ? ? ? ? ?            2.051 ? ? 
hydrog1  hydrog ? ? B DG  1  N1  ? ? ? 1_555 C DC 10 N3 ? ? B DG  1   C DC 10   1_555 ? ? ? ? ? ? WATSON-CRICK ?     ? ? 
hydrog2  hydrog ? ? B DG  1  N2  ? ? ? 1_555 C DC 10 O2 ? ? B DG  1   C DC 10   1_555 ? ? ? ? ? ? WATSON-CRICK ?     ? ? 
hydrog3  hydrog ? ? B DG  1  O6  ? ? ? 1_555 C DC 10 N4 ? ? B DG  1   C DC 10   1_555 ? ? ? ? ? ? WATSON-CRICK ?     ? ? 
hydrog4  hydrog ? ? B DA  2  N1  ? ? ? 1_555 C DT 9  N3 ? ? B DA  2   C DT 9    1_555 ? ? ? ? ? ? WATSON-CRICK ?     ? ? 
hydrog5  hydrog ? ? B DA  2  N6  ? ? ? 1_555 C DT 9  O4 ? ? B DA  2   C DT 9    1_555 ? ? ? ? ? ? WATSON-CRICK ?     ? ? 
hydrog6  hydrog ? ? B DG  3  N1  ? ? ? 1_555 C DC 8  N3 ? ? B DG  3   C DC 8    1_555 ? ? ? ? ? ? WATSON-CRICK ?     ? ? 
hydrog7  hydrog ? ? B DG  3  N2  ? ? ? 1_555 C DC 8  O2 ? ? B DG  3   C DC 8    1_555 ? ? ? ? ? ? WATSON-CRICK ?     ? ? 
hydrog8  hydrog ? ? B DG  3  O6  ? ? ? 1_555 C DC 8  N4 ? ? B DG  3   C DC 8    1_555 ? ? ? ? ? ? WATSON-CRICK ?     ? ? 
hydrog9  hydrog ? ? B DG  4  N1  ? ? ? 1_555 C DC 7  N3 ? ? B DG  4   C DC 7    1_555 ? ? ? ? ? ? WATSON-CRICK ?     ? ? 
hydrog10 hydrog ? ? B DG  4  N2  ? ? ? 1_555 C DC 7  O2 ? ? B DG  4   C DC 7    1_555 ? ? ? ? ? ? WATSON-CRICK ?     ? ? 
hydrog11 hydrog ? ? B DG  4  O6  ? ? ? 1_555 C DC 7  N4 ? ? B DG  4   C DC 7    1_555 ? ? ? ? ? ? WATSON-CRICK ?     ? ? 
hydrog12 hydrog ? ? B DC  5  N3  ? ? ? 1_555 C DG 6  N1 ? ? B DC  5   C DG 6    1_555 ? ? ? ? ? ? WATSON-CRICK ?     ? ? 
hydrog13 hydrog ? ? B DC  5  N4  ? ? ? 1_555 C DG 6  O6 ? ? B DC  5   C DG 6    1_555 ? ? ? ? ? ? WATSON-CRICK ?     ? ? 
hydrog14 hydrog ? ? B DC  5  O2  ? ? ? 1_555 C DG 6  N2 ? ? B DC  5   C DG 6    1_555 ? ? ? ? ? ? WATSON-CRICK ?     ? ? 
hydrog15 hydrog ? ? B DG  6  N1  ? ? ? 1_555 C DC 5  N3 ? ? B DG  6   C DC 5    1_555 ? ? ? ? ? ? WATSON-CRICK ?     ? ? 
hydrog16 hydrog ? ? B DG  6  N2  ? ? ? 1_555 C DC 5  O2 ? ? B DG  6   C DC 5    1_555 ? ? ? ? ? ? WATSON-CRICK ?     ? ? 
hydrog17 hydrog ? ? B DG  6  O6  ? ? ? 1_555 C DC 5  N4 ? ? B DG  6   C DC 5    1_555 ? ? ? ? ? ? WATSON-CRICK ?     ? ? 
hydrog18 hydrog ? ? B DT  7  N3  ? ? ? 1_555 C DA 4  N1 ? ? B DT  7   C DA 4    1_555 ? ? ? ? ? ? WATSON-CRICK ?     ? ? 
hydrog19 hydrog ? ? B DT  7  O4  ? ? ? 1_555 C DA 4  N6 ? ? B DT  7   C DA 4    1_555 ? ? ? ? ? ? WATSON-CRICK ?     ? ? 
hydrog20 hydrog ? ? B DG  8  N1  ? ? ? 1_555 C DC 3  N3 ? ? B DG  8   C DC 3    1_555 ? ? ? ? ? ? WATSON-CRICK ?     ? ? 
hydrog21 hydrog ? ? B DG  8  N2  ? ? ? 1_555 C DC 3  O2 ? ? B DG  8   C DC 3    1_555 ? ? ? ? ? ? WATSON-CRICK ?     ? ? 
hydrog22 hydrog ? ? B DG  8  O6  ? ? ? 1_555 C DC 3  N4 ? ? B DG  8   C DC 3    1_555 ? ? ? ? ? ? WATSON-CRICK ?     ? ? 
hydrog23 hydrog ? ? B DG  9  N1  ? ? ? 1_555 C DC 2  N3 ? ? B DG  9   C DC 2    1_555 ? ? ? ? ? ? WATSON-CRICK ?     ? ? 
hydrog24 hydrog ? ? B DG  9  N2  ? ? ? 1_555 C DC 2  O2 ? ? B DG  9   C DC 2    1_555 ? ? ? ? ? ? WATSON-CRICK ?     ? ? 
hydrog25 hydrog ? ? B DG  9  O6  ? ? ? 1_555 C DC 2  N4 ? ? B DG  9   C DC 2    1_555 ? ? ? ? ? ? WATSON-CRICK ?     ? ? 
hydrog26 hydrog ? ? B DC  10 N3  ? ? ? 1_555 C DG 1  N1 ? ? B DC  10  C DG 1    1_555 ? ? ? ? ? ? WATSON-CRICK ?     ? ? 
hydrog27 hydrog ? ? B DC  10 N4  ? ? ? 1_555 C DG 1  O6 ? ? B DC  10  C DG 1    1_555 ? ? ? ? ? ? WATSON-CRICK ?     ? ? 
hydrog28 hydrog ? ? B DC  10 O2  ? ? ? 1_555 C DG 1  N2 ? ? B DC  10  C DG 1    1_555 ? ? ? ? ? ? WATSON-CRICK ?     ? ? 
# 
loop_
_struct_conn_type.id 
_struct_conn_type.criteria 
_struct_conn_type.reference 
metalc ? ? 
hydrog ? ? 
# 
loop_
_struct_sheet.id 
_struct_sheet.type 
_struct_sheet.number_strands 
_struct_sheet.details 
AA ? 2 ? 
AB ? 2 ? 
AC ? 2 ? 
# 
loop_
_struct_sheet_order.sheet_id 
_struct_sheet_order.range_id_1 
_struct_sheet_order.range_id_2 
_struct_sheet_order.offset 
_struct_sheet_order.sense 
AA 1 2 ? anti-parallel 
AB 1 2 ? anti-parallel 
AC 1 2 ? anti-parallel 
# 
loop_
_struct_sheet_range.sheet_id 
_struct_sheet_range.id 
_struct_sheet_range.beg_label_comp_id 
_struct_sheet_range.beg_label_asym_id 
_struct_sheet_range.beg_label_seq_id 
_struct_sheet_range.pdbx_beg_PDB_ins_code 
_struct_sheet_range.end_label_comp_id 
_struct_sheet_range.end_label_asym_id 
_struct_sheet_range.end_label_seq_id 
_struct_sheet_range.pdbx_end_PDB_ins_code 
_struct_sheet_range.beg_auth_comp_id 
_struct_sheet_range.beg_auth_asym_id 
_struct_sheet_range.beg_auth_seq_id 
_struct_sheet_range.end_auth_comp_id 
_struct_sheet_range.end_auth_asym_id 
_struct_sheet_range.end_auth_seq_id 
AA 1 HIS A 7  ? CYS A 9  ? HIS A 400 CYS A 402 
AA 2 LYS A 16 ? TYR A 18 ? LYS A 409 TYR A 411 
AB 1 TYR A 37 ? CYS A 39 ? TYR A 430 CYS A 432 
AB 2 TRP A 46 ? PHE A 48 ? TRP A 439 PHE A 441 
AC 1 PHE A 67 ? CYS A 69 ? PHE A 460 CYS A 462 
AC 2 ARG A 74 ? PHE A 76 ? ARG A 467 PHE A 469 
# 
loop_
_pdbx_struct_sheet_hbond.sheet_id 
_pdbx_struct_sheet_hbond.range_id_1 
_pdbx_struct_sheet_hbond.range_id_2 
_pdbx_struct_sheet_hbond.range_1_label_atom_id 
_pdbx_struct_sheet_hbond.range_1_label_comp_id 
_pdbx_struct_sheet_hbond.range_1_label_asym_id 
_pdbx_struct_sheet_hbond.range_1_label_seq_id 
_pdbx_struct_sheet_hbond.range_1_PDB_ins_code 
_pdbx_struct_sheet_hbond.range_1_auth_atom_id 
_pdbx_struct_sheet_hbond.range_1_auth_comp_id 
_pdbx_struct_sheet_hbond.range_1_auth_asym_id 
_pdbx_struct_sheet_hbond.range_1_auth_seq_id 
_pdbx_struct_sheet_hbond.range_2_label_atom_id 
_pdbx_struct_sheet_hbond.range_2_label_comp_id 
_pdbx_struct_sheet_hbond.range_2_label_asym_id 
_pdbx_struct_sheet_hbond.range_2_label_seq_id 
_pdbx_struct_sheet_hbond.range_2_PDB_ins_code 
_pdbx_struct_sheet_hbond.range_2_auth_atom_id 
_pdbx_struct_sheet_hbond.range_2_auth_comp_id 
_pdbx_struct_sheet_hbond.range_2_auth_asym_id 
_pdbx_struct_sheet_hbond.range_2_auth_seq_id 
AA 1 2 N HIS A 7  ? N HIS A 400 O TYR A 18 ? O TYR A 411 
AB 1 2 N TYR A 37 ? N TYR A 430 O PHE A 48 ? O PHE A 441 
AC 1 2 N PHE A 67 ? N PHE A 460 O PHE A 76 ? O PHE A 469 
# 
loop_
_struct_site.id 
_struct_site.pdbx_evidence_code 
_struct_site.pdbx_auth_asym_id 
_struct_site.pdbx_auth_comp_id 
_struct_site.pdbx_auth_seq_id 
_struct_site.pdbx_auth_ins_code 
_struct_site.pdbx_num_residues 
_struct_site.details 
AC1 Software A ZN 1484 ? 4 'BINDING SITE FOR RESIDUE ZN A 1484' 
AC2 Software A ZN 1485 ? 4 'BINDING SITE FOR RESIDUE ZN A 1485' 
AC3 Software A ZN 1486 ? 4 'BINDING SITE FOR RESIDUE ZN A 1486' 
# 
loop_
_struct_site_gen.id 
_struct_site_gen.site_id 
_struct_site_gen.pdbx_num_res 
_struct_site_gen.label_comp_id 
_struct_site_gen.label_asym_id 
_struct_site_gen.label_seq_id 
_struct_site_gen.pdbx_auth_ins_code 
_struct_site_gen.auth_comp_id 
_struct_site_gen.auth_asym_id 
_struct_site_gen.auth_seq_id 
_struct_site_gen.label_atom_id 
_struct_site_gen.label_alt_id 
_struct_site_gen.symmetry 
_struct_site_gen.details 
1  AC1 4 CYS A 69 ? CYS A 462 . ? 1_555 ? 
2  AC1 4 CYS A 72 ? CYS A 465 . ? 1_555 ? 
3  AC1 4 HIS A 85 ? HIS A 478 . ? 1_555 ? 
4  AC1 4 HIS A 89 ? HIS A 482 . ? 1_555 ? 
5  AC2 4 CYS A 39 ? CYS A 432 . ? 1_555 ? 
6  AC2 4 CYS A 44 ? CYS A 437 . ? 1_555 ? 
7  AC2 4 HIS A 57 ? HIS A 450 . ? 1_555 ? 
8  AC2 4 HIS A 61 ? HIS A 454 . ? 1_555 ? 
9  AC3 4 CYS A 9  ? CYS A 402 . ? 1_555 ? 
10 AC3 4 CYS A 14 ? CYS A 407 . ? 1_555 ? 
11 AC3 4 HIS A 27 ? HIS A 420 . ? 1_555 ? 
12 AC3 4 HIS A 31 ? HIS A 424 . ? 1_555 ? 
# 
_atom_sites.entry_id                    2WBU 
_atom_sites.fract_transf_matrix[1][1]   -0.00760567 
_atom_sites.fract_transf_matrix[1][2]   -0.00672970 
_atom_sites.fract_transf_matrix[1][3]   0.01710312 
_atom_sites.fract_transf_matrix[2][1]   -0.01836799 
_atom_sites.fract_transf_matrix[2][2]   0.00212846 
_atom_sites.fract_transf_matrix[2][3]   -0.00733065 
_atom_sites.fract_transf_matrix[3][1]   0.00024941 
_atom_sites.fract_transf_matrix[3][2]   -0.00713534 
_atom_sites.fract_transf_matrix[3][3]   -0.00269669 
_atom_sites.fract_transf_vector[1]      -0.370055 
_atom_sites.fract_transf_vector[2]      -0.033339 
_atom_sites.fract_transf_vector[3]      0.084058 
# 
loop_
_atom_type.symbol 
C  
N  
O  
P  
S  
ZN 
# 
loop_
_atom_site.group_PDB 
_atom_site.id 
_atom_site.type_symbol 
_atom_site.label_atom_id 
_atom_site.label_alt_id 
_atom_site.label_comp_id 
_atom_site.label_asym_id 
_atom_site.label_entity_id 
_atom_site.label_seq_id 
_atom_site.pdbx_PDB_ins_code 
_atom_site.Cartn_x 
_atom_site.Cartn_y 
_atom_site.Cartn_z 
_atom_site.occupancy 
_atom_site.B_iso_or_equiv 
_atom_site.pdbx_formal_charge 
_atom_site.auth_seq_id 
_atom_site.auth_comp_id 
_atom_site.auth_asym_id 
_atom_site.auth_atom_id 
_atom_site.pdbx_PDB_model_num 
ATOM   1    N  N     . THR A 1 6  ? 15.936  17.000  -5.049  1.00 34.49 ? 399  THR A N     1 
ATOM   2    C  CA    . THR A 1 6  ? 16.408  18.019  -4.065  1.00 34.59 ? 399  THR A CA    1 
ATOM   3    C  C     . THR A 1 6  ? 15.823  17.768  -2.669  1.00 34.29 ? 399  THR A C     1 
ATOM   4    O  O     . THR A 1 6  ? 16.048  18.555  -1.746  1.00 34.44 ? 399  THR A O     1 
ATOM   5    C  CB    . THR A 1 6  ? 16.020  19.436  -4.498  1.00 34.71 ? 399  THR A CB    1 
ATOM   6    O  OG1   . THR A 1 6  ? 14.605  19.606  -4.339  1.00 35.32 ? 399  THR A OG1   1 
ATOM   7    C  CG2   . THR A 1 6  ? 16.409  19.690  -5.973  1.00 35.26 ? 399  THR A CG2   1 
ATOM   8    N  N     . HIS A 1 7  ? 15.039  16.702  -2.535  1.00 33.54 ? 400  HIS A N     1 
ATOM   9    C  CA    . HIS A 1 7  ? 14.671  16.178  -1.217  1.00 32.95 ? 400  HIS A CA    1 
ATOM   10   C  C     . HIS A 1 7  ? 15.418  14.893  -1.002  1.00 32.68 ? 400  HIS A C     1 
ATOM   11   O  O     . HIS A 1 7  ? 14.881  13.811  -1.237  1.00 32.47 ? 400  HIS A O     1 
ATOM   12   C  CB    . HIS A 1 7  ? 13.165  15.914  -1.127  1.00 32.92 ? 400  HIS A CB    1 
ATOM   13   C  CG    . HIS A 1 7  ? 12.336  17.158  -1.049  1.00 33.09 ? 400  HIS A CG    1 
ATOM   14   N  ND1   . HIS A 1 7  ? 12.222  17.906  0.104   1.00 32.47 ? 400  HIS A ND1   1 
ATOM   15   C  CD2   . HIS A 1 7  ? 11.587  17.791  -1.984  1.00 32.82 ? 400  HIS A CD2   1 
ATOM   16   C  CE1   . HIS A 1 7  ? 11.430  18.938  -0.119  1.00 32.68 ? 400  HIS A CE1   1 
ATOM   17   N  NE2   . HIS A 1 7  ? 11.034  18.893  -1.379  1.00 33.79 ? 400  HIS A NE2   1 
ATOM   18   N  N     . THR A 1 8  ? 16.672  15.015  -0.580  1.00 32.53 ? 401  THR A N     1 
ATOM   19   C  CA    . THR A 1 8  ? 17.593  13.895  -0.574  1.00 32.33 ? 401  THR A CA    1 
ATOM   20   C  C     . THR A 1 8  ? 17.527  13.166  0.732   1.00 32.12 ? 401  THR A C     1 
ATOM   21   O  O     . THR A 1 8  ? 17.428  13.776  1.789   1.00 32.34 ? 401  THR A O     1 
ATOM   22   C  CB    . THR A 1 8  ? 19.040  14.361  -0.781  1.00 32.28 ? 401  THR A CB    1 
ATOM   23   O  OG1   . THR A 1 8  ? 19.116  15.176  -1.952  1.00 33.77 ? 401  THR A OG1   1 
ATOM   24   C  CG2   . THR A 1 8  ? 19.975  13.158  -0.945  1.00 32.47 ? 401  THR A CG2   1 
ATOM   25   N  N     . CYS A 1 9  ? 17.599  11.848  0.668   1.00 32.18 ? 402  CYS A N     1 
ATOM   26   C  CA    . CYS A 1 9  ? 17.571  11.056  1.874   1.00 31.69 ? 402  CYS A CA    1 
ATOM   27   C  C     . CYS A 1 9  ? 18.949  10.942  2.386   1.00 32.60 ? 402  CYS A C     1 
ATOM   28   O  O     . CYS A 1 9  ? 19.670  10.063  1.964   1.00 33.62 ? 402  CYS A O     1 
ATOM   29   C  CB    . CYS A 1 9  ? 17.065  9.654   1.593   1.00 30.96 ? 402  CYS A CB    1 
ATOM   30   S  SG    . CYS A 1 9  ? 17.395  8.553   2.958   1.00 25.30 ? 402  CYS A SG    1 
ATOM   31   N  N     . ASP A 1 10 ? 19.335  11.814  3.308   1.00 32.97 ? 403  ASP A N     1 
ATOM   32   C  CA    . ASP A 1 10 ? 20.703  11.787  3.810   1.00 33.51 ? 403  ASP A CA    1 
ATOM   33   C  C     . ASP A 1 10 ? 20.874  10.909  5.050   1.00 33.43 ? 403  ASP A C     1 
ATOM   34   O  O     . ASP A 1 10 ? 21.549  11.291  6.003   1.00 33.12 ? 403  ASP A O     1 
ATOM   35   C  CB    . ASP A 1 10 ? 21.246  13.201  4.044   1.00 33.89 ? 403  ASP A CB    1 
ATOM   36   C  CG    . ASP A 1 10 ? 20.267  14.081  4.755   1.00 34.43 ? 403  ASP A CG    1 
ATOM   37   O  OD1   . ASP A 1 10 ? 20.444  15.322  4.716   1.00 33.96 ? 403  ASP A OD1   1 
ATOM   38   O  OD2   . ASP A 1 10 ? 19.322  13.534  5.368   1.00 36.36 ? 403  ASP A OD2   1 
ATOM   39   N  N     . TYR A 1 11 ? 20.292  9.713   5.009   1.00 33.40 ? 404  TYR A N     1 
ATOM   40   C  CA    . TYR A 1 11 ? 20.614  8.681   5.987   1.00 34.29 ? 404  TYR A CA    1 
ATOM   41   C  C     . TYR A 1 11 ? 21.745  7.789   5.481   1.00 34.91 ? 404  TYR A C     1 
ATOM   42   O  O     . TYR A 1 11 ? 21.670  7.247   4.380   1.00 35.69 ? 404  TYR A O     1 
ATOM   43   C  CB    . TYR A 1 11 ? 19.369  7.834   6.303   1.00 34.36 ? 404  TYR A CB    1 
ATOM   44   C  CG    . TYR A 1 11 ? 19.591  6.759   7.337   1.00 33.49 ? 404  TYR A CG    1 
ATOM   45   C  CD1   . TYR A 1 11 ? 19.248  6.965   8.672   1.00 33.41 ? 404  TYR A CD1   1 
ATOM   46   C  CD2   . TYR A 1 11 ? 20.140  5.535   6.980   1.00 34.40 ? 404  TYR A CD2   1 
ATOM   47   C  CE1   . TYR A 1 11 ? 19.458  5.981   9.623   1.00 33.65 ? 404  TYR A CE1   1 
ATOM   48   C  CE2   . TYR A 1 11 ? 20.350  4.544   7.916   1.00 34.83 ? 404  TYR A CE2   1 
ATOM   49   C  CZ    . TYR A 1 11 ? 20.008  4.769   9.237   1.00 34.70 ? 404  TYR A CZ    1 
ATOM   50   O  OH    . TYR A 1 11 ? 20.211  3.772   10.158  1.00 35.13 ? 404  TYR A OH    1 
ATOM   51   N  N     . ALA A 1 12 ? 22.797  7.643   6.281   1.00 35.33 ? 405  ALA A N     1 
ATOM   52   C  CA    . ALA A 1 12 ? 23.862  6.677   5.972   1.00 35.62 ? 405  ALA A CA    1 
ATOM   53   C  C     . ALA A 1 12 ? 24.477  6.973   4.629   1.00 35.57 ? 405  ALA A C     1 
ATOM   54   O  O     . ALA A 1 12 ? 25.035  8.047   4.415   1.00 35.87 ? 405  ALA A O     1 
ATOM   55   C  CB    . ALA A 1 12 ? 23.311  5.241   5.987   1.00 35.99 ? 405  ALA A CB    1 
ATOM   56   N  N     . GLY A 1 13 ? 24.375  6.013   3.719   1.00 35.30 ? 406  GLY A N     1 
ATOM   57   C  CA    . GLY A 1 13 ? 24.828  6.219   2.357   1.00 34.98 ? 406  GLY A CA    1 
ATOM   58   C  C     . GLY A 1 13 ? 23.700  6.165   1.338   1.00 34.65 ? 406  GLY A C     1 
ATOM   59   O  O     . GLY A 1 13 ? 23.920  5.803   0.186   1.00 34.76 ? 406  GLY A O     1 
ATOM   60   N  N     . CYS A 1 14 ? 22.490  6.532   1.746   1.00 34.13 ? 407  CYS A N     1 
ATOM   61   C  CA    . CYS A 1 14 ? 21.347  6.416   0.830   1.00 33.96 ? 407  CYS A CA    1 
ATOM   62   C  C     . CYS A 1 14 ? 21.465  7.382   -0.364  1.00 34.10 ? 407  CYS A C     1 
ATOM   63   O  O     . CYS A 1 14 ? 21.767  8.571   -0.194  1.00 34.00 ? 407  CYS A O     1 
ATOM   64   C  CB    . CYS A 1 14 ? 20.014  6.600   1.554   1.00 33.45 ? 407  CYS A CB    1 
ATOM   65   S  SG    . CYS A 1 14 ? 18.603  6.057   0.563   1.00 31.71 ? 407  CYS A SG    1 
ATOM   66   N  N     . GLY A 1 15 ? 21.242  6.867   -1.566  1.00 33.97 ? 408  GLY A N     1 
ATOM   67   C  CA    . GLY A 1 15 ? 21.408  7.685   -2.762  1.00 33.85 ? 408  GLY A CA    1 
ATOM   68   C  C     . GLY A 1 15 ? 20.117  8.330   -3.252  1.00 33.86 ? 408  GLY A C     1 
ATOM   69   O  O     . GLY A 1 15 ? 20.021  8.725   -4.420  1.00 34.21 ? 408  GLY A O     1 
ATOM   70   N  N     . LYS A 1 16 ? 19.124  8.448   -2.372  1.00 32.81 ? 409  LYS A N     1 
ATOM   71   C  CA    . LYS A 1 16 ? 17.750  8.667   -2.830  1.00 32.54 ? 409  LYS A CA    1 
ATOM   72   C  C     . LYS A 1 16 ? 17.226  10.082  -2.615  1.00 31.98 ? 409  LYS A C     1 
ATOM   73   O  O     . LYS A 1 16 ? 17.435  10.675  -1.563  1.00 32.02 ? 409  LYS A O     1 
ATOM   74   C  CB    . LYS A 1 16 ? 16.806  7.647   -2.199  1.00 32.66 ? 409  LYS A CB    1 
ATOM   75   C  CG    . LYS A 1 16 ? 16.745  6.322   -2.952  1.00 32.89 ? 409  LYS A CG    1 
ATOM   76   C  CD    . LYS A 1 16 ? 16.669  5.153   -1.991  1.00 34.84 ? 409  LYS A CD    1 
ATOM   77   C  CE    . LYS A 1 16 ? 15.653  4.120   -2.452  1.00 34.84 ? 409  LYS A CE    1 
ATOM   78   N  NZ    . LYS A 1 16 ? 15.633  3.994   -3.934  1.00 33.91 ? 409  LYS A NZ    1 
ATOM   79   N  N     . THR A 1 17 ? 16.538  10.612  -3.628  1.00 31.30 ? 410  THR A N     1 
ATOM   80   C  CA    . THR A 1 17 ? 15.925  11.942  -3.549  1.00 30.58 ? 410  THR A CA    1 
ATOM   81   C  C     . THR A 1 17 ? 14.511  11.892  -4.059  1.00 30.21 ? 410  THR A C     1 
ATOM   82   O  O     . THR A 1 17 ? 14.197  11.139  -4.974  1.00 30.41 ? 410  THR A O     1 
ATOM   83   C  CB    . THR A 1 17 ? 16.672  12.981  -4.405  1.00 30.56 ? 410  THR A CB    1 
ATOM   84   O  OG1   . THR A 1 17 ? 17.008  12.398  -5.665  1.00 29.44 ? 410  THR A OG1   1 
ATOM   85   C  CG2   . THR A 1 17 ? 17.930  13.453  -3.707  1.00 30.42 ? 410  THR A CG2   1 
ATOM   86   N  N     . TYR A 1 18 ? 13.668  12.745  -3.510  1.00 29.54 ? 411  TYR A N     1 
ATOM   87   C  CA    . TYR A 1 18 ? 12.264  12.683  -3.806  1.00 28.82 ? 411  TYR A CA    1 
ATOM   88   C  C     . TYR A 1 18 ? 11.749  14.022  -4.198  1.00 29.28 ? 411  TYR A C     1 
ATOM   89   O  O     . TYR A 1 18 ? 12.273  15.051  -3.768  1.00 29.85 ? 411  TYR A O     1 
ATOM   90   C  CB    . TYR A 1 18 ? 11.507  12.159  -2.603  1.00 28.52 ? 411  TYR A CB    1 
ATOM   91   C  CG    . TYR A 1 18 ? 11.774  10.704  -2.353  1.00 26.25 ? 411  TYR A CG    1 
ATOM   92   C  CD1   . TYR A 1 18 ? 10.983  9.722   -2.954  1.00 24.71 ? 411  TYR A CD1   1 
ATOM   93   C  CD2   . TYR A 1 18 ? 12.861  10.300  -1.575  1.00 24.47 ? 411  TYR A CD2   1 
ATOM   94   C  CE1   . TYR A 1 18 ? 11.232  8.379   -2.754  1.00 26.02 ? 411  TYR A CE1   1 
ATOM   95   C  CE2   . TYR A 1 18 ? 13.132  8.951   -1.361  1.00 25.49 ? 411  TYR A CE2   1 
ATOM   96   C  CZ    . TYR A 1 18 ? 12.309  7.989   -1.952  1.00 27.02 ? 411  TYR A CZ    1 
ATOM   97   O  OH    . TYR A 1 18 ? 12.564  6.651   -1.766  1.00 28.43 ? 411  TYR A OH    1 
ATOM   98   N  N     . THR A 1 19 ? 10.712  14.023  -5.016  1.00 28.97 ? 412  THR A N     1 
ATOM   99   C  CA    . THR A 1 19 ? 10.206  15.256  -5.561  1.00 28.89 ? 412  THR A CA    1 
ATOM   100  C  C     . THR A 1 19 ? 9.211   15.900  -4.627  1.00 28.90 ? 412  THR A C     1 
ATOM   101  O  O     . THR A 1 19 ? 8.400   16.715  -5.053  1.00 29.37 ? 412  THR A O     1 
ATOM   102  C  CB    . THR A 1 19 ? 9.528   15.032  -6.930  1.00 29.10 ? 412  THR A CB    1 
ATOM   103  O  OG1   . THR A 1 19 ? 8.519   14.022  -6.805  1.00 28.21 ? 412  THR A OG1   1 
ATOM   104  C  CG2   . THR A 1 19 ? 10.570  14.604  -7.989  1.00 28.51 ? 412  THR A CG2   1 
ATOM   105  N  N     . LYS A 1 20 ? 9.266   15.535  -3.357  1.00 28.50 ? 413  LYS A N     1 
ATOM   106  C  CA    . LYS A 1 20 ? 8.263   15.958  -2.424  1.00 28.53 ? 413  LYS A CA    1 
ATOM   107  C  C     . LYS A 1 20 ? 8.722   15.681  -1.041  1.00 28.93 ? 413  LYS A C     1 
ATOM   108  O  O     . LYS A 1 20 ? 8.948   14.530  -0.671  1.00 29.73 ? 413  LYS A O     1 
ATOM   109  C  CB    . LYS A 1 20 ? 6.971   15.207  -2.684  1.00 28.81 ? 413  LYS A CB    1 
ATOM   110  C  CG    . LYS A 1 20 ? 5.730   15.831  -2.049  1.00 28.17 ? 413  LYS A CG    1 
ATOM   111  C  CD    . LYS A 1 20 ? 4.490   15.490  -2.867  1.00 25.63 ? 413  LYS A CD    1 
ATOM   112  C  CE    . LYS A 1 20 ? 3.227   15.757  -2.095  1.00 25.77 ? 413  LYS A CE    1 
ATOM   113  N  NZ    . LYS A 1 20 ? 2.030   15.455  -2.922  1.00 25.02 ? 413  LYS A NZ    1 
ATOM   114  N  N     . SER A 1 21 ? 8.865   16.730  -0.259  1.00 28.82 ? 414  SER A N     1 
ATOM   115  C  CA    . SER A 1 21 ? 9.359   16.588  1.080   1.00 29.00 ? 414  SER A CA    1 
ATOM   116  C  C     . SER A 1 21 ? 8.726   15.388  1.792   1.00 28.67 ? 414  SER A C     1 
ATOM   117  O  O     . SER A 1 21 ? 9.395   14.657  2.531   1.00 28.78 ? 414  SER A O     1 
ATOM   118  C  CB    . SER A 1 21 ? 9.081   17.848  1.873   1.00 29.07 ? 414  SER A CB    1 
ATOM   119  O  OG    . SER A 1 21 ? 9.086   17.550  3.249   1.00 30.37 ? 414  SER A OG    1 
ATOM   120  N  N     . SER A 1 22 ? 7.435   15.203  1.584   1.00 27.96 ? 415  SER A N     1 
ATOM   121  C  CA    . SER A 1 22 ? 6.677   14.248  2.381   1.00 27.65 ? 415  SER A CA    1 
ATOM   122  C  C     . SER A 1 22 ? 6.878   12.813  1.910   1.00 27.13 ? 415  SER A C     1 
ATOM   123  O  O     . SER A 1 22 ? 6.494   11.875  2.592   1.00 27.32 ? 415  SER A O     1 
ATOM   124  C  CB    . SER A 1 22 ? 5.190   14.597  2.355   1.00 27.77 ? 415  SER A CB    1 
ATOM   125  O  OG    . SER A 1 22 ? 4.512   13.774  1.416   1.00 28.48 ? 415  SER A OG    1 
ATOM   126  N  N     . HIS A 1 23 ? 7.457   12.646  0.732   1.00 26.88 ? 416  HIS A N     1 
ATOM   127  C  CA    . HIS A 1 23 ? 7.748   11.310  0.211   1.00 27.01 ? 416  HIS A CA    1 
ATOM   128  C  C     . HIS A 1 23 ? 9.075   10.832  0.813   1.00 27.37 ? 416  HIS A C     1 
ATOM   129  O  O     . HIS A 1 23 ? 9.289   9.642   1.026   1.00 27.55 ? 416  HIS A O     1 
ATOM   130  C  CB    . HIS A 1 23 ? 7.831   11.331  -1.346  1.00 26.96 ? 416  HIS A CB    1 
ATOM   131  C  CG    . HIS A 1 23 ? 6.500   11.516  -2.031  1.00 26.18 ? 416  HIS A CG    1 
ATOM   132  N  ND1   . HIS A 1 23 ? 6.386   12.011  -3.315  1.00 27.35 ? 416  HIS A ND1   1 
ATOM   133  C  CD2   . HIS A 1 23 ? 5.233   11.272  -1.608  1.00 25.10 ? 416  HIS A CD2   1 
ATOM   134  C  CE1   . HIS A 1 23 ? 5.106   12.070  -3.651  1.00 27.43 ? 416  HIS A CE1   1 
ATOM   135  N  NE2   . HIS A 1 23 ? 4.387   11.619  -2.636  1.00 27.03 ? 416  HIS A NE2   1 
ATOM   136  N  N     . LEU A 1 24 ? 9.957   11.787  1.075   1.00 27.37 ? 417  LEU A N     1 
ATOM   137  C  CA    . LEU A 1 24 ? 11.184  11.526  1.765   1.00 27.24 ? 417  LEU A CA    1 
ATOM   138  C  C     . LEU A 1 24 ? 10.884  10.998  3.135   1.00 27.32 ? 417  LEU A C     1 
ATOM   139  O  O     . LEU A 1 24 ? 11.567  10.112  3.635   1.00 27.31 ? 417  LEU A O     1 
ATOM   140  C  CB    . LEU A 1 24 ? 12.002  12.812  1.892   1.00 27.57 ? 417  LEU A CB    1 
ATOM   141  C  CG    . LEU A 1 24 ? 13.293  12.598  2.680   1.00 28.08 ? 417  LEU A CG    1 
ATOM   142  C  CD1   . LEU A 1 24 ? 14.056  11.438  2.064   1.00 27.17 ? 417  LEU A CD1   1 
ATOM   143  C  CD2   . LEU A 1 24 ? 14.159  13.862  2.758   1.00 25.06 ? 417  LEU A CD2   1 
ATOM   144  N  N     . LYS A 1 25 ? 9.854   11.540  3.761   1.00 27.25 ? 418  LYS A N     1 
ATOM   145  C  CA    . LYS A 1 25 ? 9.572   11.164  5.128   1.00 26.84 ? 418  LYS A CA    1 
ATOM   146  C  C     . LYS A 1 25 ? 9.073   9.736   5.153   1.00 26.31 ? 418  LYS A C     1 
ATOM   147  O  O     . LYS A 1 25 ? 9.498   8.917   5.976   1.00 25.30 ? 418  LYS A O     1 
ATOM   148  C  CB    . LYS A 1 25 ? 8.552   12.088  5.738   1.00 26.70 ? 418  LYS A CB    1 
ATOM   149  C  CG    . LYS A 1 25 ? 7.825   11.471  6.926   1.00 28.68 ? 418  LYS A CG    1 
ATOM   150  C  CD    . LYS A 1 25 ? 7.567   12.494  7.998   1.00 29.98 ? 418  LYS A CD    1 
ATOM   151  C  CE    . LYS A 1 25 ? 6.229   12.258  8.658   1.00 31.60 ? 418  LYS A CE    1 
ATOM   152  N  NZ    . LYS A 1 25 ? 6.142   13.035  9.923   1.00 32.65 ? 418  LYS A NZ    1 
ATOM   153  N  N     . ALA A 1 26 ? 8.196   9.429   4.214   1.00 26.29 ? 419  ALA A N     1 
ATOM   154  C  CA    . ALA A 1 26 ? 7.717   8.071   4.033   1.00 25.97 ? 419  ALA A CA    1 
ATOM   155  C  C     . ALA A 1 26 ? 8.899   7.144   3.771   1.00 25.80 ? 419  ALA A C     1 
ATOM   156  O  O     . ALA A 1 26 ? 8.952   6.022   4.285   1.00 25.41 ? 419  ALA A O     1 
ATOM   157  C  CB    . ALA A 1 26 ? 6.710   8.009   2.873   1.00 25.65 ? 419  ALA A CB    1 
ATOM   158  N  N     . HIS A 1 27 ? 9.868   7.619   3.002   1.00 25.13 ? 420  HIS A N     1 
ATOM   159  C  CA    . HIS A 1 27 ? 10.980  6.763   2.652   1.00 24.68 ? 420  HIS A CA    1 
ATOM   160  C  C     . HIS A 1 27 ? 11.883  6.504   3.837   1.00 24.40 ? 420  HIS A C     1 
ATOM   161  O  O     . HIS A 1 27 ? 12.590  5.500   3.875   1.00 24.32 ? 420  HIS A O     1 
ATOM   162  C  CB    . HIS A 1 27 ? 11.804  7.350   1.520   1.00 24.87 ? 420  HIS A CB    1 
ATOM   163  C  CG    . HIS A 1 27 ? 13.196  6.819   1.479   1.00 24.63 ? 420  HIS A CG    1 
ATOM   164  N  ND1   . HIS A 1 27 ? 13.517  5.631   0.860   1.00 22.97 ? 420  HIS A ND1   1 
ATOM   165  C  CD2   . HIS A 1 27 ? 14.336  7.261   2.062   1.00 21.83 ? 420  HIS A CD2   1 
ATOM   166  C  CE1   . HIS A 1 27 ? 14.802  5.386   1.027   1.00 24.55 ? 420  HIS A CE1   1 
ATOM   167  N  NE2   . HIS A 1 27 ? 15.319  6.354   1.763   1.00 23.71 ? 420  HIS A NE2   1 
ATOM   168  N  N     . LEU A 1 28 ? 11.891  7.435   4.785   1.00 24.04 ? 421  LEU A N     1 
ATOM   169  C  CA    . LEU A 1 28 ? 12.836  7.386   5.902   1.00 23.25 ? 421  LEU A CA    1 
ATOM   170  C  C     . LEU A 1 28 ? 12.478  6.228   6.789   1.00 23.15 ? 421  LEU A C     1 
ATOM   171  O  O     . LEU A 1 28 ? 13.330  5.695   7.538   1.00 22.84 ? 421  LEU A O     1 
ATOM   172  C  CB    . LEU A 1 28 ? 12.821  8.704   6.704   1.00 22.31 ? 421  LEU A CB    1 
ATOM   173  C  CG    . LEU A 1 28 ? 13.567  9.848   6.023   1.00 22.22 ? 421  LEU A CG    1 
ATOM   174  C  CD1   . LEU A 1 28 ? 13.477  11.143  6.810   1.00 20.26 ? 421  LEU A CD1   1 
ATOM   175  C  CD2   . LEU A 1 28 ? 15.005  9.452   5.802   1.00 21.33 ? 421  LEU A CD2   1 
ATOM   176  N  N     . ARG A 1 29 ? 11.232  5.789   6.662   1.00 22.36 ? 422  ARG A N     1 
ATOM   177  C  CA    . ARG A 1 29 ? 10.747  4.690   7.455   1.00 22.03 ? 422  ARG A CA    1 
ATOM   178  C  C     . ARG A 1 29 ? 11.422  3.366   7.096   1.00 22.10 ? 422  ARG A C     1 
ATOM   179  O  O     . ARG A 1 29 ? 11.420  2.425   7.911   1.00 21.92 ? 422  ARG A O     1 
ATOM   180  C  CB    . ARG A 1 29 ? 9.223   4.586   7.356   1.00 22.09 ? 422  ARG A CB    1 
ATOM   181  C  CG    . ARG A 1 29 ? 8.485   5.766   8.036   1.00 22.81 ? 422  ARG A CG    1 
ATOM   182  C  CD    . ARG A 1 29 ? 6.953   5.669   7.859   1.00 25.35 ? 422  ARG A CD    1 
ATOM   183  N  NE    . ARG A 1 29 ? 6.271   6.902   8.268   1.00 26.31 ? 422  ARG A NE    1 
ATOM   184  C  CZ    . ARG A 1 29 ? 5.416   7.572   7.499   1.00 25.46 ? 422  ARG A CZ    1 
ATOM   185  N  NH1   . ARG A 1 29 ? 5.115   7.112   6.297   1.00 23.00 ? 422  ARG A NH1   1 
ATOM   186  N  NH2   . ARG A 1 29 ? 4.836   8.685   7.953   1.00 25.98 ? 422  ARG A NH2   1 
ATOM   187  N  N     . THR A 1 30 ? 12.023  3.286   5.901   1.00 21.80 ? 423  THR A N     1 
ATOM   188  C  CA    . THR A 1 30 ? 12.773  2.072   5.533   1.00 22.50 ? 423  THR A CA    1 
ATOM   189  C  C     . THR A 1 30 ? 14.048  1.953   6.375   1.00 22.49 ? 423  THR A C     1 
ATOM   190  O  O     . THR A 1 30 ? 14.463  0.859   6.725   1.00 22.62 ? 423  THR A O     1 
ATOM   191  C  CB    . THR A 1 30 ? 13.107  1.966   3.983   1.00 22.86 ? 423  THR A CB    1 
ATOM   192  O  OG1   . THR A 1 30 ? 13.905  3.088   3.564   1.00 23.86 ? 423  THR A OG1   1 
ATOM   193  C  CG2   . THR A 1 30 ? 11.833  1.916   3.149   1.00 22.66 ? 423  THR A CG2   1 
ATOM   194  N  N     . HIS A 1 31 ? 14.618  3.081   6.761   1.00 22.13 ? 424  HIS A N     1 
ATOM   195  C  CA    . HIS A 1 31 ? 15.826  3.054   7.594   1.00 21.92 ? 424  HIS A CA    1 
ATOM   196  C  C     . HIS A 1 31 ? 15.534  2.956   9.111   1.00 21.00 ? 424  HIS A C     1 
ATOM   197  O  O     . HIS A 1 31 ? 16.390  2.517   9.885   1.00 20.93 ? 424  HIS A O     1 
ATOM   198  C  CB    . HIS A 1 31 ? 16.723  4.274   7.310   1.00 22.17 ? 424  HIS A CB    1 
ATOM   199  C  CG    . HIS A 1 31 ? 17.083  4.447   5.863   1.00 23.75 ? 424  HIS A CG    1 
ATOM   200  N  ND1   . HIS A 1 31 ? 17.933  3.589   5.200   1.00 25.65 ? 424  HIS A ND1   1 
ATOM   201  C  CD2   . HIS A 1 31 ? 16.742  5.406   4.969   1.00 24.07 ? 424  HIS A CD2   1 
ATOM   202  C  CE1   . HIS A 1 31 ? 18.083  4.000   3.953   1.00 27.10 ? 424  HIS A CE1   1 
ATOM   203  N  NE2   . HIS A 1 31 ? 17.365  5.097   3.786   1.00 28.02 ? 424  HIS A NE2   1 
ATOM   204  N  N     . THR A 1 32 ? 14.346  3.369   9.532   1.00 19.91 ? 425  THR A N     1 
ATOM   205  C  CA    . THR A 1 32 ? 14.042  3.392   10.966  1.00 18.94 ? 425  THR A CA    1 
ATOM   206  C  C     . THR A 1 32 ? 13.177  2.236   11.421  1.00 18.56 ? 425  THR A C     1 
ATOM   207  O  O     . THR A 1 32 ? 13.182  1.879   12.574  1.00 17.97 ? 425  THR A O     1 
ATOM   208  C  CB    . THR A 1 32 ? 13.407  4.720   11.399  1.00 18.79 ? 425  THR A CB    1 
ATOM   209  O  OG1   . THR A 1 32 ? 12.023  4.743   11.045  1.00 16.99 ? 425  THR A OG1   1 
ATOM   210  C  CG2   . THR A 1 32 ? 14.128  5.876   10.728  1.00 19.02 ? 425  THR A CG2   1 
ATOM   211  N  N     . GLY A 1 33 ? 12.441  1.644   10.500  1.00 18.90 ? 426  GLY A N     1 
ATOM   212  C  CA    . GLY A 1 33 ? 11.557  0.571   10.853  1.00 19.17 ? 426  GLY A CA    1 
ATOM   213  C  C     . GLY A 1 33 ? 10.222  1.080   11.347  1.00 19.70 ? 426  GLY A C     1 
ATOM   214  O  O     . GLY A 1 33 ? 9.240   0.330   11.374  1.00 21.00 ? 426  GLY A O     1 
ATOM   215  N  N     . GLU A 1 34 ? 10.162  2.356   11.710  1.00 18.99 ? 427  GLU A N     1 
ATOM   216  C  CA    . GLU A 1 34 ? 8.887   2.977   12.071  1.00 19.62 ? 427  GLU A CA    1 
ATOM   217  C  C     . GLU A 1 34 ? 7.684   2.456   11.238  1.00 19.26 ? 427  GLU A C     1 
ATOM   218  O  O     . GLU A 1 34 ? 7.709   2.465   9.992   1.00 18.47 ? 427  GLU A O     1 
ATOM   219  C  CB    . GLU A 1 34 ? 8.970   4.499   11.959  1.00 20.05 ? 427  GLU A CB    1 
ATOM   220  C  CG    . GLU A 1 34 ? 9.488   5.202   13.208  1.00 22.67 ? 427  GLU A CG    1 
ATOM   221  C  CD    . GLU A 1 34 ? 8.595   4.995   14.418  1.00 28.06 ? 427  GLU A CD    1 
ATOM   222  O  OE1   . GLU A 1 34 ? 9.130   4.984   15.557  1.00 30.99 ? 427  GLU A OE1   1 
ATOM   223  O  OE2   . GLU A 1 34 ? 7.361   4.826   14.238  1.00 30.39 ? 427  GLU A OE2   1 
ATOM   224  N  N     . LYS A 1 35 ? 6.632   2.033   11.942  1.00 19.06 ? 428  LYS A N     1 
ATOM   225  C  CA    . LYS A 1 35 ? 5.365   1.619   11.301  1.00 18.49 ? 428  LYS A CA    1 
ATOM   226  C  C     . LYS A 1 35 ? 4.207   2.321   11.969  1.00 17.36 ? 428  LYS A C     1 
ATOM   227  O  O     . LYS A 1 35 ? 3.673   1.820   12.929  1.00 16.58 ? 428  LYS A O     1 
ATOM   228  C  CB    . LYS A 1 35 ? 5.183   0.124   11.461  1.00 18.59 ? 428  LYS A CB    1 
ATOM   229  C  CG    . LYS A 1 35 ? 5.918   -0.693  10.434  1.00 22.18 ? 428  LYS A CG    1 
ATOM   230  C  CD    . LYS A 1 35 ? 6.563   -1.938  11.039  1.00 24.60 ? 428  LYS A CD    1 
ATOM   231  C  CE    . LYS A 1 35 ? 7.232   -2.756  9.940   1.00 28.40 ? 428  LYS A CE    1 
ATOM   232  N  NZ    . LYS A 1 35 ? 8.527   -3.359  10.409  1.00 31.94 ? 428  LYS A NZ    1 
ATOM   233  N  N     . PRO A 1 36 ? 3.810   3.503   11.459  1.00 17.39 ? 429  PRO A N     1 
ATOM   234  C  CA    . PRO A 1 36 ? 2.835   4.263   12.252  1.00 16.96 ? 429  PRO A CA    1 
ATOM   235  C  C     . PRO A 1 36 ? 1.394   3.731   12.131  1.00 17.14 ? 429  PRO A C     1 
ATOM   236  O  O     . PRO A 1 36 ? 0.507   4.206   12.845  1.00 17.98 ? 429  PRO A O     1 
ATOM   237  C  CB    . PRO A 1 36 ? 2.935   5.697   11.681  1.00 16.96 ? 429  PRO A CB    1 
ATOM   238  C  CG    . PRO A 1 36 ? 4.155   5.708   10.764  1.00 15.48 ? 429  PRO A CG    1 
ATOM   239  C  CD    . PRO A 1 36 ? 4.335   4.282   10.317  1.00 17.37 ? 429  PRO A CD    1 
ATOM   240  N  N     . TYR A 1 37 ? 1.165   2.760   11.242  1.00 16.46 ? 430  TYR A N     1 
ATOM   241  C  CA    . TYR A 1 37 ? -0.204  2.352   10.907  1.00 15.60 ? 430  TYR A CA    1 
ATOM   242  C  C     . TYR A 1 37 ? -0.548  0.967   11.396  1.00 16.24 ? 430  TYR A C     1 
ATOM   243  O  O     . TYR A 1 37 ? -0.226  -0.044  10.748  1.00 17.19 ? 430  TYR A O     1 
ATOM   244  C  CB    . TYR A 1 37 ? -0.417  2.451   9.424   1.00 15.23 ? 430  TYR A CB    1 
ATOM   245  C  CG    . TYR A 1 37 ? -0.042  3.798   8.897   1.00 15.34 ? 430  TYR A CG    1 
ATOM   246  C  CD1   . TYR A 1 37 ? 1.184   4.007   8.252   1.00 17.07 ? 430  TYR A CD1   1 
ATOM   247  C  CD2   . TYR A 1 37 ? -0.860  4.887   9.115   1.00 12.50 ? 430  TYR A CD2   1 
ATOM   248  C  CE1   . TYR A 1 37 ? 1.547   5.258   7.799   1.00 15.71 ? 430  TYR A CE1   1 
ATOM   249  C  CE2   . TYR A 1 37 ? -0.515  6.127   8.685   1.00 14.58 ? 430  TYR A CE2   1 
ATOM   250  C  CZ    . TYR A 1 37 ? 0.683   6.320   8.010   1.00 17.29 ? 430  TYR A CZ    1 
ATOM   251  O  OH    . TYR A 1 37 ? 1.002   7.594   7.568   1.00 17.75 ? 430  TYR A OH    1 
ATOM   252  N  N     . HIS A 1 38 ? -1.240  0.931   12.526  1.00 15.86 ? 431  HIS A N     1 
ATOM   253  C  CA    . HIS A 1 38 ? -1.492  -0.282  13.272  1.00 16.31 ? 431  HIS A CA    1 
ATOM   254  C  C     . HIS A 1 38 ? -2.846  -0.881  12.913  1.00 15.64 ? 431  HIS A C     1 
ATOM   255  O  O     . HIS A 1 38 ? -3.839  -0.186  12.941  1.00 16.26 ? 431  HIS A O     1 
ATOM   256  C  CB    . HIS A 1 38 ? -1.462  0.060   14.781  1.00 17.01 ? 431  HIS A CB    1 
ATOM   257  C  CG    . HIS A 1 38 ? -0.186  0.725   15.218  1.00 18.81 ? 431  HIS A CG    1 
ATOM   258  N  ND1   . HIS A 1 38 ? 0.111   0.983   16.545  1.00 20.16 ? 431  HIS A ND1   1 
ATOM   259  C  CD2   . HIS A 1 38 ? 0.893   1.141   14.501  1.00 18.88 ? 431  HIS A CD2   1 
ATOM   260  C  CE1   . HIS A 1 38 ? 1.307   1.549   16.624  1.00 18.19 ? 431  HIS A CE1   1 
ATOM   261  N  NE2   . HIS A 1 38 ? 1.802   1.655   15.397  1.00 19.12 ? 431  HIS A NE2   1 
ATOM   262  N  N     . CYS A 1 39 ? -2.882  -2.183  12.595  1.00 15.05 ? 432  CYS A N     1 
ATOM   263  C  CA    . CYS A 1 39 ? -4.149  -2.902  12.396  1.00 13.81 ? 432  CYS A CA    1 
ATOM   264  C  C     . CYS A 1 39 ? -4.917  -2.955  13.711  1.00 14.92 ? 432  CYS A C     1 
ATOM   265  O  O     . CYS A 1 39 ? -4.387  -3.391  14.720  1.00 14.90 ? 432  CYS A O     1 
ATOM   266  C  CB    . CYS A 1 39 ? -3.884  -4.325  11.881  1.00 13.22 ? 432  CYS A CB    1 
ATOM   267  S  SG    . CYS A 1 39 ? -5.401  -5.420  11.663  1.00 11.65 ? 432  CYS A SG    1 
ATOM   268  N  N     . ASP A 1 40 ? -6.163  -2.504  13.714  1.00 15.96 ? 433  ASP A N     1 
ATOM   269  C  CA    . ASP A 1 40 ? -6.965  -2.577  14.935  1.00 16.92 ? 433  ASP A CA    1 
ATOM   270  C  C     . ASP A 1 40 ? -7.903  -3.780  14.971  1.00 16.09 ? 433  ASP A C     1 
ATOM   271  O  O     . ASP A 1 40 ? -8.929  -3.749  15.628  1.00 15.56 ? 433  ASP A O     1 
ATOM   272  C  CB    . ASP A 1 40 ? -7.762  -1.293  15.146  1.00 18.32 ? 433  ASP A CB    1 
ATOM   273  C  CG    . ASP A 1 40 ? -7.949  -0.974  16.607  1.00 22.49 ? 433  ASP A CG    1 
ATOM   274  O  OD1   . ASP A 1 40 ? -6.950  -1.077  17.348  1.00 29.34 ? 433  ASP A OD1   1 
ATOM   275  O  OD2   . ASP A 1 40 ? -9.093  -0.670  17.034  1.00 26.32 ? 433  ASP A OD2   1 
ATOM   276  N  N     . TRP A 1 41 ? -7.545  -4.832  14.251  1.00 15.74 ? 434  TRP A N     1 
ATOM   277  C  CA    . TRP A 1 41 ? -8.372  -6.023  14.168  1.00 15.17 ? 434  TRP A CA    1 
ATOM   278  C  C     . TRP A 1 41 ? -8.121  -6.876  15.386  1.00 15.11 ? 434  TRP A C     1 
ATOM   279  O  O     . TRP A 1 41 ? -6.981  -7.143  15.724  1.00 14.99 ? 434  TRP A O     1 
ATOM   280  C  CB    . TRP A 1 41 ? -8.029  -6.808  12.887  1.00 15.56 ? 434  TRP A CB    1 
ATOM   281  C  CG    . TRP A 1 41 ? -9.023  -7.873  12.531  1.00 15.65 ? 434  TRP A CG    1 
ATOM   282  C  CD1   . TRP A 1 41 ? -8.995  -9.205  12.925  1.00 14.95 ? 434  TRP A CD1   1 
ATOM   283  C  CD2   . TRP A 1 41 ? -10.195 -7.726  11.709  1.00 15.14 ? 434  TRP A CD2   1 
ATOM   284  N  NE1   . TRP A 1 41 ? -10.076 -9.875  12.397  1.00 13.32 ? 434  TRP A NE1   1 
ATOM   285  C  CE2   . TRP A 1 41 ? -10.832 -9.001  11.652  1.00 14.96 ? 434  TRP A CE2   1 
ATOM   286  C  CE3   . TRP A 1 41 ? -10.779 -6.647  11.029  1.00 15.70 ? 434  TRP A CE3   1 
ATOM   287  C  CZ2   . TRP A 1 41 ? -12.033 -9.218  10.943  1.00 14.30 ? 434  TRP A CZ2   1 
ATOM   288  C  CZ3   . TRP A 1 41 ? -11.972 -6.868  10.313  1.00 15.48 ? 434  TRP A CZ3   1 
ATOM   289  C  CH2   . TRP A 1 41 ? -12.578 -8.151  10.278  1.00 13.99 ? 434  TRP A CH2   1 
ATOM   290  N  N     . ASP A 1 42 ? -9.194  -7.296  16.058  1.00 15.63 ? 435  ASP A N     1 
ATOM   291  C  CA    . ASP A 1 42 ? -9.073  -8.059  17.303  1.00 15.55 ? 435  ASP A CA    1 
ATOM   292  C  C     . ASP A 1 42 ? -7.915  -9.077  17.247  1.00 15.26 ? 435  ASP A C     1 
ATOM   293  O  O     . ASP A 1 42 ? -7.832  -9.902  16.321  1.00 14.23 ? 435  ASP A O     1 
ATOM   294  C  CB    . ASP A 1 42 ? -10.395 -8.755  17.657  1.00 15.58 ? 435  ASP A CB    1 
ATOM   295  C  CG    . ASP A 1 42 ? -10.487 -9.141  19.161  1.00 18.32 ? 435  ASP A CG    1 
ATOM   296  O  OD1   . ASP A 1 42 ? -10.040 -8.339  20.032  1.00 20.43 ? 435  ASP A OD1   1 
ATOM   297  O  OD2   . ASP A 1 42 ? -11.015 -10.239 19.472  1.00 19.19 ? 435  ASP A OD2   1 
ATOM   298  N  N     . GLY A 1 43 ? -7.002  -8.972  18.222  1.00 14.88 ? 436  GLY A N     1 
ATOM   299  C  CA    . GLY A 1 43 ? -5.903  -9.939  18.406  1.00 14.78 ? 436  GLY A CA    1 
ATOM   300  C  C     . GLY A 1 43 ? -4.861  -10.039 17.282  1.00 15.02 ? 436  GLY A C     1 
ATOM   301  O  O     . GLY A 1 43 ? -4.023  -10.953 17.294  1.00 14.67 ? 436  GLY A O     1 
ATOM   302  N  N     . CYS A 1 44 ? -4.899  -9.103  16.324  1.00 14.38 ? 437  CYS A N     1 
ATOM   303  C  CA    . CYS A 1 44 ? -4.039  -9.187  15.132  1.00 14.66 ? 437  CYS A CA    1 
ATOM   304  C  C     . CYS A 1 44 ? -2.576  -8.688  15.335  1.00 15.02 ? 437  CYS A C     1 
ATOM   305  O  O     . CYS A 1 44 ? -1.632  -9.478  15.245  1.00 15.53 ? 437  CYS A O     1 
ATOM   306  C  CB    . CYS A 1 44 ? -4.691  -8.505  13.920  1.00 14.09 ? 437  CYS A CB    1 
ATOM   307  S  SG    . CYS A 1 44 ? -3.551  -8.228  12.587  1.00 13.29 ? 437  CYS A SG    1 
ATOM   308  N  N     . GLY A 1 45 ? -2.387  -7.397  15.582  1.00 14.73 ? 438  GLY A N     1 
ATOM   309  C  CA    . GLY A 1 45 ? -1.059  -6.909  15.964  1.00 15.79 ? 438  GLY A CA    1 
ATOM   310  C  C     . GLY A 1 45 ? -0.166  -6.397  14.823  1.00 17.41 ? 438  GLY A C     1 
ATOM   311  O  O     . GLY A 1 45 ? 0.910   -5.840  15.075  1.00 17.71 ? 438  GLY A O     1 
ATOM   312  N  N     . TRP A 1 46 ? -0.609  -6.568  13.572  1.00 17.76 ? 439  TRP A N     1 
ATOM   313  C  CA    . TRP A 1 46 ? 0.182   -6.111  12.402  1.00 18.53 ? 439  TRP A CA    1 
ATOM   314  C  C     . TRP A 1 46 ? 0.218   -4.584  12.270  1.00 18.30 ? 439  TRP A C     1 
ATOM   315  O  O     . TRP A 1 46 ? -0.738  -3.886  12.608  1.00 18.57 ? 439  TRP A O     1 
ATOM   316  C  CB    . TRP A 1 46 ? -0.326  -6.739  11.097  1.00 18.74 ? 439  TRP A CB    1 
ATOM   317  C  CG    . TRP A 1 46 ? 0.234   -8.133  10.812  1.00 19.84 ? 439  TRP A CG    1 
ATOM   318  C  CD1   . TRP A 1 46 ? -0.216  -9.325  11.325  1.00 21.05 ? 439  TRP A CD1   1 
ATOM   319  C  CD2   . TRP A 1 46 ? 1.313   -8.462  9.923   1.00 21.55 ? 439  TRP A CD2   1 
ATOM   320  N  NE1   . TRP A 1 46 ? 0.524   -10.369 10.821  1.00 22.16 ? 439  TRP A NE1   1 
ATOM   321  C  CE2   . TRP A 1 46 ? 1.470   -9.870  9.959   1.00 23.19 ? 439  TRP A CE2   1 
ATOM   322  C  CE3   . TRP A 1 46 ? 2.176   -7.702  9.115   1.00 21.76 ? 439  TRP A CE3   1 
ATOM   323  C  CZ2   . TRP A 1 46 ? 2.448   -10.532 9.214   1.00 22.93 ? 439  TRP A CZ2   1 
ATOM   324  C  CZ3   . TRP A 1 46 ? 3.140   -8.354  8.382   1.00 23.54 ? 439  TRP A CZ3   1 
ATOM   325  C  CH2   . TRP A 1 46 ? 3.270   -9.763  8.433   1.00 24.83 ? 439  TRP A CH2   1 
ATOM   326  N  N     . LYS A 1 47 ? 1.340   -4.089  11.794  1.00 17.86 ? 440  LYS A N     1 
ATOM   327  C  CA    . LYS A 1 47 ? 1.586   -2.673  11.696  1.00 18.16 ? 440  LYS A CA    1 
ATOM   328  C  C     . LYS A 1 47 ? 2.268   -2.399  10.359  1.00 18.04 ? 440  LYS A C     1 
ATOM   329  O  O     . LYS A 1 47 ? 2.926   -3.279  9.790   1.00 18.72 ? 440  LYS A O     1 
ATOM   330  C  CB    . LYS A 1 47 ? 2.496   -2.226  12.846  1.00 17.50 ? 440  LYS A CB    1 
ATOM   331  C  CG    . LYS A 1 47 ? 1.777   -2.009  14.142  1.00 16.93 ? 440  LYS A CG    1 
ATOM   332  C  CD    . LYS A 1 47 ? 2.719   -2.132  15.336  1.00 15.15 ? 440  LYS A CD    1 
ATOM   333  C  CE    . LYS A 1 47 ? 1.925   -2.469  16.622  1.00 18.25 ? 440  LYS A CE    1 
ATOM   334  N  NZ    . LYS A 1 47 ? 2.502   -1.855  17.881  1.00 16.99 ? 440  LYS A NZ    1 
ATOM   335  N  N     . PHE A 1 48 ? 2.149   -1.200  9.854   1.00 17.38 ? 441  PHE A N     1 
ATOM   336  C  CA    . PHE A 1 48 ? 2.724   -0.946  8.539   1.00 17.66 ? 441  PHE A CA    1 
ATOM   337  C  C     . PHE A 1 48 ? 3.371   0.411   8.411   1.00 17.96 ? 441  PHE A C     1 
ATOM   338  O  O     . PHE A 1 48 ? 2.995   1.388   9.103   1.00 19.01 ? 441  PHE A O     1 
ATOM   339  C  CB    . PHE A 1 48 ? 1.667   -1.142  7.442   1.00 17.84 ? 441  PHE A CB    1 
ATOM   340  C  CG    . PHE A 1 48 ? 1.012   -2.472  7.487   1.00 17.79 ? 441  PHE A CG    1 
ATOM   341  C  CD1   . PHE A 1 48 ? 0.017   -2.745  8.448   1.00 18.47 ? 441  PHE A CD1   1 
ATOM   342  C  CD2   . PHE A 1 48 ? 1.427   -3.489  6.642   1.00 17.05 ? 441  PHE A CD2   1 
ATOM   343  C  CE1   . PHE A 1 48 ? -0.575  -3.993  8.528   1.00 18.11 ? 441  PHE A CE1   1 
ATOM   344  C  CE2   . PHE A 1 48 ? 0.843   -4.741  6.703   1.00 18.43 ? 441  PHE A CE2   1 
ATOM   345  C  CZ    . PHE A 1 48 ? -0.165  -5.002  7.665   1.00 19.67 ? 441  PHE A CZ    1 
ATOM   346  N  N     . ALA A 1 49 ? 4.337   0.479   7.524   1.00 17.53 ? 442  ALA A N     1 
ATOM   347  C  CA    . ALA A 1 49 ? 5.023   1.706   7.248   1.00 17.47 ? 442  ALA A CA    1 
ATOM   348  C  C     . ALA A 1 49 ? 4.142   2.645   6.387   1.00 17.81 ? 442  ALA A C     1 
ATOM   349  O  O     . ALA A 1 49 ? 4.375   3.866   6.349   1.00 18.46 ? 442  ALA A O     1 
ATOM   350  C  CB    . ALA A 1 49 ? 6.331   1.417   6.555   1.00 16.60 ? 442  ALA A CB    1 
ATOM   351  N  N     . ARG A 1 50 ? 3.128   2.074   5.728   1.00 16.71 ? 443  ARG A N     1 
ATOM   352  C  CA    . ARG A 1 50 ? 2.328   2.818   4.760   1.00 16.07 ? 443  ARG A CA    1 
ATOM   353  C  C     . ARG A 1 50 ? 0.853   2.584   4.978   1.00 16.56 ? 443  ARG A C     1 
ATOM   354  O  O     . ARG A 1 50 ? 0.410   1.438   5.133   1.00 16.52 ? 443  ARG A O     1 
ATOM   355  C  CB    . ARG A 1 50 ? 2.694   2.399   3.346   1.00 15.62 ? 443  ARG A CB    1 
ATOM   356  C  CG    . ARG A 1 50 ? 3.868   3.163   2.736   1.00 14.68 ? 443  ARG A CG    1 
ATOM   357  C  CD    . ARG A 1 50 ? 4.142   2.661   1.323   1.00 13.01 ? 443  ARG A CD    1 
ATOM   358  N  NE    . ARG A 1 50 ? 3.017   2.897   0.400   1.00 9.51  ? 443  ARG A NE    1 
ATOM   359  C  CZ    . ARG A 1 50 ? 3.154   3.437   -0.801  1.00 9.13  ? 443  ARG A CZ    1 
ATOM   360  N  NH1   . ARG A 1 50 ? 2.108   3.591   -1.580  1.00 11.18 ? 443  ARG A NH1   1 
ATOM   361  N  NH2   . ARG A 1 50 ? 4.360   3.796   -1.237  1.00 6.92  ? 443  ARG A NH2   1 
ATOM   362  N  N     . SER A 1 51 ? 0.075   3.656   4.953   1.00 16.98 ? 444  SER A N     1 
ATOM   363  C  CA    . SER A 1 51 ? -1.358  3.542   5.237   1.00 18.04 ? 444  SER A CA    1 
ATOM   364  C  C     . SER A 1 51 ? -2.076  2.693   4.184   1.00 18.06 ? 444  SER A C     1 
ATOM   365  O  O     . SER A 1 51 ? -3.037  1.995   4.493   1.00 18.19 ? 444  SER A O     1 
ATOM   366  C  CB    . SER A 1 51 ? -2.026  4.921   5.368   1.00 17.24 ? 444  SER A CB    1 
ATOM   367  O  OG    . SER A 1 51 ? -1.799  5.696   4.204   1.00 17.85 ? 444  SER A OG    1 
ATOM   368  N  N     . ASP A 1 52 ? -1.617  2.742   2.953   1.00 17.58 ? 445  ASP A N     1 
ATOM   369  C  CA    . ASP A 1 52 ? -2.294  1.987   1.951   1.00 18.42 ? 445  ASP A CA    1 
ATOM   370  C  C     . ASP A 1 52 ? -1.924  0.528   2.069   1.00 17.93 ? 445  ASP A C     1 
ATOM   371  O  O     . ASP A 1 52 ? -2.672  -0.350  1.634   1.00 17.86 ? 445  ASP A O     1 
ATOM   372  C  CB    . ASP A 1 52 ? -1.967  2.496   0.572   1.00 18.95 ? 445  ASP A CB    1 
ATOM   373  C  CG    . ASP A 1 52 ? -0.526  2.698   0.385   1.00 21.92 ? 445  ASP A CG    1 
ATOM   374  O  OD1   . ASP A 1 52 ? 0.113   3.171   1.352   1.00 27.67 ? 445  ASP A OD1   1 
ATOM   375  O  OD2   . ASP A 1 52 ? -0.018  2.394   -0.717  1.00 20.93 ? 445  ASP A OD2   1 
ATOM   376  N  N     . GLU A 1 53 ? -0.796  0.237   2.671   1.00 16.49 ? 446  GLU A N     1 
ATOM   377  C  CA    . GLU A 1 53 ? -0.542  -1.139  2.916   1.00 16.69 ? 446  GLU A CA    1 
ATOM   378  C  C     . GLU A 1 53 ? -1.460  -1.698  4.012   1.00 15.92 ? 446  GLU A C     1 
ATOM   379  O  O     . GLU A 1 53 ? -1.880  -2.840  3.950   1.00 15.74 ? 446  GLU A O     1 
ATOM   380  C  CB    . GLU A 1 53 ? 0.906   -1.411  3.224   1.00 16.67 ? 446  GLU A CB    1 
ATOM   381  C  CG    . GLU A 1 53 ? 1.204   -2.951  3.352   1.00 21.21 ? 446  GLU A CG    1 
ATOM   382  C  CD    . GLU A 1 53 ? 0.967   -3.756  2.027   1.00 23.24 ? 446  GLU A CD    1 
ATOM   383  O  OE1   . GLU A 1 53 ? 1.280   -3.240  0.940   1.00 27.51 ? 446  GLU A OE1   1 
ATOM   384  O  OE2   . GLU A 1 53 ? 0.497   -4.896  2.090   1.00 22.44 ? 446  GLU A OE2   1 
ATOM   385  N  N     . LEU A 1 54 ? -1.814  -0.869  4.973   1.00 15.01 ? 447  LEU A N     1 
ATOM   386  C  CA    . LEU A 1 54 ? -2.714  -1.292  6.013   1.00 15.05 ? 447  LEU A CA    1 
ATOM   387  C  C     . LEU A 1 54 ? -4.126  -1.525  5.445   1.00 15.56 ? 447  LEU A C     1 
ATOM   388  O  O     . LEU A 1 54 ? -4.850  -2.433  5.882   1.00 16.44 ? 447  LEU A O     1 
ATOM   389  C  CB    . LEU A 1 54 ? -2.757  -0.261  7.143   1.00 14.09 ? 447  LEU A CB    1 
ATOM   390  C  CG    . LEU A 1 54 ? -3.847  -0.528  8.193   1.00 15.26 ? 447  LEU A CG    1 
ATOM   391  C  CD1   . LEU A 1 54 ? -3.486  -1.776  9.045   1.00 14.17 ? 447  LEU A CD1   1 
ATOM   392  C  CD2   . LEU A 1 54 ? -4.120  0.724   9.097   1.00 12.51 ? 447  LEU A CD2   1 
ATOM   393  N  N     . THR A 1 55 ? -4.509  -0.685  4.492   1.00 15.35 ? 448  THR A N     1 
ATOM   394  C  CA    . THR A 1 55 ? -5.744  -0.847  3.762   1.00 15.27 ? 448  THR A CA    1 
ATOM   395  C  C     . THR A 1 55 ? -5.808  -2.186  3.037   1.00 15.35 ? 448  THR A C     1 
ATOM   396  O  O     . THR A 1 55 ? -6.803  -2.902  3.158   1.00 15.66 ? 448  THR A O     1 
ATOM   397  C  CB    . THR A 1 55 ? -5.905  0.254   2.753   1.00 15.78 ? 448  THR A CB    1 
ATOM   398  O  OG1   . THR A 1 55 ? -6.139  1.476   3.436   1.00 14.56 ? 448  THR A OG1   1 
ATOM   399  C  CG2   . THR A 1 55 ? -7.093  -0.036  1.793   1.00 16.10 ? 448  THR A CG2   1 
ATOM   400  N  N     . ARG A 1 56 ? -4.760  -2.528  2.280   1.00 14.09 ? 449  ARG A N     1 
ATOM   401  C  CA    . ARG A 1 56 ? -4.705  -3.844  1.639   1.00 14.60 ? 449  ARG A CA    1 
ATOM   402  C  C     . ARG A 1 56 ? -4.849  -4.988  2.681   1.00 15.69 ? 449  ARG A C     1 
ATOM   403  O  O     . ARG A 1 56 ? -5.621  -5.961  2.482   1.00 15.68 ? 449  ARG A O     1 
ATOM   404  C  CB    . ARG A 1 56 ? -3.431  -3.992  0.786   1.00 14.12 ? 449  ARG A CB    1 
ATOM   405  C  CG    . ARG A 1 56 ? -3.021  -2.678  0.076   1.00 14.11 ? 449  ARG A CG    1 
ATOM   406  C  CD    . ARG A 1 56 ? -2.476  -2.864  -1.396  1.00 16.42 ? 449  ARG A CD    1 
ATOM   407  N  NE    . ARG A 1 56 ? -1.049  -3.162  -1.444  1.00 13.70 ? 449  ARG A NE    1 
ATOM   408  C  CZ    . ARG A 1 56 ? -0.237  -2.878  -2.461  1.00 14.22 ? 449  ARG A CZ    1 
ATOM   409  N  NH1   . ARG A 1 56 ? -0.681  -2.279  -3.545  1.00 14.55 ? 449  ARG A NH1   1 
ATOM   410  N  NH2   . ARG A 1 56 ? 1.042   -3.200  -2.387  1.00 19.70 ? 449  ARG A NH2   1 
ATOM   411  N  N     . HIS A 1 57 ? -4.163  -4.837  3.810   1.00 16.24 ? 450  HIS A N     1 
ATOM   412  C  CA    . HIS A 1 57 ? -4.273  -5.779  4.934   1.00 16.68 ? 450  HIS A CA    1 
ATOM   413  C  C     . HIS A 1 57 ? -5.714  -5.978  5.402   1.00 16.96 ? 450  HIS A C     1 
ATOM   414  O  O     . HIS A 1 57 ? -6.220  -7.106  5.424   1.00 17.42 ? 450  HIS A O     1 
ATOM   415  C  CB    . HIS A 1 57 ? -3.407  -5.301  6.102   1.00 16.44 ? 450  HIS A CB    1 
ATOM   416  C  CG    . HIS A 1 57 ? -3.342  -6.264  7.252   1.00 17.83 ? 450  HIS A CG    1 
ATOM   417  N  ND1   . HIS A 1 57 ? -2.761  -7.514  7.148   1.00 18.71 ? 450  HIS A ND1   1 
ATOM   418  C  CD2   . HIS A 1 57 ? -3.724  -6.135  8.546   1.00 16.19 ? 450  HIS A CD2   1 
ATOM   419  C  CE1   . HIS A 1 57 ? -2.815  -8.120  8.318   1.00 18.29 ? 450  HIS A CE1   1 
ATOM   420  N  NE2   . HIS A 1 57 ? -3.396  -7.307  9.183   1.00 19.71 ? 450  HIS A NE2   1 
ATOM   421  N  N     . TYR A 1 58 ? -6.373  -4.892  5.793   1.00 17.39 ? 451  TYR A N     1 
ATOM   422  C  CA    . TYR A 1 58 ? -7.805  -4.963  6.188   1.00 18.39 ? 451  TYR A CA    1 
ATOM   423  C  C     . TYR A 1 58 ? -8.687  -5.698  5.166   1.00 18.66 ? 451  TYR A C     1 
ATOM   424  O  O     . TYR A 1 58 ? -9.748  -6.223  5.512   1.00 19.37 ? 451  TYR A O     1 
ATOM   425  C  CB    . TYR A 1 58 ? -8.380  -3.568  6.438   1.00 18.62 ? 451  TYR A CB    1 
ATOM   426  C  CG    . TYR A 1 58 ? -8.136  -3.014  7.841   1.00 20.70 ? 451  TYR A CG    1 
ATOM   427  C  CD1   . TYR A 1 58 ? -7.697  -1.717  8.023   1.00 22.34 ? 451  TYR A CD1   1 
ATOM   428  C  CD2   . TYR A 1 58 ? -8.374  -3.788  8.978   1.00 22.44 ? 451  TYR A CD2   1 
ATOM   429  C  CE1   . TYR A 1 58 ? -7.476  -1.209  9.279   1.00 23.03 ? 451  TYR A CE1   1 
ATOM   430  C  CE2   . TYR A 1 58 ? -8.169  -3.277  10.244  1.00 23.18 ? 451  TYR A CE2   1 
ATOM   431  C  CZ    . TYR A 1 58 ? -7.719  -1.977  10.383  1.00 24.35 ? 451  TYR A CZ    1 
ATOM   432  O  OH    . TYR A 1 58 ? -7.503  -1.432  11.652  1.00 28.21 ? 451  TYR A OH    1 
ATOM   433  N  N     . ARG A 1 59 ? -8.263  -5.723  3.906   1.00 18.65 ? 452  ARG A N     1 
ATOM   434  C  CA    . ARG A 1 59 ? -9.028  -6.408  2.898   1.00 18.08 ? 452  ARG A CA    1 
ATOM   435  C  C     . ARG A 1 59 ? -8.862  -7.914  2.944   1.00 17.96 ? 452  ARG A C     1 
ATOM   436  O  O     . ARG A 1 59 ? -9.695  -8.648  2.425   1.00 17.80 ? 452  ARG A O     1 
ATOM   437  C  CB    . ARG A 1 59 ? -8.759  -5.827  1.517   1.00 17.95 ? 452  ARG A CB    1 
ATOM   438  C  CG    . ARG A 1 59 ? -9.734  -4.719  1.209   1.00 19.06 ? 452  ARG A CG    1 
ATOM   439  C  CD    . ARG A 1 59 ? -9.260  -3.755  0.158   1.00 19.82 ? 452  ARG A CD    1 
ATOM   440  N  NE    . ARG A 1 59 ? -10.098 -2.556  0.158   1.00 20.38 ? 452  ARG A NE    1 
ATOM   441  C  CZ    . ARG A 1 59 ? -9.743  -1.391  -0.376  1.00 19.10 ? 452  ARG A CZ    1 
ATOM   442  N  NH1   . ARG A 1 59 ? -10.555 -0.342  -0.306  1.00 14.27 ? 452  ARG A NH1   1 
ATOM   443  N  NH2   . ARG A 1 59 ? -8.580  -1.278  -0.977  1.00 18.15 ? 452  ARG A NH2   1 
ATOM   444  N  N     . LYS A 1 60 ? -7.798  -8.377  3.603   1.00 18.36 ? 453  LYS A N     1 
ATOM   445  C  CA    . LYS A 1 60 ? -7.664  -9.800  3.928   1.00 18.23 ? 453  LYS A CA    1 
ATOM   446  C  C     . LYS A 1 60 ? -8.665  -10.145 4.988   1.00 18.48 ? 453  LYS A C     1 
ATOM   447  O  O     . LYS A 1 60 ? -9.482  -11.048 4.819   1.00 18.44 ? 453  LYS A O     1 
ATOM   448  C  CB    . LYS A 1 60 ? -6.276  -10.105 4.444   1.00 18.24 ? 453  LYS A CB    1 
ATOM   449  C  CG    . LYS A 1 60 ? -5.153  -9.745  3.461   1.00 20.42 ? 453  LYS A CG    1 
ATOM   450  C  CD    . LYS A 1 60 ? -3.901  -10.634 3.670   1.00 24.44 ? 453  LYS A CD    1 
ATOM   451  C  CE    . LYS A 1 60 ? -2.648  -10.013 3.041   1.00 25.77 ? 453  LYS A CE    1 
ATOM   452  N  NZ    . LYS A 1 60 ? -2.803  -9.788  1.531   1.00 27.42 ? 453  LYS A NZ    1 
ATOM   453  N  N     . HIS A 1 61 ? -8.622  -9.395  6.085   1.00 18.34 ? 454  HIS A N     1 
ATOM   454  C  CA    . HIS A 1 61 ? -9.554  -9.591  7.160   1.00 18.41 ? 454  HIS A CA    1 
ATOM   455  C  C     . HIS A 1 61 ? -11.005 -9.602  6.646   1.00 18.95 ? 454  HIS A C     1 
ATOM   456  O  O     . HIS A 1 61 ? -11.714 -10.577 6.830   1.00 18.50 ? 454  HIS A O     1 
ATOM   457  C  CB    . HIS A 1 61 ? -9.390  -8.518  8.238   1.00 18.12 ? 454  HIS A CB    1 
ATOM   458  C  CG    . HIS A 1 61 ? -8.151  -8.670  9.071   1.00 18.05 ? 454  HIS A CG    1 
ATOM   459  N  ND1   . HIS A 1 61 ? -7.847  -9.828  9.751   1.00 17.23 ? 454  HIS A ND1   1 
ATOM   460  C  CD2   . HIS A 1 61 ? -7.162  -7.789  9.365   1.00 16.11 ? 454  HIS A CD2   1 
ATOM   461  C  CE1   . HIS A 1 61 ? -6.719  -9.658  10.419  1.00 17.09 ? 454  HIS A CE1   1 
ATOM   462  N  NE2   . HIS A 1 61 ? -6.280  -8.433  10.193  1.00 17.68 ? 454  HIS A NE2   1 
ATOM   463  N  N     . THR A 1 62 ? -11.437 -8.502  6.025   1.00 19.22 ? 455  THR A N     1 
ATOM   464  C  CA    . THR A 1 62 ? -12.836 -8.350  5.667   1.00 19.20 ? 455  THR A CA    1 
ATOM   465  C  C     . THR A 1 62 ? -13.161 -9.127  4.418   1.00 19.54 ? 455  THR A C     1 
ATOM   466  O  O     . THR A 1 62 ? -14.284 -9.520  4.204   1.00 19.51 ? 455  THR A O     1 
ATOM   467  C  CB    . THR A 1 62 ? -13.256 -6.850  5.482   1.00 19.38 ? 455  THR A CB    1 
ATOM   468  O  OG1   . THR A 1 62 ? -12.683 -6.304  4.274   1.00 19.21 ? 455  THR A OG1   1 
ATOM   469  C  CG2   . THR A 1 62 ? -12.833 -6.026  6.683   1.00 17.78 ? 455  THR A CG2   1 
ATOM   470  N  N     . GLY A 1 63 ? -12.161 -9.372  3.608   1.00 20.19 ? 456  GLY A N     1 
ATOM   471  C  CA    . GLY A 1 63 ? -12.412 -9.879  2.286   1.00 20.63 ? 456  GLY A CA    1 
ATOM   472  C  C     . GLY A 1 63 ? -13.202 -8.896  1.440   1.00 20.75 ? 456  GLY A C     1 
ATOM   473  O  O     . GLY A 1 63 ? -13.823 -9.281  0.471   1.00 21.35 ? 456  GLY A O     1 
ATOM   474  N  N     . HIS A 1 64 ? -13.168 -7.619  1.795   1.00 21.35 ? 457  HIS A N     1 
ATOM   475  C  CA    . HIS A 1 64 ? -13.747 -6.580  0.924   1.00 21.67 ? 457  HIS A CA    1 
ATOM   476  C  C     . HIS A 1 64 ? -12.986 -6.511  -0.412  1.00 22.06 ? 457  HIS A C     1 
ATOM   477  O  O     . HIS A 1 64 ? -11.740 -6.521  -0.444  1.00 21.88 ? 457  HIS A O     1 
ATOM   478  C  CB    . HIS A 1 64 ? -13.740 -5.212  1.635   1.00 22.07 ? 457  HIS A CB    1 
ATOM   479  C  CG    . HIS A 1 64 ? -14.623 -4.178  0.992   1.00 22.31 ? 457  HIS A CG    1 
ATOM   480  N  ND1   . HIS A 1 64 ? -14.400 -2.820  1.121   1.00 22.90 ? 457  HIS A ND1   1 
ATOM   481  C  CD2   . HIS A 1 64 ? -15.723 -4.300  0.208   1.00 23.23 ? 457  HIS A CD2   1 
ATOM   482  C  CE1   . HIS A 1 64 ? -15.320 -2.152  0.443   1.00 21.12 ? 457  HIS A CE1   1 
ATOM   483  N  NE2   . HIS A 1 64 ? -16.132 -3.027  -0.123  1.00 23.56 ? 457  HIS A NE2   1 
ATOM   484  N  N     . ARG A 1 65 ? -13.738 -6.521  -1.511  1.00 22.51 ? 458  ARG A N     1 
ATOM   485  C  CA    . ARG A 1 65 ? -13.180 -6.303  -2.868  1.00 23.26 ? 458  ARG A CA    1 
ATOM   486  C  C     . ARG A 1 65 ? -14.015 -5.263  -3.574  1.00 22.41 ? 458  ARG A C     1 
ATOM   487  O  O     . ARG A 1 65 ? -15.023 -5.589  -4.187  1.00 22.49 ? 458  ARG A O     1 
ATOM   488  C  CB    . ARG A 1 65 ? -13.206 -7.593  -3.685  1.00 23.62 ? 458  ARG A CB    1 
ATOM   489  C  CG    . ARG A 1 65 ? -13.656 -8.785  -2.901  1.00 28.38 ? 458  ARG A CG    1 
ATOM   490  C  CD    . ARG A 1 65 ? -13.185 -10.049 -3.527  1.00 35.00 ? 458  ARG A CD    1 
ATOM   491  N  NE    . ARG A 1 65 ? -11.734 -10.086 -3.614  1.00 39.67 ? 458  ARG A NE    1 
ATOM   492  C  CZ    . ARG A 1 65 ? -11.048 -11.145 -4.025  1.00 43.14 ? 458  ARG A CZ    1 
ATOM   493  N  NH1   . ARG A 1 65 ? -11.693 -12.258 -4.371  1.00 43.70 ? 458  ARG A NH1   1 
ATOM   494  N  NH2   . ARG A 1 65 ? -9.720  -11.096 -4.087  1.00 45.08 ? 458  ARG A NH2   1 
ATOM   495  N  N     . PRO A 1 66 ? -13.613 -4.002  -3.468  1.00 22.07 ? 459  PRO A N     1 
ATOM   496  C  CA    . PRO A 1 66 ? -14.416 -2.879  -3.939  1.00 22.10 ? 459  PRO A CA    1 
ATOM   497  C  C     . PRO A 1 66 ? -14.340 -2.662  -5.441  1.00 21.88 ? 459  PRO A C     1 
ATOM   498  O  O     . PRO A 1 66 ? -14.975 -1.765  -5.951  1.00 22.55 ? 459  PRO A O     1 
ATOM   499  C  CB    . PRO A 1 66 ? -13.794 -1.673  -3.216  1.00 22.01 ? 459  PRO A CB    1 
ATOM   500  C  CG    . PRO A 1 66 ? -12.766 -2.269  -2.242  1.00 22.50 ? 459  PRO A CG    1 
ATOM   501  C  CD    . PRO A 1 66 ? -12.388 -3.566  -2.791  1.00 21.62 ? 459  PRO A CD    1 
ATOM   502  N  N     . PHE A 1 67 ? -13.544 -3.457  -6.141  1.00 21.50 ? 460  PHE A N     1 
ATOM   503  C  CA    . PHE A 1 67 ? -13.328 -3.226  -7.562  1.00 20.91 ? 460  PHE A CA    1 
ATOM   504  C  C     . PHE A 1 67 ? -13.951 -4.314  -8.416  1.00 20.47 ? 460  PHE A C     1 
ATOM   505  O  O     . PHE A 1 67 ? -13.386 -5.411  -8.556  1.00 20.97 ? 460  PHE A O     1 
ATOM   506  C  CB    . PHE A 1 67 ? -11.844 -3.083  -7.849  1.00 20.73 ? 460  PHE A CB    1 
ATOM   507  C  CG    . PHE A 1 67 ? -11.236 -1.850  -7.236  1.00 22.28 ? 460  PHE A CG    1 
ATOM   508  C  CD1   . PHE A 1 67 ? -11.345 -0.605  -7.879  1.00 23.13 ? 460  PHE A CD1   1 
ATOM   509  C  CD2   . PHE A 1 67 ? -10.577 -1.915  -6.009  1.00 20.72 ? 460  PHE A CD2   1 
ATOM   510  C  CE1   . PHE A 1 67 ? -10.786 0.534   -7.310  1.00 23.12 ? 460  PHE A CE1   1 
ATOM   511  C  CE2   . PHE A 1 67 ? -10.025 -0.773  -5.432  1.00 19.98 ? 460  PHE A CE2   1 
ATOM   512  C  CZ    . PHE A 1 67 ? -10.120 0.439   -6.072  1.00 21.17 ? 460  PHE A CZ    1 
ATOM   513  N  N     . GLN A 1 68 ? -15.126 -4.011  -8.982  1.00 19.62 ? 461  GLN A N     1 
ATOM   514  C  CA    . GLN A 1 68 ? -15.987 -5.029  -9.603  1.00 18.36 ? 461  GLN A CA    1 
ATOM   515  C  C     . GLN A 1 68 ? -15.887 -5.033  -11.130 1.00 17.50 ? 461  GLN A C     1 
ATOM   516  O  O     . GLN A 1 68 ? -16.163 -4.026  -11.781 1.00 16.93 ? 461  GLN A O     1 
ATOM   517  C  CB    . GLN A 1 68 ? -17.429 -4.800  -9.194  1.00 18.81 ? 461  GLN A CB    1 
ATOM   518  C  CG    . GLN A 1 68 ? -18.424 -5.643  -9.959  1.00 20.77 ? 461  GLN A CG    1 
ATOM   519  C  CD    . GLN A 1 68 ? -18.396 -7.089  -9.507  1.00 24.12 ? 461  GLN A CD    1 
ATOM   520  O  OE1   . GLN A 1 68 ? -18.183 -8.012  -10.316 1.00 23.72 ? 461  GLN A OE1   1 
ATOM   521  N  NE2   . GLN A 1 68 ? -18.561 -7.303  -8.185  1.00 23.51 ? 461  GLN A NE2   1 
ATOM   522  N  N     . CYS A 1 69 ? -15.524 -6.175  -11.707 1.00 16.28 ? 462  CYS A N     1 
ATOM   523  C  CA    . CYS A 1 69 ? -15.476 -6.266  -13.155 1.00 14.78 ? 462  CYS A CA    1 
ATOM   524  C  C     . CYS A 1 69 ? -16.872 -6.143  -13.695 1.00 14.89 ? 462  CYS A C     1 
ATOM   525  O  O     . CYS A 1 69 ? -17.776 -6.871  -13.256 1.00 14.15 ? 462  CYS A O     1 
ATOM   526  C  CB    . CYS A 1 69 ? -14.856 -7.577  -13.626 1.00 14.82 ? 462  CYS A CB    1 
ATOM   527  S  SG    . CYS A 1 69 ? -14.859 -7.757  -15.446 1.00 12.12 ? 462  CYS A SG    1 
ATOM   528  N  N     . GLN A 1 70 ? -17.054 -5.227  -14.653 1.00 14.01 ? 463  GLN A N     1 
ATOM   529  C  CA    . GLN A 1 70 ? -18.372 -4.909  -15.155 1.00 13.91 ? 463  GLN A CA    1 
ATOM   530  C  C     . GLN A 1 70 ? -18.726 -5.859  -16.300 1.00 14.31 ? 463  GLN A C     1 
ATOM   531  O  O     . GLN A 1 70 ? -19.784 -5.715  -16.955 1.00 12.65 ? 463  GLN A O     1 
ATOM   532  C  CB    . GLN A 1 70 ? -18.443 -3.440  -15.625 1.00 13.84 ? 463  GLN A CB    1 
ATOM   533  C  CG    . GLN A 1 70 ? -18.317 -2.397  -14.496 1.00 13.16 ? 463  GLN A CG    1 
ATOM   534  C  CD    . GLN A 1 70 ? -19.239 -2.681  -13.337 1.00 11.69 ? 463  GLN A CD    1 
ATOM   535  O  OE1   . GLN A 1 70 ? -20.455 -2.740  -13.499 1.00 8.43  ? 463  GLN A OE1   1 
ATOM   536  N  NE2   . GLN A 1 70 ? -18.656 -2.911  -12.149 1.00 13.75 ? 463  GLN A NE2   1 
ATOM   537  N  N     . LYS A 1 71 ? -17.825 -6.818  -16.543 1.00 14.60 ? 464  LYS A N     1 
ATOM   538  C  CA    . LYS A 1 71 ? -18.000 -7.781  -17.621 1.00 15.04 ? 464  LYS A CA    1 
ATOM   539  C  C     . LYS A 1 71 ? -18.024 -9.233  -17.164 1.00 15.92 ? 464  LYS A C     1 
ATOM   540  O  O     . LYS A 1 71 ? -18.325 -10.108 -17.952 1.00 15.17 ? 464  LYS A O     1 
ATOM   541  C  CB    . LYS A 1 71 ? -16.953 -7.575  -18.722 1.00 15.16 ? 464  LYS A CB    1 
ATOM   542  C  CG    . LYS A 1 71 ? -17.507 -6.782  -19.933 1.00 15.47 ? 464  LYS A CG    1 
ATOM   543  C  CD    . LYS A 1 71 ? -16.538 -6.729  -21.122 1.00 18.40 ? 464  LYS A CD    1 
ATOM   544  C  CE    . LYS A 1 71 ? -16.658 -7.978  -22.074 1.00 19.12 ? 464  LYS A CE    1 
ATOM   545  N  NZ    . LYS A 1 71 ? -18.061 -8.394  -22.384 1.00 20.92 ? 464  LYS A NZ    1 
ATOM   546  N  N     . CYS A 1 72 ? -17.703 -9.492  -15.887 1.00 16.70 ? 465  CYS A N     1 
ATOM   547  C  CA    . CYS A 1 72 ? -17.975 -10.806 -15.306 1.00 17.39 ? 465  CYS A CA    1 
ATOM   548  C  C     . CYS A 1 72 ? -18.226 -10.695 -13.819 1.00 18.59 ? 465  CYS A C     1 
ATOM   549  O  O     . CYS A 1 72 ? -18.346 -9.587  -13.289 1.00 18.93 ? 465  CYS A O     1 
ATOM   550  C  CB    . CYS A 1 72 ? -16.834 -11.781 -15.591 1.00 17.16 ? 465  CYS A CB    1 
ATOM   551  S  SG    . CYS A 1 72 ? -15.209 -11.246 -14.973 1.00 18.40 ? 465  CYS A SG    1 
ATOM   552  N  N     . ASP A 1 73 ? -18.306 -11.846 -13.146 1.00 19.52 ? 466  ASP A N     1 
ATOM   553  C  CA    . ASP A 1 73 ? -18.609 -11.906 -11.696 1.00 20.92 ? 466  ASP A CA    1 
ATOM   554  C  C     . ASP A 1 73 ? -17.414 -11.504 -10.814 1.00 20.79 ? 466  ASP A C     1 
ATOM   555  O  O     . ASP A 1 73 ? -17.572 -11.258 -9.632  1.00 20.92 ? 466  ASP A O     1 
ATOM   556  C  CB    . ASP A 1 73 ? -19.071 -13.318 -11.292 1.00 20.63 ? 466  ASP A CB    1 
ATOM   557  C  CG    . ASP A 1 73 ? -20.489 -13.611 -11.716 1.00 23.42 ? 466  ASP A CG    1 
ATOM   558  O  OD1   . ASP A 1 73 ? -20.947 -13.000 -12.709 1.00 23.94 ? 466  ASP A OD1   1 
ATOM   559  O  OD2   . ASP A 1 73 ? -21.154 -14.461 -11.064 1.00 25.34 ? 466  ASP A OD2   1 
ATOM   560  N  N     . ARG A 1 74 ? -16.226 -11.478 -11.390 1.00 20.84 ? 467  ARG A N     1 
ATOM   561  C  CA    . ARG A 1 74 ? -15.008 -11.412 -10.596 1.00 20.69 ? 467  ARG A CA    1 
ATOM   562  C  C     . ARG A 1 74 ? -14.784 -10.040 -10.025 1.00 20.65 ? 467  ARG A C     1 
ATOM   563  O  O     . ARG A 1 74 ? -14.988 -9.037  -10.700 1.00 20.59 ? 467  ARG A O     1 
ATOM   564  C  CB    . ARG A 1 74 ? -13.801 -11.842 -11.420 1.00 20.65 ? 467  ARG A CB    1 
ATOM   565  C  CG    . ARG A 1 74 ? -13.841 -13.293 -11.838 1.00 22.28 ? 467  ARG A CG    1 
ATOM   566  C  CD    . ARG A 1 74 ? -12.571 -13.675 -12.538 1.00 26.00 ? 467  ARG A CD    1 
ATOM   567  N  NE    . ARG A 1 74 ? -11.409 -13.396 -11.698 1.00 29.02 ? 467  ARG A NE    1 
ATOM   568  C  CZ    . ARG A 1 74 ? -10.474 -14.292 -11.401 1.00 31.24 ? 467  ARG A CZ    1 
ATOM   569  N  NH1   . ARG A 1 74 ? -9.451  -13.956 -10.630 1.00 31.21 ? 467  ARG A NH1   1 
ATOM   570  N  NH2   . ARG A 1 74 ? -10.551 -15.525 -11.893 1.00 33.86 ? 467  ARG A NH2   1 
ATOM   571  N  N     . ALA A 1 75 ? -14.343 -9.997  -8.768  1.00 20.78 ? 468  ALA A N     1 
ATOM   572  C  CA    . ALA A 1 75 ? -14.088 -8.739  -8.098  1.00 20.41 ? 468  ALA A CA    1 
ATOM   573  C  C     . ALA A 1 75 ? -12.687 -8.706  -7.549  1.00 20.55 ? 468  ALA A C     1 
ATOM   574  O  O     . ALA A 1 75 ? -12.039 -9.734  -7.417  1.00 20.84 ? 468  ALA A O     1 
ATOM   575  C  CB    . ALA A 1 75 ? -15.087 -8.521  -7.007  1.00 20.21 ? 468  ALA A CB    1 
ATOM   576  N  N     . PHE A 1 76 ? -12.205 -7.518  -7.234  1.00 20.35 ? 469  PHE A N     1 
ATOM   577  C  CA    . PHE A 1 76 ? -10.819 -7.372  -6.870  1.00 20.31 ? 469  PHE A CA    1 
ATOM   578  C  C     . PHE A 1 76 ? -10.662 -6.441  -5.703  1.00 20.89 ? 469  PHE A C     1 
ATOM   579  O  O     . PHE A 1 76 ? -11.509 -5.608  -5.459  1.00 21.53 ? 469  PHE A O     1 
ATOM   580  C  CB    . PHE A 1 76 ? -10.025 -6.882  -8.073  1.00 19.52 ? 469  PHE A CB    1 
ATOM   581  C  CG    . PHE A 1 76 ? -10.028 -7.844  -9.199  1.00 18.71 ? 469  PHE A CG    1 
ATOM   582  C  CD1   . PHE A 1 76 ? -9.155  -8.911  -9.207  1.00 18.08 ? 469  PHE A CD1   1 
ATOM   583  C  CD2   . PHE A 1 76 ? -10.991 -7.759  -10.201 1.00 18.18 ? 469  PHE A CD2   1 
ATOM   584  C  CE1   . PHE A 1 76 ? -9.193  -9.841  -10.225 1.00 17.97 ? 469  PHE A CE1   1 
ATOM   585  C  CE2   . PHE A 1 76 ? -11.034 -8.675  -11.230 1.00 14.43 ? 469  PHE A CE2   1 
ATOM   586  C  CZ    . PHE A 1 76 ? -10.145 -9.720  -11.249 1.00 17.36 ? 469  PHE A CZ    1 
ATOM   587  N  N     . SER A 1 77 ? -9.578  -6.575  -4.975  1.00 21.24 ? 470  SER A N     1 
ATOM   588  C  CA    . SER A 1 77 ? -9.354  -5.656  -3.882  1.00 21.76 ? 470  SER A CA    1 
ATOM   589  C  C     . SER A 1 77 ? -8.593  -4.390  -4.323  1.00 21.75 ? 470  SER A C     1 
ATOM   590  O  O     . SER A 1 77 ? -8.620  -3.381  -3.620  1.00 22.07 ? 470  SER A O     1 
ATOM   591  C  CB    . SER A 1 77 ? -8.656  -6.344  -2.731  1.00 20.71 ? 470  SER A CB    1 
ATOM   592  O  OG    . SER A 1 77 ? -7.336  -6.615  -3.069  1.00 24.04 ? 470  SER A OG    1 
ATOM   593  N  N     . ARG A 1 78 ? -7.960  -4.435  -5.503  1.00 20.99 ? 471  ARG A N     1 
ATOM   594  C  CA    . ARG A 1 78 ? -7.109  -3.311  -5.974  1.00 20.42 ? 471  ARG A CA    1 
ATOM   595  C  C     . ARG A 1 78 ? -7.482  -2.962  -7.367  1.00 20.55 ? 471  ARG A C     1 
ATOM   596  O  O     . ARG A 1 78 ? -7.922  -3.820  -8.105  1.00 21.36 ? 471  ARG A O     1 
ATOM   597  C  CB    . ARG A 1 78 ? -5.627  -3.709  -5.972  1.00 20.17 ? 471  ARG A CB    1 
ATOM   598  C  CG    . ARG A 1 78 ? -4.985  -3.817  -4.632  1.00 18.19 ? 471  ARG A CG    1 
ATOM   599  C  CD    . ARG A 1 78 ? -3.860  -4.815  -4.677  1.00 17.70 ? 471  ARG A CD    1 
ATOM   600  N  NE    . ARG A 1 78 ? -2.921  -4.550  -5.759  1.00 16.58 ? 471  ARG A NE    1 
ATOM   601  C  CZ    . ARG A 1 78 ? -1.618  -4.761  -5.678  1.00 12.30 ? 471  ARG A CZ    1 
ATOM   602  N  NH1   . ARG A 1 78 ? -1.097  -5.234  -4.580  1.00 11.01 ? 471  ARG A NH1   1 
ATOM   603  N  NH2   . ARG A 1 78 ? -0.843  -4.513  -6.705  1.00 14.21 ? 471  ARG A NH2   1 
ATOM   604  N  N     . SER A 1 79 ? -7.240  -1.728  -7.780  1.00 20.37 ? 472  SER A N     1 
ATOM   605  C  CA    . SER A 1 79 ? -7.705  -1.310  -9.113  1.00 20.04 ? 472  SER A CA    1 
ATOM   606  C  C     . SER A 1 79 ? -6.829  -1.868  -10.208 1.00 18.91 ? 472  SER A C     1 
ATOM   607  O  O     . SER A 1 79 ? -7.309  -2.123  -11.337 1.00 17.86 ? 472  SER A O     1 
ATOM   608  C  CB    . SER A 1 79 ? -7.798  0.209   -9.227  1.00 20.21 ? 472  SER A CB    1 
ATOM   609  O  OG    . SER A 1 79 ? -6.541  0.800   -8.928  1.00 22.58 ? 472  SER A OG    1 
ATOM   610  N  N     . ASP A 1 80 ? -5.546  -2.081  -9.885  1.00 17.79 ? 473  ASP A N     1 
ATOM   611  C  CA    . ASP A 1 80 ? -4.584  -2.555  -10.892 1.00 16.95 ? 473  ASP A CA    1 
ATOM   612  C  C     . ASP A 1 80 ? -4.878  -3.978  -11.260 1.00 16.52 ? 473  ASP A C     1 
ATOM   613  O  O     . ASP A 1 80 ? -4.799  -4.345  -12.422 1.00 17.14 ? 473  ASP A O     1 
ATOM   614  C  CB    . ASP A 1 80 ? -3.109  -2.387  -10.435 1.00 16.61 ? 473  ASP A CB    1 
ATOM   615  C  CG    . ASP A 1 80 ? -2.853  -2.926  -9.008  1.00 18.25 ? 473  ASP A CG    1 
ATOM   616  O  OD1   . ASP A 1 80 ? -3.822  -3.104  -8.273  1.00 20.20 ? 473  ASP A OD1   1 
ATOM   617  O  OD2   . ASP A 1 80 ? -1.669  -3.158  -8.630  1.00 16.67 ? 473  ASP A OD2   1 
ATOM   618  N  N     . HIS A 1 81 ? -5.265  -4.780  -10.275 1.00 16.45 ? 474  HIS A N     1 
ATOM   619  C  CA    . HIS A 1 81 ? -5.666  -6.162  -10.542 1.00 16.68 ? 474  HIS A CA    1 
ATOM   620  C  C     . HIS A 1 81 ? -6.846  -6.214  -11.509 1.00 16.86 ? 474  HIS A C     1 
ATOM   621  O  O     . HIS A 1 81 ? -6.893  -7.076  -12.405 1.00 17.04 ? 474  HIS A O     1 
ATOM   622  C  CB    . HIS A 1 81 ? -6.033  -6.891  -9.251  1.00 16.72 ? 474  HIS A CB    1 
ATOM   623  C  CG    . HIS A 1 81 ? -4.860  -7.206  -8.380  1.00 17.78 ? 474  HIS A CG    1 
ATOM   624  N  ND1   . HIS A 1 81 ? -4.996  -7.675  -7.088  1.00 18.13 ? 474  HIS A ND1   1 
ATOM   625  C  CD2   . HIS A 1 81 ? -3.527  -7.098  -8.603  1.00 18.14 ? 474  HIS A CD2   1 
ATOM   626  C  CE1   . HIS A 1 81 ? -3.798  -7.855  -6.558  1.00 19.93 ? 474  HIS A CE1   1 
ATOM   627  N  NE2   . HIS A 1 81 ? -2.889  -7.509  -7.456  1.00 20.28 ? 474  HIS A NE2   1 
ATOM   628  N  N     . LEU A 1 82 ? -7.799  -5.297  -11.331 1.00 16.28 ? 475  LEU A N     1 
ATOM   629  C  CA    . LEU A 1 82 ? -8.958  -5.223  -12.214 1.00 15.84 ? 475  LEU A CA    1 
ATOM   630  C  C     . LEU A 1 82 ? -8.534  -4.791  -13.622 1.00 15.37 ? 475  LEU A C     1 
ATOM   631  O  O     . LEU A 1 82 ? -8.864  -5.447  -14.606 1.00 16.29 ? 475  LEU A O     1 
ATOM   632  C  CB    . LEU A 1 82 ? -9.992  -4.256  -11.645 1.00 16.01 ? 475  LEU A CB    1 
ATOM   633  C  CG    . LEU A 1 82 ? -11.181 -3.879  -12.547 1.00 15.82 ? 475  LEU A CG    1 
ATOM   634  C  CD1   . LEU A 1 82 ? -11.886 -5.154  -13.005 1.00 15.67 ? 475  LEU A CD1   1 
ATOM   635  C  CD2   . LEU A 1 82 ? -12.157 -2.942  -11.810 1.00 9.90  ? 475  LEU A CD2   1 
ATOM   636  N  N     . ALA A 1 83 ? -7.766  -3.717  -13.703 1.00 14.36 ? 476  ALA A N     1 
ATOM   637  C  CA    . ALA A 1 83 ? -7.306  -3.208  -14.982 1.00 14.11 ? 476  ALA A CA    1 
ATOM   638  C  C     . ALA A 1 83 ? -6.638  -4.316  -15.745 1.00 14.62 ? 476  ALA A C     1 
ATOM   639  O  O     . ALA A 1 83 ? -6.858  -4.481  -16.946 1.00 15.12 ? 476  ALA A O     1 
ATOM   640  C  CB    . ALA A 1 83 ? -6.354  -2.065  -14.788 1.00 13.13 ? 476  ALA A CB    1 
ATOM   641  N  N     . LEU A 1 84 ? -5.834  -5.108  -15.051 1.00 14.79 ? 477  LEU A N     1 
ATOM   642  C  CA    . LEU A 1 84 ? -5.128  -6.176  -15.720 1.00 14.78 ? 477  LEU A CA    1 
ATOM   643  C  C     . LEU A 1 84 ? -6.088  -7.223  -16.185 1.00 14.99 ? 477  LEU A C     1 
ATOM   644  O  O     . LEU A 1 84 ? -5.962  -7.756  -17.304 1.00 13.94 ? 477  LEU A O     1 
ATOM   645  C  CB    . LEU A 1 84 ? -4.082  -6.774  -14.828 1.00 13.99 ? 477  LEU A CB    1 
ATOM   646  C  CG    . LEU A 1 84 ? -2.760  -6.045  -14.971 1.00 16.04 ? 477  LEU A CG    1 
ATOM   647  C  CD1   . LEU A 1 84 ? -1.746  -6.410  -13.834 1.00 13.74 ? 477  LEU A CD1   1 
ATOM   648  C  CD2   . LEU A 1 84 ? -2.168  -6.291  -16.362 1.00 14.51 ? 477  LEU A CD2   1 
ATOM   649  N  N     . HIS A 1 85 ? -7.086  -7.492  -15.349 1.00 15.78 ? 478  HIS A N     1 
ATOM   650  C  CA    . HIS A 1 85 ? -8.096  -8.477  -15.679 1.00 16.69 ? 478  HIS A CA    1 
ATOM   651  C  C     . HIS A 1 85 ? -8.942  -8.004  -16.846 1.00 17.46 ? 478  HIS A C     1 
ATOM   652  O  O     . HIS A 1 85 ? -9.097  -8.722  -17.806 1.00 18.03 ? 478  HIS A O     1 
ATOM   653  C  CB    . HIS A 1 85 ? -8.965  -8.792  -14.472 1.00 16.88 ? 478  HIS A CB    1 
ATOM   654  C  CG    . HIS A 1 85 ? -10.312 -9.325  -14.828 1.00 17.94 ? 478  HIS A CG    1 
ATOM   655  N  ND1   . HIS A 1 85 ? -10.538 -10.658 -15.104 1.00 20.23 ? 478  HIS A ND1   1 
ATOM   656  C  CD2   . HIS A 1 85 ? -11.503 -8.700  -14.983 1.00 17.63 ? 478  HIS A CD2   1 
ATOM   657  C  CE1   . HIS A 1 85 ? -11.814 -10.830 -15.409 1.00 21.15 ? 478  HIS A CE1   1 
ATOM   658  N  NE2   . HIS A 1 85 ? -12.421 -9.658  -15.338 1.00 20.47 ? 478  HIS A NE2   1 
ATOM   659  N  N     . MET A 1 86 ? -9.439  -6.766  -16.786 1.00 18.23 ? 479  MET A N     1 
ATOM   660  C  CA    . MET A 1 86 ? -10.221 -6.201  -17.910 1.00 19.13 ? 479  MET A CA    1 
ATOM   661  C  C     . MET A 1 86 ? -9.597  -6.550  -19.237 1.00 19.83 ? 479  MET A C     1 
ATOM   662  O  O     . MET A 1 86 ? -10.260 -7.112  -20.128 1.00 19.65 ? 479  MET A O     1 
ATOM   663  C  CB    . MET A 1 86 ? -10.328 -4.676  -17.807 1.00 19.46 ? 479  MET A CB    1 
ATOM   664  C  CG    . MET A 1 86 ? -11.636 -4.181  -17.260 1.00 20.57 ? 479  MET A CG    1 
ATOM   665  S  SD    . MET A 1 86 ? -13.080 -4.867  -18.105 1.00 22.23 ? 479  MET A SD    1 
ATOM   666  C  CE    . MET A 1 86 ? -14.306 -4.693  -16.791 1.00 22.28 ? 479  MET A CE    1 
ATOM   667  N  N     . LYS A 1 87 ? -8.322  -6.191  -19.396 1.00 20.57 ? 480  LYS A N     1 
ATOM   668  C  CA    . LYS A 1 87 ? -7.634  -6.407  -20.673 1.00 21.06 ? 480  LYS A CA    1 
ATOM   669  C  C     . LYS A 1 87 ? -7.821  -7.834  -21.203 1.00 20.75 ? 480  LYS A C     1 
ATOM   670  O  O     . LYS A 1 87 ? -7.949  -8.039  -22.405 1.00 20.88 ? 480  LYS A O     1 
ATOM   671  C  CB    . LYS A 1 87 ? -6.162  -6.057  -20.562 1.00 20.80 ? 480  LYS A CB    1 
ATOM   672  C  CG    . LYS A 1 87 ? -5.925  -4.610  -20.248 1.00 23.84 ? 480  LYS A CG    1 
ATOM   673  C  CD    . LYS A 1 87 ? -4.424  -4.311  -20.156 1.00 28.79 ? 480  LYS A CD    1 
ATOM   674  C  CE    . LYS A 1 87 ? -4.091  -2.902  -20.702 1.00 31.43 ? 480  LYS A CE    1 
ATOM   675  N  NZ    . LYS A 1 87 ? -4.188  -1.854  -19.634 1.00 31.41 ? 480  LYS A NZ    1 
ATOM   676  N  N     . ARG A 1 88 ? -7.870  -8.805  -20.298 1.00 20.28 ? 481  ARG A N     1 
ATOM   677  C  CA    . ARG A 1 88 ? -8.125  -10.171 -20.687 1.00 20.95 ? 481  ARG A CA    1 
ATOM   678  C  C     . ARG A 1 88 ? -9.474  -10.352 -21.360 1.00 21.03 ? 481  ARG A C     1 
ATOM   679  O  O     . ARG A 1 88 ? -9.756  -11.415 -21.881 1.00 20.48 ? 481  ARG A O     1 
ATOM   680  C  CB    . ARG A 1 88 ? -8.048  -11.100 -19.488 1.00 21.09 ? 481  ARG A CB    1 
ATOM   681  C  CG    . ARG A 1 88 ? -6.656  -11.579 -19.170 1.00 22.58 ? 481  ARG A CG    1 
ATOM   682  C  CD    . ARG A 1 88 ? -6.556  -12.072 -17.710 1.00 23.75 ? 481  ARG A CD    1 
ATOM   683  N  NE    . ARG A 1 88 ? -6.652  -13.542 -17.571 1.00 24.82 ? 481  ARG A NE    1 
ATOM   684  C  CZ    . ARG A 1 88 ? -6.385  -14.421 -18.536 1.00 23.43 ? 481  ARG A CZ    1 
ATOM   685  N  NH1   . ARG A 1 88 ? -6.024  -14.010 -19.745 1.00 22.71 ? 481  ARG A NH1   1 
ATOM   686  N  NH2   . ARG A 1 88 ? -6.497  -15.714 -18.297 1.00 23.32 ? 481  ARG A NH2   1 
ATOM   687  N  N     . HIS A 1 89 ? -10.327 -9.335  -21.316 1.00 21.23 ? 482  HIS A N     1 
ATOM   688  C  CA    . HIS A 1 89 ? -11.675 -9.485  -21.877 1.00 22.06 ? 482  HIS A CA    1 
ATOM   689  C  C     . HIS A 1 89 ? -11.726 -9.174  -23.349 1.00 22.39 ? 482  HIS A C     1 
ATOM   690  O  O     . HIS A 1 89 ? -12.689 -9.540  -24.041 1.00 21.84 ? 482  HIS A O     1 
ATOM   691  C  CB    . HIS A 1 89 ? -12.681 -8.613  -21.144 1.00 22.43 ? 482  HIS A CB    1 
ATOM   692  C  CG    . HIS A 1 89 ? -13.269 -9.261  -19.927 1.00 22.74 ? 482  HIS A CG    1 
ATOM   693  N  ND1   . HIS A 1 89 ? -13.958 -10.451 -19.978 1.00 20.97 ? 482  HIS A ND1   1 
ATOM   694  C  CD2   . HIS A 1 89 ? -13.285 -8.870  -18.629 1.00 21.34 ? 482  HIS A CD2   1 
ATOM   695  C  CE1   . HIS A 1 89 ? -14.383 -10.761 -18.770 1.00 22.21 ? 482  HIS A CE1   1 
ATOM   696  N  NE2   . HIS A 1 89 ? -13.983 -9.820  -17.931 1.00 24.23 ? 482  HIS A NE2   1 
ATOM   697  N  N     . PHE A 1 90 ? -10.692 -8.500  -23.833 1.00 22.68 ? 483  PHE A N     1 
ATOM   698  C  CA    . PHE A 1 90 ? -10.609 -8.166  -25.234 1.00 23.82 ? 483  PHE A CA    1 
ATOM   699  C  C     . PHE A 1 90 ? -9.407  -8.835  -25.867 1.00 24.69 ? 483  PHE A C     1 
ATOM   700  O  O     . PHE A 1 90 ? -9.547  -9.924  -26.415 1.00 25.57 ? 483  PHE A O     1 
ATOM   701  C  CB    . PHE A 1 90 ? -10.578 -6.646  -25.409 1.00 23.69 ? 483  PHE A CB    1 
ATOM   702  C  CG    . PHE A 1 90 ? -11.635 -5.942  -24.615 1.00 23.10 ? 483  PHE A CG    1 
ATOM   703  C  CD1   . PHE A 1 90 ? -11.389 -5.551  -23.302 1.00 20.56 ? 483  PHE A CD1   1 
ATOM   704  C  CD2   . PHE A 1 90 ? -12.923 -5.766  -25.145 1.00 21.99 ? 483  PHE A CD2   1 
ATOM   705  C  CE1   . PHE A 1 90 ? -12.371 -4.940  -22.544 1.00 19.93 ? 483  PHE A CE1   1 
ATOM   706  C  CE2   . PHE A 1 90 ? -13.916 -5.171  -24.397 1.00 21.48 ? 483  PHE A CE2   1 
ATOM   707  C  CZ    . PHE A 1 90 ? -13.642 -4.753  -23.079 1.00 21.54 ? 483  PHE A CZ    1 
ATOM   708  O  OXT   . PHE A 1 90 ? -8.274  -8.336  -25.827 1.00 25.02 ? 483  PHE A OXT   1 
ATOM   709  O  "O5'" . DG  B 2 1  ? -5.919  -12.114 -7.612  1.00 26.35 ? 1    DG  B "O5'" 1 
ATOM   710  C  "C5'" . DG  B 2 1  ? -5.603  -13.449 -7.249  1.00 22.16 ? 1    DG  B "C5'" 1 
ATOM   711  C  "C4'" . DG  B 2 1  ? -4.545  -13.459 -6.175  1.00 21.01 ? 1    DG  B "C4'" 1 
ATOM   712  O  "O4'" . DG  B 2 1  ? -3.251  -13.314 -6.783  1.00 21.42 ? 1    DG  B "O4'" 1 
ATOM   713  C  "C3'" . DG  B 2 1  ? -4.660  -12.343 -5.158  1.00 21.10 ? 1    DG  B "C3'" 1 
ATOM   714  O  "O3'" . DG  B 2 1  ? -4.359  -12.879 -3.918  1.00 21.73 ? 1    DG  B "O3'" 1 
ATOM   715  C  "C2'" . DG  B 2 1  ? -3.612  -11.323 -5.586  1.00 20.76 ? 1    DG  B "C2'" 1 
ATOM   716  C  "C1'" . DG  B 2 1  ? -2.577  -12.194 -6.268  1.00 21.25 ? 1    DG  B "C1'" 1 
ATOM   717  N  N9    . DG  B 2 1  ? -1.896  -11.593 -7.409  1.00 21.88 ? 1    DG  B N9    1 
ATOM   718  C  C8    . DG  B 2 1  ? -2.451  -10.932 -8.472  1.00 21.71 ? 1    DG  B C8    1 
ATOM   719  N  N7    . DG  B 2 1  ? -1.564  -10.574 -9.361  1.00 20.94 ? 1    DG  B N7    1 
ATOM   720  C  C5    . DG  B 2 1  ? -0.360  -11.042 -8.853  1.00 19.86 ? 1    DG  B C5    1 
ATOM   721  C  C6    . DG  B 2 1  ? 0.946   -10.938 -9.362  1.00 21.73 ? 1    DG  B C6    1 
ATOM   722  O  O6    . DG  B 2 1  ? 1.317   -10.397 -10.395 1.00 23.76 ? 1    DG  B O6    1 
ATOM   723  N  N1    . DG  B 2 1  ? 1.881   -11.526 -8.540  1.00 20.97 ? 1    DG  B N1    1 
ATOM   724  C  C2    . DG  B 2 1  ? 1.576   -12.150 -7.354  1.00 20.92 ? 1    DG  B C2    1 
ATOM   725  N  N2    . DG  B 2 1  ? 2.600   -12.681 -6.670  1.00 19.05 ? 1    DG  B N2    1 
ATOM   726  N  N3    . DG  B 2 1  ? 0.351   -12.261 -6.873  1.00 20.07 ? 1    DG  B N3    1 
ATOM   727  C  C4    . DG  B 2 1  ? -0.552  -11.666 -7.667  1.00 20.46 ? 1    DG  B C4    1 
ATOM   728  P  P     . DA  B 2 2  ? -4.192  -11.917 -2.670  1.00 20.27 ? 2    DA  B P     1 
ATOM   729  O  OP1   . DA  B 2 2  ? -4.456  -12.711 -1.471  1.00 21.96 ? 2    DA  B OP1   1 
ATOM   730  O  OP2   . DA  B 2 2  ? -4.935  -10.673 -2.906  1.00 21.79 ? 2    DA  B OP2   1 
ATOM   731  O  "O5'" . DA  B 2 2  ? -2.669  -11.573 -2.730  1.00 17.33 ? 2    DA  B "O5'" 1 
ATOM   732  C  "C5'" . DA  B 2 2  ? -1.714  -12.525 -2.329  1.00 17.88 ? 2    DA  B "C5'" 1 
ATOM   733  C  "C4'" . DA  B 2 2  ? -0.397  -11.807 -2.101  1.00 18.33 ? 2    DA  B "C4'" 1 
ATOM   734  O  "O4'" . DA  B 2 2  ? 0.186   -11.342 -3.359  1.00 13.93 ? 2    DA  B "O4'" 1 
ATOM   735  C  "C3'" . DA  B 2 2  ? -0.555  -10.588 -1.213  1.00 18.35 ? 2    DA  B "C3'" 1 
ATOM   736  O  "O3'" . DA  B 2 2  ? 0.450   -10.715 -0.241  1.00 20.84 ? 2    DA  B "O3'" 1 
ATOM   737  C  "C2'" . DA  B 2 2  ? -0.384  -9.404  -2.170  1.00 15.47 ? 2    DA  B "C2'" 1 
ATOM   738  C  "C1'" . DA  B 2 2  ? 0.559   -10.001 -3.236  1.00 19.14 ? 2    DA  B "C1'" 1 
ATOM   739  N  N9    . DA  B 2 2  ? 0.567   -9.391  -4.608  1.00 21.08 ? 2    DA  B N9    1 
ATOM   740  C  C8    . DA  B 2 2  ? -0.490  -8.885  -5.304  1.00 19.96 ? 2    DA  B C8    1 
ATOM   741  N  N7    . DA  B 2 2  ? -0.163  -8.419  -6.491  1.00 20.61 ? 2    DA  B N7    1 
ATOM   742  C  C5    . DA  B 2 2  ? 1.192   -8.635  -6.596  1.00 19.84 ? 2    DA  B C5    1 
ATOM   743  C  C6    . DA  B 2 2  ? 2.133   -8.352  -7.626  1.00 21.32 ? 2    DA  B C6    1 
ATOM   744  N  N6    . DA  B 2 2  ? 1.816   -7.795  -8.799  1.00 18.81 ? 2    DA  B N6    1 
ATOM   745  N  N1    . DA  B 2 2  ? 3.428   -8.659  -7.393  1.00 22.27 ? 2    DA  B N1    1 
ATOM   746  C  C2    . DA  B 2 2  ? 3.751   -9.222  -6.211  1.00 20.62 ? 2    DA  B C2    1 
ATOM   747  N  N3    . DA  B 2 2  ? 2.944   -9.548  -5.196  1.00 20.78 ? 2    DA  B N3    1 
ATOM   748  C  C4    . DA  B 2 2  ? 1.668   -9.221  -5.448  1.00 19.36 ? 2    DA  B C4    1 
ATOM   749  P  P     . DG  B 2 3  ? 0.522   -9.733  1.023   1.00 19.59 ? 3    DG  B P     1 
ATOM   750  O  OP1   . DG  B 2 3  ? 0.792   -10.587 2.160   1.00 21.89 ? 3    DG  B OP1   1 
ATOM   751  O  OP2   . DG  B 2 3  ? -0.648  -8.819  1.010   1.00 18.16 ? 3    DG  B OP2   1 
ATOM   752  O  "O5'" . DG  B 2 3  ? 1.861   -8.881  0.700   1.00 19.27 ? 3    DG  B "O5'" 1 
ATOM   753  C  "C5'" . DG  B 2 3  ? 3.106   -9.545  0.577   1.00 18.15 ? 3    DG  B "C5'" 1 
ATOM   754  C  "C4'" . DG  B 2 3  ? 4.167   -8.603  0.055   1.00 15.99 ? 3    DG  B "C4'" 1 
ATOM   755  O  "O4'" . DG  B 2 3  ? 3.817   -8.255  -1.284  1.00 20.86 ? 3    DG  B "O4'" 1 
ATOM   756  C  "C3'" . DG  B 2 3  ? 4.274   -7.278  0.791   1.00 17.98 ? 3    DG  B "C3'" 1 
ATOM   757  O  "O3'" . DG  B 2 3  ? 5.617   -7.127  1.250   1.00 16.30 ? 3    DG  B "O3'" 1 
ATOM   758  C  "C2'" . DG  B 2 3  ? 3.862   -6.209  -0.238  1.00 15.94 ? 3    DG  B "C2'" 1 
ATOM   759  C  "C1'" . DG  B 2 3  ? 4.147   -6.920  -1.543  1.00 18.96 ? 3    DG  B "C1'" 1 
ATOM   760  N  N9    . DG  B 2 3  ? 3.364   -6.482  -2.705  1.00 19.24 ? 3    DG  B N9    1 
ATOM   761  C  C8    . DG  B 2 3  ? 2.005   -6.361  -2.781  1.00 20.78 ? 3    DG  B C8    1 
ATOM   762  N  N7    . DG  B 2 3  ? 1.566   -5.960  -3.948  1.00 20.89 ? 3    DG  B N7    1 
ATOM   763  C  C5    . DG  B 2 3  ? 2.716   -5.785  -4.705  1.00 20.39 ? 3    DG  B C5    1 
ATOM   764  C  C6    . DG  B 2 3  ? 2.849   -5.380  -6.049  1.00 20.43 ? 3    DG  B C6    1 
ATOM   765  O  O6    . DG  B 2 3  ? 1.961   -5.057  -6.832  1.00 23.15 ? 3    DG  B O6    1 
ATOM   766  N  N1    . DG  B 2 3  ? 4.162   -5.348  -6.459  1.00 19.67 ? 3    DG  B N1    1 
ATOM   767  C  C2    . DG  B 2 3  ? 5.243   -5.696  -5.642  1.00 20.18 ? 3    DG  B C2    1 
ATOM   768  N  N2    . DG  B 2 3  ? 6.459   -5.603  -6.209  1.00 17.03 ? 3    DG  B N2    1 
ATOM   769  N  N3    . DG  B 2 3  ? 5.141   -6.111  -4.372  1.00 16.68 ? 3    DG  B N3    1 
ATOM   770  C  C4    . DG  B 2 3  ? 3.841   -6.117  -3.965  1.00 20.60 ? 3    DG  B C4    1 
ATOM   771  P  P     . DG  B 2 4  ? 6.129   -5.739  1.851   1.00 17.37 ? 4    DG  B P     1 
ATOM   772  O  OP1   . DG  B 2 4  ? 7.246   -6.054  2.752   1.00 21.93 ? 4    DG  B OP1   1 
ATOM   773  O  OP2   . DG  B 2 4  ? 5.007   -4.946  2.306   1.00 16.34 ? 4    DG  B OP2   1 
ATOM   774  O  "O5'" . DG  B 2 4  ? 6.723   -4.959  0.612   1.00 19.70 ? 4    DG  B "O5'" 1 
ATOM   775  C  "C5'" . DG  B 2 4  ? 7.813   -5.464  -0.061  1.00 17.06 ? 4    DG  B "C5'" 1 
ATOM   776  C  "C4'" . DG  B 2 4  ? 8.313   -4.353  -0.943  1.00 19.64 ? 4    DG  B "C4'" 1 
ATOM   777  O  "O4'" . DG  B 2 4  ? 7.421   -4.189  -2.072  1.00 18.69 ? 4    DG  B "O4'" 1 
ATOM   778  C  "C3'" . DG  B 2 4  ? 8.392   -2.981  -0.268  1.00 17.19 ? 4    DG  B "C3'" 1 
ATOM   779  O  "O3'" . DG  B 2 4  ? 9.571   -2.434  -0.707  1.00 17.80 ? 4    DG  B "O3'" 1 
ATOM   780  C  "C2'" . DG  B 2 4  ? 7.221   -2.234  -0.860  1.00 18.35 ? 4    DG  B "C2'" 1 
ATOM   781  C  "C1'" . DG  B 2 4  ? 7.144   -2.830  -2.263  1.00 17.48 ? 4    DG  B "C1'" 1 
ATOM   782  N  N9    . DG  B 2 4  ? 5.797   -2.784  -2.818  1.00 17.29 ? 4    DG  B N9    1 
ATOM   783  C  C8    . DG  B 2 4  ? 4.645   -3.134  -2.152  1.00 19.71 ? 4    DG  B C8    1 
ATOM   784  N  N7    . DG  B 2 4  ? 3.566   -3.029  -2.881  1.00 18.81 ? 4    DG  B N7    1 
ATOM   785  C  C5    . DG  B 2 4  ? 4.030   -2.540  -4.101  1.00 17.71 ? 4    DG  B C5    1 
ATOM   786  C  C6    . DG  B 2 4  ? 3.303   -2.240  -5.270  1.00 18.63 ? 4    DG  B C6    1 
ATOM   787  O  O6    . DG  B 2 4  ? 2.100   -2.315  -5.450  1.00 20.14 ? 4    DG  B O6    1 
ATOM   788  N  N1    . DG  B 2 4  ? 4.102   -1.832  -6.297  1.00 18.08 ? 4    DG  B N1    1 
ATOM   789  C  C2    . DG  B 2 4  ? 5.460   -1.691  -6.198  1.00 19.50 ? 4    DG  B C2    1 
ATOM   790  N  N2    . DG  B 2 4  ? 6.050   -1.244  -7.303  1.00 11.77 ? 4    DG  B N2    1 
ATOM   791  N  N3    . DG  B 2 4  ? 6.192   -1.976  -5.088  1.00 19.10 ? 4    DG  B N3    1 
ATOM   792  C  C4    . DG  B 2 4  ? 5.395   -2.389  -4.082  1.00 16.77 ? 4    DG  B C4    1 
ATOM   793  P  P     . DC  B 2 5  ? 10.094  -1.014  -0.213  1.00 19.41 ? 5    DC  B P     1 
ATOM   794  O  OP1   . DC  B 2 5  ? 11.563  -1.042  -0.306  1.00 17.18 ? 5    DC  B OP1   1 
ATOM   795  O  OP2   . DC  B 2 5  ? 9.396   -0.742  1.051   1.00 19.67 ? 5    DC  B OP2   1 
ATOM   796  O  "O5'" . DC  B 2 5  ? 9.558   0.006   -1.352  1.00 21.71 ? 5    DC  B "O5'" 1 
ATOM   797  C  "C5'" . DC  B 2 5  ? 9.915   -0.202  -2.724  1.00 20.46 ? 5    DC  B "C5'" 1 
ATOM   798  C  "C4'" . DC  B 2 5  ? 9.298   0.899   -3.550  1.00 24.60 ? 5    DC  B "C4'" 1 
ATOM   799  O  "O4'" . DC  B 2 5  ? 7.935   0.532   -3.896  1.00 23.48 ? 5    DC  B "O4'" 1 
ATOM   800  C  "C3'" . DC  B 2 5  ? 9.155   2.234   -2.824  1.00 24.96 ? 5    DC  B "C3'" 1 
ATOM   801  O  "O3'" . DC  B 2 5  ? 9.164   3.246   -3.753  1.00 25.97 ? 5    DC  B "O3'" 1 
ATOM   802  C  "C2'" . DC  B 2 5  ? 7.748   2.131   -2.298  1.00 26.30 ? 5    DC  B "C2'" 1 
ATOM   803  C  "C1'" . DC  B 2 5  ? 7.124   1.622   -3.592  1.00 23.96 ? 5    DC  B "C1'" 1 
ATOM   804  N  N1    . DC  B 2 5  ? 5.683   1.235   -3.499  1.00 22.53 ? 5    DC  B N1    1 
ATOM   805  C  C2    . DC  B 2 5  ? 4.851   1.321   -4.637  1.00 24.74 ? 5    DC  B C2    1 
ATOM   806  O  O2    . DC  B 2 5  ? 5.331   1.683   -5.719  1.00 27.93 ? 5    DC  B O2    1 
ATOM   807  N  N3    . DC  B 2 5  ? 3.542   1.013   -4.531  1.00 23.18 ? 5    DC  B N3    1 
ATOM   808  C  C4    . DC  B 2 5  ? 3.048   0.646   -3.342  1.00 24.13 ? 5    DC  B C4    1 
ATOM   809  N  N4    . DC  B 2 5  ? 1.751   0.322   -3.271  1.00 23.80 ? 5    DC  B N4    1 
ATOM   810  C  C5    . DC  B 2 5  ? 3.869   0.560   -2.172  1.00 24.66 ? 5    DC  B C5    1 
ATOM   811  C  C6    . DC  B 2 5  ? 5.172   0.870   -2.305  1.00 23.36 ? 5    DC  B C6    1 
ATOM   812  P  P     . DG  B 2 6  ? 10.340  4.292   -3.681  1.00 29.38 ? 6    DG  B P     1 
ATOM   813  O  OP1   . DG  B 2 6  ? 11.568  3.482   -3.783  1.00 24.49 ? 6    DG  B OP1   1 
ATOM   814  O  OP2   . DG  B 2 6  ? 10.109  5.168   -2.526  1.00 27.70 ? 6    DG  B OP2   1 
ATOM   815  O  "O5'" . DG  B 2 6  ? 10.135  5.206   -4.986  1.00 27.51 ? 6    DG  B "O5'" 1 
ATOM   816  C  "C5'" . DG  B 2 6  ? 10.175  4.644   -6.281  1.00 23.82 ? 6    DG  B "C5'" 1 
ATOM   817  C  "C4'" . DG  B 2 6  ? 9.263   5.456   -7.168  1.00 23.71 ? 6    DG  B "C4'" 1 
ATOM   818  O  "O4'" . DG  B 2 6  ? 7.891   5.008   -6.990  1.00 22.21 ? 6    DG  B "O4'" 1 
ATOM   819  C  "C3'" . DG  B 2 6  ? 9.258   6.951   -6.862  1.00 23.00 ? 6    DG  B "C3'" 1 
ATOM   820  O  "O3'" . DG  B 2 6  ? 9.193   7.622   -8.074  1.00 22.24 ? 6    DG  B "O3'" 1 
ATOM   821  C  "C2'" . DG  B 2 6  ? 7.957   7.116   -6.074  1.00 22.57 ? 6    DG  B "C2'" 1 
ATOM   822  C  "C1'" . DG  B 2 6  ? 7.058   6.092   -6.748  1.00 22.79 ? 6    DG  B "C1'" 1 
ATOM   823  N  N9    . DG  B 2 6  ? 5.971   5.634   -5.912  1.00 24.96 ? 6    DG  B N9    1 
ATOM   824  C  C8    . DG  B 2 6  ? 6.059   5.242   -4.591  1.00 26.40 ? 6    DG  B C8    1 
ATOM   825  N  N7    . DG  B 2 6  ? 4.921   4.880   -4.079  1.00 26.70 ? 6    DG  B N7    1 
ATOM   826  C  C5    . DG  B 2 6  ? 4.021   5.051   -5.113  1.00 25.61 ? 6    DG  B C5    1 
ATOM   827  C  C6    . DG  B 2 6  ? 2.644   4.827   -5.128  1.00 26.99 ? 6    DG  B C6    1 
ATOM   828  O  O6    . DG  B 2 6  ? 1.947   4.409   -4.206  1.00 32.86 ? 6    DG  B O6    1 
ATOM   829  N  N1    . DG  B 2 6  ? 2.071   5.113   -6.353  1.00 25.48 ? 6    DG  B N1    1 
ATOM   830  C  C2    . DG  B 2 6  ? 2.797   5.566   -7.433  1.00 25.10 ? 6    DG  B C2    1 
ATOM   831  N  N2    . DG  B 2 6  ? 2.100   5.808   -8.538  1.00 22.80 ? 6    DG  B N2    1 
ATOM   832  N  N3    . DG  B 2 6  ? 4.106   5.781   -7.432  1.00 23.87 ? 6    DG  B N3    1 
ATOM   833  C  C4    . DG  B 2 6  ? 4.647   5.506   -6.247  1.00 24.79 ? 6    DG  B C4    1 
ATOM   834  P  P     . DT  B 2 7  ? 9.293   9.203   -8.149  1.00 25.13 ? 7    DT  B P     1 
ATOM   835  O  OP1   . DT  B 2 7  ? 9.885   9.575   -9.449  1.00 25.60 ? 7    DT  B OP1   1 
ATOM   836  O  OP2   . DT  B 2 7  ? 9.946   9.651   -6.910  1.00 24.73 ? 7    DT  B OP2   1 
ATOM   837  O  "O5'" . DT  B 2 7  ? 7.778   9.648   -8.177  1.00 23.83 ? 7    DT  B "O5'" 1 
ATOM   838  C  "C5'" . DT  B 2 7  ? 6.989   9.263   -9.269  1.00 22.90 ? 7    DT  B "C5'" 1 
ATOM   839  C  "C4'" . DT  B 2 7  ? 5.556   9.599   -8.941  1.00 24.29 ? 7    DT  B "C4'" 1 
ATOM   840  O  "O4'" . DT  B 2 7  ? 5.189   8.920   -7.749  1.00 23.75 ? 7    DT  B "O4'" 1 
ATOM   841  C  "C3'" . DT  B 2 7  ? 5.327   11.050  -8.569  1.00 24.04 ? 7    DT  B "C3'" 1 
ATOM   842  O  "O3'" . DT  B 2 7  ? 4.847   11.712  -9.700  1.00 27.64 ? 7    DT  B "O3'" 1 
ATOM   843  C  "C2'" . DT  B 2 7  ? 4.274   11.009  -7.454  1.00 21.69 ? 7    DT  B "C2'" 1 
ATOM   844  C  "C1'" . DT  B 2 7  ? 4.013   9.524   -7.326  1.00 22.06 ? 7    DT  B "C1'" 1 
ATOM   845  N  N1    . DT  B 2 7  ? 3.773   9.004   -5.959  1.00 23.35 ? 7    DT  B N1    1 
ATOM   846  C  C2    . DT  B 2 7  ? 2.507   8.576   -5.677  1.00 22.16 ? 7    DT  B C2    1 
ATOM   847  O  O2    . DT  B 2 7  ? 1.634   8.669   -6.498  1.00 22.47 ? 7    DT  B O2    1 
ATOM   848  N  N3    . DT  B 2 7  ? 2.312   8.051   -4.422  1.00 20.98 ? 7    DT  B N3    1 
ATOM   849  C  C4    . DT  B 2 7  ? 3.282   7.928   -3.448  1.00 21.57 ? 7    DT  B C4    1 
ATOM   850  O  O4    . DT  B 2 7  ? 3.056   7.459   -2.344  1.00 22.28 ? 7    DT  B O4    1 
ATOM   851  C  C5    . DT  B 2 7  ? 4.603   8.387   -3.810  1.00 23.53 ? 7    DT  B C5    1 
ATOM   852  C  C7    . DT  B 2 7  ? 5.712   8.279   -2.790  1.00 23.45 ? 7    DT  B C7    1 
ATOM   853  C  C6    . DT  B 2 7  ? 4.798   8.891   -5.048  1.00 21.48 ? 7    DT  B C6    1 
ATOM   854  P  P     . DG  B 2 8  ? 4.684   13.302  -9.668  1.00 30.96 ? 8    DG  B P     1 
ATOM   855  O  OP1   . DG  B 2 8  ? 5.632   13.829  -10.651 1.00 27.31 ? 8    DG  B OP1   1 
ATOM   856  O  OP2   . DG  B 2 8  ? 4.723   13.731  -8.223  1.00 26.93 ? 8    DG  B OP2   1 
ATOM   857  O  "O5'" . DG  B 2 8  ? 3.188   13.535  -10.205 1.00 28.01 ? 8    DG  B "O5'" 1 
ATOM   858  C  "C5'" . DG  B 2 8  ? 2.230   12.513  -10.055 1.00 25.15 ? 8    DG  B "C5'" 1 
ATOM   859  C  "C4'" . DG  B 2 8  ? 0.897   13.136  -9.761  1.00 25.11 ? 8    DG  B "C4'" 1 
ATOM   860  O  "O4'" . DG  B 2 8  ? 0.382   12.656  -8.482  1.00 25.40 ? 8    DG  B "O4'" 1 
ATOM   861  C  "C3'" . DG  B 2 8  ? 0.963   14.637  -9.563  1.00 26.96 ? 8    DG  B "C3'" 1 
ATOM   862  O  "O3'" . DG  B 2 8  ? -0.357  15.053  -9.574  1.00 29.44 ? 8    DG  B "O3'" 1 
ATOM   863  C  "C2'" . DG  B 2 8  ? 1.467   14.723  -8.136  1.00 25.86 ? 8    DG  B "C2'" 1 
ATOM   864  C  "C1'" . DG  B 2 8  ? 0.506   13.688  -7.518  1.00 24.76 ? 8    DG  B "C1'" 1 
ATOM   865  N  N9    . DG  B 2 8  ? 0.998   13.070  -6.319  1.00 22.76 ? 8    DG  B N9    1 
ATOM   866  C  C8    . DG  B 2 8  ? 2.282   13.105  -5.844  1.00 20.99 ? 8    DG  B C8    1 
ATOM   867  N  N7    . DG  B 2 8  ? 2.434   12.411  -4.742  1.00 21.13 ? 8    DG  B N7    1 
ATOM   868  C  C5    . DG  B 2 8  ? 1.159   11.918  -4.460  1.00 21.40 ? 8    DG  B C5    1 
ATOM   869  C  C6    . DG  B 2 8  ? 0.716   11.114  -3.384  1.00 24.10 ? 8    DG  B C6    1 
ATOM   870  O  O6    . DG  B 2 8  ? 1.404   10.671  -2.443  1.00 28.04 ? 8    DG  B O6    1 
ATOM   871  N  N1    . DG  B 2 8  ? -0.649  10.804  -3.473  1.00 21.88 ? 8    DG  B N1    1 
ATOM   872  C  C2    . DG  B 2 8  ? -1.468  11.239  -4.519  1.00 21.30 ? 8    DG  B C2    1 
ATOM   873  N  N2    . DG  B 2 8  ? -2.752  10.863  -4.472  1.00 13.95 ? 8    DG  B N2    1 
ATOM   874  N  N3    . DG  B 2 8  ? -1.050  11.990  -5.542  1.00 21.40 ? 8    DG  B N3    1 
ATOM   875  C  C4    . DG  B 2 8  ? 0.269   12.292  -5.438  1.00 22.79 ? 8    DG  B C4    1 
ATOM   876  P  P     . DG  B 2 9  ? -0.776  16.520  -9.992  1.00 29.29 ? 9    DG  B P     1 
ATOM   877  O  OP1   . DG  B 2 9  ? -1.079  16.480  -11.427 1.00 29.44 ? 9    DG  B OP1   1 
ATOM   878  O  OP2   . DG  B 2 9  ? 0.181   17.481  -9.439  1.00 28.64 ? 9    DG  B OP2   1 
ATOM   879  O  "O5'" . DG  B 2 9  ? -2.165  16.637  -9.214  1.00 29.61 ? 9    DG  B "O5'" 1 
ATOM   880  C  "C5'" . DG  B 2 9  ? -3.171  15.706  -9.604  1.00 28.62 ? 9    DG  B "C5'" 1 
ATOM   881  C  "C4'" . DG  B 2 9  ? -4.291  15.699  -8.602  1.00 28.04 ? 9    DG  B "C4'" 1 
ATOM   882  O  "O4'" . DG  B 2 9  ? -3.890  15.020  -7.384  1.00 27.44 ? 9    DG  B "O4'" 1 
ATOM   883  C  "C3'" . DG  B 2 9  ? -4.775  17.075  -8.169  1.00 28.05 ? 9    DG  B "C3'" 1 
ATOM   884  O  "O3'" . DG  B 2 9  ? -6.133  16.932  -7.954  1.00 26.29 ? 9    DG  B "O3'" 1 
ATOM   885  C  "C2'" . DG  B 2 9  ? -4.019  17.303  -6.853  1.00 28.19 ? 9    DG  B "C2'" 1 
ATOM   886  C  "C1'" . DG  B 2 9  ? -4.038  15.889  -6.274  1.00 27.66 ? 9    DG  B "C1'" 1 
ATOM   887  N  N9    . DG  B 2 9  ? -2.936  15.589  -5.369  1.00 27.53 ? 9    DG  B N9    1 
ATOM   888  C  C8    . DG  B 2 9  ? -1.622  15.962  -5.536  1.00 29.15 ? 9    DG  B C8    1 
ATOM   889  N  N7    . DG  B 2 9  ? -0.839  15.512  -4.607  1.00 29.26 ? 9    DG  B N7    1 
ATOM   890  C  C5    . DG  B 2 9  ? -1.694  14.794  -3.777  1.00 28.47 ? 9    DG  B C5    1 
ATOM   891  C  C6    . DG  B 2 9  ? -1.412  14.098  -2.585  1.00 28.70 ? 9    DG  B C6    1 
ATOM   892  O  O6    . DG  B 2 9  ? -0.328  13.977  -2.033  1.00 30.74 ? 9    DG  B O6    1 
ATOM   893  N  N1    . DG  B 2 9  ? -2.542  13.498  -2.045  1.00 28.34 ? 9    DG  B N1    1 
ATOM   894  C  C2    . DG  B 2 9  ? -3.795  13.597  -2.602  1.00 29.70 ? 9    DG  B C2    1 
ATOM   895  N  N2    . DG  B 2 9  ? -4.783  12.974  -1.958  1.00 29.32 ? 9    DG  B N2    1 
ATOM   896  N  N3    . DG  B 2 9  ? -4.067  14.267  -3.719  1.00 28.82 ? 9    DG  B N3    1 
ATOM   897  C  C4    . DG  B 2 9  ? -2.976  14.833  -4.242  1.00 26.09 ? 9    DG  B C4    1 
ATOM   898  P  P     . DC  B 2 10 ? -7.065  18.172  -7.697  1.00 25.84 ? 10   DC  B P     1 
ATOM   899  O  OP1   . DC  B 2 10 ? -8.358  17.805  -8.297  1.00 28.10 ? 10   DC  B OP1   1 
ATOM   900  O  OP2   . DC  B 2 10 ? -6.312  19.380  -8.095  1.00 22.49 ? 10   DC  B OP2   1 
ATOM   901  O  "O5'" . DC  B 2 10 ? -7.307  18.186  -6.116  1.00 24.50 ? 10   DC  B "O5'" 1 
ATOM   902  C  "C5'" . DC  B 2 10 ? -7.968  17.106  -5.534  1.00 23.94 ? 10   DC  B "C5'" 1 
ATOM   903  C  "C4'" . DC  B 2 10 ? -7.674  17.073  -4.042  1.00 26.37 ? 10   DC  B "C4'" 1 
ATOM   904  O  "O4'" . DC  B 2 10 ? -6.317  16.632  -3.792  1.00 26.40 ? 10   DC  B "O4'" 1 
ATOM   905  C  "C3'" . DC  B 2 10 ? -7.706  18.418  -3.359  1.00 25.23 ? 10   DC  B "C3'" 1 
ATOM   906  O  "O3'" . DC  B 2 10 ? -9.029  18.753  -3.082  1.00 24.08 ? 10   DC  B "O3'" 1 
ATOM   907  C  "C2'" . DC  B 2 10 ? -6.929  18.135  -2.072  1.00 25.47 ? 10   DC  B "C2'" 1 
ATOM   908  C  "C1'" . DC  B 2 10 ? -6.024  16.958  -2.456  1.00 25.07 ? 10   DC  B "C1'" 1 
ATOM   909  N  N1    . DC  B 2 10 ? -4.591  17.250  -2.340  1.00 24.28 ? 10   DC  B N1    1 
ATOM   910  C  C2    . DC  B 2 10 ? -3.919  16.749  -1.256  1.00 24.41 ? 10   DC  B C2    1 
ATOM   911  O  O2    . DC  B 2 10 ? -4.549  16.080  -0.453  1.00 27.30 ? 10   DC  B O2    1 
ATOM   912  N  N3    . DC  B 2 10 ? -2.602  16.995  -1.120  1.00 24.59 ? 10   DC  B N3    1 
ATOM   913  C  C4    . DC  B 2 10 ? -1.969  17.726  -2.028  1.00 22.49 ? 10   DC  B C4    1 
ATOM   914  N  N4    . DC  B 2 10 ? -0.671  17.943  -1.846  1.00 22.43 ? 10   DC  B N4    1 
ATOM   915  C  C5    . DC  B 2 10 ? -2.640  18.263  -3.157  1.00 23.95 ? 10   DC  B C5    1 
ATOM   916  C  C6    . DC  B 2 10 ? -3.950  18.009  -3.271  1.00 25.03 ? 10   DC  B C6    1 
ATOM   917  O  "O5'" . DG  C 3 1  ? 2.157   15.154  8.168   1.00 32.36 ? 1    DG  C "O5'" 1 
ATOM   918  C  "C5'" . DG  C 3 1  ? 1.521   14.067  8.741   1.00 32.13 ? 1    DG  C "C5'" 1 
ATOM   919  C  "C4'" . DG  C 3 1  ? 0.368   13.625  7.871   1.00 31.19 ? 1    DG  C "C4'" 1 
ATOM   920  O  "O4'" . DG  C 3 1  ? 0.271   14.425  6.678   1.00 29.60 ? 1    DG  C "O4'" 1 
ATOM   921  C  "C3'" . DG  C 3 1  ? 0.441   12.184  7.432   1.00 29.99 ? 1    DG  C "C3'" 1 
ATOM   922  O  "O3'" . DG  C 3 1  ? -0.458  11.543  8.261   1.00 33.11 ? 1    DG  C "O3'" 1 
ATOM   923  C  "C2'" . DG  C 3 1  ? 0.033   12.172  5.956   1.00 28.90 ? 1    DG  C "C2'" 1 
ATOM   924  C  "C1'" . DG  C 3 1  ? -0.305  13.635  5.654   1.00 27.58 ? 1    DG  C "C1'" 1 
ATOM   925  N  N9    . DG  C 3 1  ? 0.245   14.202  4.438   1.00 23.54 ? 1    DG  C N9    1 
ATOM   926  C  C8    . DG  C 3 1  ? 1.566   14.488  4.192   1.00 20.49 ? 1    DG  C C8    1 
ATOM   927  N  N7    . DG  C 3 1  ? 1.750   15.077  3.048   1.00 19.66 ? 1    DG  C N7    1 
ATOM   928  C  C5    . DG  C 3 1  ? 0.471   15.249  2.531   1.00 21.90 ? 1    DG  C C5    1 
ATOM   929  C  C6    . DG  C 3 1  ? 0.035   15.834  1.303   1.00 23.30 ? 1    DG  C C6    1 
ATOM   930  O  O6    . DG  C 3 1  ? 0.739   16.339  0.398   1.00 25.48 ? 1    DG  C O6    1 
ATOM   931  N  N1    . DG  C 3 1  ? -1.363  15.784  1.158   1.00 20.92 ? 1    DG  C N1    1 
ATOM   932  C  C2    . DG  C 3 1  ? -2.199  15.235  2.094   1.00 20.99 ? 1    DG  C C2    1 
ATOM   933  N  N2    . DG  C 3 1  ? -3.495  15.256  1.798   1.00 19.72 ? 1    DG  C N2    1 
ATOM   934  N  N3    . DG  C 3 1  ? -1.796  14.690  3.239   1.00 18.94 ? 1    DG  C N3    1 
ATOM   935  C  C4    . DG  C 3 1  ? -0.465  14.716  3.381   1.00 21.46 ? 1    DG  C C4    1 
ATOM   936  P  P     . DC  C 3 2  ? -1.438  10.356  7.808   1.00 35.25 ? 2    DC  C P     1 
ATOM   937  O  OP1   . DC  C 3 2  ? -2.141  9.885   9.027   1.00 35.64 ? 2    DC  C OP1   1 
ATOM   938  O  OP2   . DC  C 3 2  ? -0.709  9.407   6.954   1.00 33.81 ? 2    DC  C OP2   1 
ATOM   939  O  "O5'" . DC  C 3 2  ? -2.502  11.103  6.943   1.00 34.36 ? 2    DC  C "O5'" 1 
ATOM   940  C  "C5'" . DC  C 3 2  ? -2.766  10.609  5.754   1.00 33.63 ? 2    DC  C "C5'" 1 
ATOM   941  C  "C4'" . DC  C 3 2  ? -4.210  10.823  5.493   1.00 33.93 ? 2    DC  C "C4'" 1 
ATOM   942  O  "O4'" . DC  C 3 2  ? -4.280  11.777  4.408   1.00 31.33 ? 2    DC  C "O4'" 1 
ATOM   943  C  "C3'" . DC  C 3 2  ? -4.813  9.543   4.963   1.00 32.21 ? 2    DC  C "C3'" 1 
ATOM   944  O  "O3'" . DC  C 3 2  ? -6.193  9.597   4.941   1.00 29.91 ? 2    DC  C "O3'" 1 
ATOM   945  C  "C2'" . DC  C 3 2  ? -4.269  9.526   3.548   1.00 33.02 ? 2    DC  C "C2'" 1 
ATOM   946  C  "C1'" . DC  C 3 2  ? -4.286  11.026  3.207   1.00 32.88 ? 2    DC  C "C1'" 1 
ATOM   947  N  N1    . DC  C 3 2  ? -3.127  11.400  2.442   1.00 33.26 ? 2    DC  C N1    1 
ATOM   948  C  C2    . DC  C 3 2  ? -3.356  12.020  1.221   1.00 32.33 ? 2    DC  C C2    1 
ATOM   949  O  O2    . DC  C 3 2  ? -4.534  12.223  0.878   1.00 33.24 ? 2    DC  C O2    1 
ATOM   950  N  N3    . DC  C 3 2  ? -2.301  12.369  0.469   1.00 30.30 ? 2    DC  C N3    1 
ATOM   951  C  C4    . DC  C 3 2  ? -1.074  12.123  0.911   1.00 30.44 ? 2    DC  C C4    1 
ATOM   952  N  N4    . DC  C 3 2  ? -0.076  12.488  0.117   1.00 30.92 ? 2    DC  C N4    1 
ATOM   953  C  C5    . DC  C 3 2  ? -0.812  11.491  2.165   1.00 28.91 ? 2    DC  C C5    1 
ATOM   954  C  C6    . DC  C 3 2  ? -1.865  11.140  2.897   1.00 29.98 ? 2    DC  C C6    1 
ATOM   955  P  P     . DC  C 3 3  ? -6.881  8.180   4.806   1.00 31.15 ? 3    DC  C P     1 
ATOM   956  O  OP1   . DC  C 3 3  ? -8.222  8.294   5.362   1.00 32.85 ? 3    DC  C OP1   1 
ATOM   957  O  OP2   . DC  C 3 3  ? -5.960  7.181   5.374   1.00 32.52 ? 3    DC  C OP2   1 
ATOM   958  O  "O5'" . DC  C 3 3  ? -6.954  7.972   3.220   1.00 29.30 ? 3    DC  C "O5'" 1 
ATOM   959  C  "C5'" . DC  C 3 3  ? -7.455  9.025   2.450   1.00 27.64 ? 3    DC  C "C5'" 1 
ATOM   960  C  "C4'" . DC  C 3 3  ? -7.229  8.764   0.983   1.00 29.66 ? 3    DC  C "C4'" 1 
ATOM   961  O  "O4'" . DC  C 3 3  ? -5.930  9.228   0.602   1.00 28.25 ? 3    DC  C "O4'" 1 
ATOM   962  C  "C3'" . DC  C 3 3  ? -7.304  7.313   0.523   1.00 30.85 ? 3    DC  C "C3'" 1 
ATOM   963  O  "O3'" . DC  C 3 3  ? -8.174  7.305   -0.535  1.00 33.53 ? 3    DC  C "O3'" 1 
ATOM   964  C  "C2'" . DC  C 3 3  ? -5.901  6.989   0.012   1.00 29.52 ? 3    DC  C "C2'" 1 
ATOM   965  C  "C1'" . DC  C 3 3  ? -5.406  8.369   -0.374  1.00 28.64 ? 3    DC  C "C1'" 1 
ATOM   966  N  N1    . DC  C 3 3  ? -3.915  8.561   -0.336  1.00 29.92 ? 3    DC  C N1    1 
ATOM   967  C  C2    . DC  C 3 3  ? -3.338  9.256   -1.370  1.00 28.37 ? 3    DC  C C2    1 
ATOM   968  O  O2    . DC  C 3 3  ? -4.067  9.624   -2.269  1.00 30.28 ? 3    DC  C O2    1 
ATOM   969  N  N3    . DC  C 3 3  ? -2.012  9.471   -1.373  1.00 30.41 ? 3    DC  C N3    1 
ATOM   970  C  C4    . DC  C 3 3  ? -1.268  9.030   -0.340  1.00 31.46 ? 3    DC  C C4    1 
ATOM   971  N  N4    . DC  C 3 3  ? 0.047   9.270   -0.378  1.00 31.48 ? 3    DC  C N4    1 
ATOM   972  C  C5    . DC  C 3 3  ? -1.834  8.323   0.753   1.00 28.73 ? 3    DC  C C5    1 
ATOM   973  C  C6    . DC  C 3 3  ? -3.155  8.116   0.722   1.00 30.37 ? 3    DC  C C6    1 
ATOM   974  P  P     . DA  C 3 4  ? -8.803  5.940   -1.033  1.00 37.47 ? 4    DA  C P     1 
ATOM   975  O  OP1   . DA  C 3 4  ? -10.232 6.210   -1.314  1.00 35.48 ? 4    DA  C OP1   1 
ATOM   976  O  OP2   . DA  C 3 4  ? -8.359  4.866   -0.116  1.00 37.05 ? 4    DA  C OP2   1 
ATOM   977  O  "O5'" . DA  C 3 4  ? -8.077  5.711   -2.419  1.00 35.36 ? 4    DA  C "O5'" 1 
ATOM   978  C  "C5'" . DA  C 3 4  ? -8.377  6.645   -3.404  1.00 35.35 ? 4    DA  C "C5'" 1 
ATOM   979  C  "C4'" . DA  C 3 4  ? -7.350  6.491   -4.460  1.00 34.48 ? 4    DA  C "C4'" 1 
ATOM   980  O  "O4'" . DA  C 3 4  ? -6.051  6.830   -3.901  1.00 33.75 ? 4    DA  C "O4'" 1 
ATOM   981  C  "C3'" . DA  C 3 4  ? -7.255  5.052   -4.966  1.00 32.47 ? 4    DA  C "C3'" 1 
ATOM   982  O  "O3'" . DA  C 3 4  ? -7.135  5.149   -6.312  1.00 32.34 ? 4    DA  C "O3'" 1 
ATOM   983  C  "C2'" . DA  C 3 4  ? -5.947  4.561   -4.376  1.00 31.47 ? 4    DA  C "C2'" 1 
ATOM   984  C  "C1'" . DA  C 3 4  ? -5.132  5.857   -4.339  1.00 31.82 ? 4    DA  C "C1'" 1 
ATOM   985  N  N9    . DA  C 3 4  ? -4.020  5.774   -3.403  1.00 29.22 ? 4    DA  C N9    1 
ATOM   986  C  C8    . DA  C 3 4  ? -4.023  5.048   -2.225  1.00 30.04 ? 4    DA  C C8    1 
ATOM   987  N  N7    . DA  C 3 4  ? -2.894  5.105   -1.562  1.00 28.77 ? 4    DA  C N7    1 
ATOM   988  C  C5    . DA  C 3 4  ? -2.085  5.894   -2.376  1.00 27.96 ? 4    DA  C C5    1 
ATOM   989  C  C6    . DA  C 3 4  ? -0.751  6.296   -2.238  1.00 28.92 ? 4    DA  C C6    1 
ATOM   990  N  N6    . DA  C 3 4  ? -0.024  5.951   -1.171  1.00 29.76 ? 4    DA  C N6    1 
ATOM   991  N  N1    . DA  C 3 4  ? -0.206  7.066   -3.231  1.00 27.56 ? 4    DA  C N1    1 
ATOM   992  C  C2    . DA  C 3 4  ? -0.972  7.392   -4.288  1.00 23.86 ? 4    DA  C C2    1 
ATOM   993  N  N3    . DA  C 3 4  ? -2.245  7.068   -4.526  1.00 26.06 ? 4    DA  C N3    1 
ATOM   994  C  C4    . DA  C 3 4  ? -2.753  6.313   -3.519  1.00 27.20 ? 4    DA  C C4    1 
ATOM   995  P  P     . DC  C 3 5  ? -7.618  4.004   -7.293  1.00 31.91 ? 5    DC  C P     1 
ATOM   996  O  OP1   . DC  C 3 5  ? -9.026  4.262   -7.642  1.00 32.78 ? 5    DC  C OP1   1 
ATOM   997  O  OP2   . DC  C 3 5  ? -7.207  2.686   -6.805  1.00 29.16 ? 5    DC  C OP2   1 
ATOM   998  O  "O5'" . DC  C 3 5  ? -6.723  4.402   -8.546  1.00 33.00 ? 5    DC  C "O5'" 1 
ATOM   999  C  "C5'" . DC  C 3 5  ? -6.731  5.800   -8.960  1.00 29.12 ? 5    DC  C "C5'" 1 
ATOM   1000 C  "C4'" . DC  C 3 5  ? -5.495  6.063   -9.783  1.00 27.60 ? 5    DC  C "C4'" 1 
ATOM   1001 O  "O4'" . DC  C 3 5  ? -4.361  6.094   -8.886  1.00 24.99 ? 5    DC  C "O4'" 1 
ATOM   1002 C  "C3'" . DC  C 3 5  ? -5.201  4.939   -10.764 1.00 26.50 ? 5    DC  C "C3'" 1 
ATOM   1003 O  "O3'" . DC  C 3 5  ? -4.588  5.448   -11.900 1.00 25.36 ? 5    DC  C "O3'" 1 
ATOM   1004 C  "C2'" . DC  C 3 5  ? -4.256  4.038   -9.973  1.00 25.94 ? 5    DC  C "C2'" 1 
ATOM   1005 C  "C1'" . DC  C 3 5  ? -3.432  5.123   -9.282  1.00 26.60 ? 5    DC  C "C1'" 1 
ATOM   1006 N  N1    . DC  C 3 5  ? -2.706  4.715   -8.048  1.00 25.85 ? 5    DC  C N1    1 
ATOM   1007 C  C2    . DC  C 3 5  ? -1.356  5.101   -7.861  1.00 23.87 ? 5    DC  C C2    1 
ATOM   1008 O  O2    . DC  C 3 5  ? -0.771  5.728   -8.718  1.00 24.61 ? 5    DC  C O2    1 
ATOM   1009 N  N3    . DC  C 3 5  ? -0.711  4.749   -6.733  1.00 26.82 ? 5    DC  C N3    1 
ATOM   1010 C  C4    . DC  C 3 5  ? -1.359  4.040   -5.783  1.00 25.31 ? 5    DC  C C4    1 
ATOM   1011 N  N4    . DC  C 3 5  ? -0.668  3.725   -4.710  1.00 21.57 ? 5    DC  C N4    1 
ATOM   1012 C  C5    . DC  C 3 5  ? -2.729  3.634   -5.928  1.00 25.17 ? 5    DC  C C5    1 
ATOM   1013 C  C6    . DC  C 3 5  ? -3.365  4.000   -7.074  1.00 26.48 ? 5    DC  C C6    1 
ATOM   1014 P  P     . DG  C 3 6  ? -4.623  4.510   -13.185 1.00 25.17 ? 6    DG  C P     1 
ATOM   1015 O  OP1   . DG  C 3 6  ? -4.723  5.326   -14.383 1.00 24.32 ? 6    DG  C OP1   1 
ATOM   1016 O  OP2   . DG  C 3 6  ? -5.606  3.462   -12.914 1.00 25.20 ? 6    DG  C OP2   1 
ATOM   1017 O  "O5'" . DG  C 3 6  ? -3.201  3.808   -13.189 1.00 25.49 ? 6    DG  C "O5'" 1 
ATOM   1018 C  "C5'" . DG  C 3 6  ? -2.064  4.599   -13.135 1.00 25.95 ? 6    DG  C "C5'" 1 
ATOM   1019 C  "C4'" . DG  C 3 6  ? -0.897  3.717   -12.793 1.00 25.78 ? 6    DG  C "C4'" 1 
ATOM   1020 O  "O4'" . DG  C 3 6  ? -0.808  3.481   -11.356 1.00 24.43 ? 6    DG  C "O4'" 1 
ATOM   1021 C  "C3'" . DG  C 3 6  ? -0.946  2.332   -13.421 1.00 25.77 ? 6    DG  C "C3'" 1 
ATOM   1022 O  "O3'" . DG  C 3 6  ? 0.335   2.073   -13.884 1.00 28.20 ? 6    DG  C "O3'" 1 
ATOM   1023 C  "C2'" . DG  C 3 6  ? -1.218  1.443   -12.221 1.00 23.73 ? 6    DG  C "C2'" 1 
ATOM   1024 C  "C1'" . DG  C 3 6  ? -0.350  2.172   -11.219 1.00 21.94 ? 6    DG  C "C1'" 1 
ATOM   1025 N  N9    . DG  C 3 6  ? -0.555  1.746   -9.865  1.00 21.41 ? 6    DG  C N9    1 
ATOM   1026 C  C8    . DG  C 3 6  ? -1.736  1.304   -9.349  1.00 20.96 ? 6    DG  C C8    1 
ATOM   1027 N  N7    . DG  C 3 6  ? -1.645  0.989   -8.079  1.00 22.81 ? 6    DG  C N7    1 
ATOM   1028 C  C5    . DG  C 3 6  ? -0.317  1.239   -7.738  1.00 21.51 ? 6    DG  C C5    1 
ATOM   1029 C  C6    . DG  C 3 6  ? 0.353   1.077   -6.514  1.00 22.46 ? 6    DG  C C6    1 
ATOM   1030 O  O6    . DG  C 3 6  ? -0.104  0.656   -5.442  1.00 24.69 ? 6    DG  C O6    1 
ATOM   1031 N  N1    . DG  C 3 6  ? 1.683   1.448   -6.586  1.00 19.81 ? 6    DG  C N1    1 
ATOM   1032 C  C2    . DG  C 3 6  ? 2.287   1.905   -7.706  1.00 18.23 ? 6    DG  C C2    1 
ATOM   1033 N  N2    . DG  C 3 6  ? 3.594   2.204   -7.584  1.00 14.03 ? 6    DG  C N2    1 
ATOM   1034 N  N3    . DG  C 3 6  ? 1.664   2.051   -8.866  1.00 19.18 ? 6    DG  C N3    1 
ATOM   1035 C  C4    . DG  C 3 6  ? 0.373   1.704   -8.818  1.00 20.68 ? 6    DG  C C4    1 
ATOM   1036 P  P     . DC  C 3 7  ? 0.636   1.667   -15.394 1.00 27.50 ? 7    DC  C P     1 
ATOM   1037 O  OP1   . DC  C 3 7  ? 0.577   2.860   -16.255 1.00 26.24 ? 7    DC  C OP1   1 
ATOM   1038 O  OP2   . DC  C 3 7  ? -0.171  0.476   -15.720 1.00 26.72 ? 7    DC  C OP2   1 
ATOM   1039 O  "O5'" . DC  C 3 7  ? 2.179   1.279   -15.190 1.00 25.20 ? 7    DC  C "O5'" 1 
ATOM   1040 C  "C5'" . DC  C 3 7  ? 3.015   2.288   -14.686 1.00 23.99 ? 7    DC  C "C5'" 1 
ATOM   1041 C  "C4'" . DC  C 3 7  ? 4.094   1.667   -13.867 1.00 26.72 ? 7    DC  C "C4'" 1 
ATOM   1042 O  "O4'" . DC  C 3 7  ? 3.573   1.389   -12.523 1.00 25.81 ? 7    DC  C "O4'" 1 
ATOM   1043 C  "C3'" . DC  C 3 7  ? 4.604   0.340   -14.431 1.00 27.52 ? 7    DC  C "C3'" 1 
ATOM   1044 O  "O3'" . DC  C 3 7  ? 6.030   0.338   -14.368 1.00 34.38 ? 7    DC  C "O3'" 1 
ATOM   1045 C  "C2'" . DC  C 3 7  ? 4.013   -0.687  -13.467 1.00 26.52 ? 7    DC  C "C2'" 1 
ATOM   1046 C  "C1'" . DC  C 3 7  ? 4.006   0.117   -12.163 1.00 24.39 ? 7    DC  C "C1'" 1 
ATOM   1047 N  N1    . DC  C 3 7  ? 3.115   -0.393  -11.110 1.00 22.56 ? 7    DC  C N1    1 
ATOM   1048 C  C2    . DC  C 3 7  ? 3.640   -0.528  -9.833  1.00 21.63 ? 7    DC  C C2    1 
ATOM   1049 O  O2    . DC  C 3 7  ? 4.805   -0.201  -9.648  1.00 19.52 ? 7    DC  C O2    1 
ATOM   1050 N  N3    . DC  C 3 7  ? 2.869   -1.020  -8.846  1.00 21.88 ? 7    DC  C N3    1 
ATOM   1051 C  C4    . DC  C 3 7  ? 1.608   -1.360  -9.095  1.00 23.75 ? 7    DC  C C4    1 
ATOM   1052 N  N4    . DC  C 3 7  ? 0.870   -1.799  -8.047  1.00 23.64 ? 7    DC  C N4    1 
ATOM   1053 C  C5    . DC  C 3 7  ? 1.031   -1.215  -10.410 1.00 19.76 ? 7    DC  C C5    1 
ATOM   1054 C  C6    . DC  C 3 7  ? 1.823   -0.746  -11.377 1.00 20.68 ? 7    DC  C C6    1 
ATOM   1055 P  P     . DC  C 3 8  ? 6.926   -0.859  -15.008 1.00 37.28 ? 8    DC  C P     1 
ATOM   1056 O  OP1   . DC  C 3 8  ? 6.802   -0.694  -16.454 1.00 35.53 ? 8    DC  C OP1   1 
ATOM   1057 O  OP2   . DC  C 3 8  ? 6.621   -2.167  -14.367 1.00 39.68 ? 8    DC  C OP2   1 
ATOM   1058 O  "O5'" . DC  C 3 8  ? 8.404   -0.514  -14.517 1.00 35.95 ? 8    DC  C "O5'" 1 
ATOM   1059 C  "C5'" . DC  C 3 8  ? 8.692   -0.410  -13.102 1.00 32.50 ? 8    DC  C "C5'" 1 
ATOM   1060 C  "C4'" . DC  C 3 8  ? 8.809   -1.711  -12.288 1.00 30.58 ? 8    DC  C "C4'" 1 
ATOM   1061 O  "O4'" . DC  C 3 8  ? 7.632   -1.970  -11.494 1.00 29.60 ? 8    DC  C "O4'" 1 
ATOM   1062 C  "C3'" . DC  C 3 8  ? 9.213   -3.063  -12.915 1.00 29.38 ? 8    DC  C "C3'" 1 
ATOM   1063 O  "O3'" . DC  C 3 8  ? 10.466  -3.378  -12.358 1.00 28.40 ? 8    DC  C "O3'" 1 
ATOM   1064 C  "C2'" . DC  C 3 8  ? 8.187   -4.042  -12.320 1.00 28.74 ? 8    DC  C "C2'" 1 
ATOM   1065 C  "C1'" . DC  C 3 8  ? 7.699   -3.302  -11.070 1.00 26.72 ? 8    DC  C "C1'" 1 
ATOM   1066 N  N1    . DC  C 3 8  ? 6.317   -3.692  -10.679 1.00 27.26 ? 8    DC  C N1    1 
ATOM   1067 C  C2    . DC  C 3 8  ? 6.031   -4.231  -9.394  1.00 26.86 ? 8    DC  C C2    1 
ATOM   1068 O  O2    . DC  C 3 8  ? 6.946   -4.373  -8.569  1.00 25.69 ? 8    DC  C O2    1 
ATOM   1069 N  N3    . DC  C 3 8  ? 4.745   -4.576  -9.085  1.00 25.04 ? 8    DC  C N3    1 
ATOM   1070 C  C4    . DC  C 3 8  ? 3.790   -4.407  -10.004 1.00 25.08 ? 8    DC  C C4    1 
ATOM   1071 N  N4    . DC  C 3 8  ? 2.562   -4.758  -9.687  1.00 21.60 ? 8    DC  C N4    1 
ATOM   1072 C  C5    . DC  C 3 8  ? 4.060   -3.865  -11.306 1.00 25.85 ? 8    DC  C C5    1 
ATOM   1073 C  C6    . DC  C 3 8  ? 5.324   -3.532  -11.600 1.00 25.85 ? 8    DC  C C6    1 
ATOM   1074 P  P     . DT  C 3 9  ? 11.366  -4.581  -12.860 1.00 28.36 ? 9    DT  C P     1 
ATOM   1075 O  OP1   . DT  C 3 9  ? 12.759  -4.120  -12.810 1.00 31.09 ? 9    DT  C OP1   1 
ATOM   1076 O  OP2   . DT  C 3 9  ? 10.784  -5.072  -14.129 1.00 30.27 ? 9    DT  C OP2   1 
ATOM   1077 O  "O5'" . DT  C 3 9  ? 11.196  -5.715  -11.748 1.00 28.08 ? 9    DT  C "O5'" 1 
ATOM   1078 C  "C5'" . DT  C 3 9  ? 11.433  -5.404  -10.392 1.00 26.16 ? 9    DT  C "C5'" 1 
ATOM   1079 C  "C4'" . DT  C 3 9  ? 11.095  -6.626  -9.582  1.00 24.56 ? 9    DT  C "C4'" 1 
ATOM   1080 O  "O4'" . DT  C 3 9  ? 9.680   -6.673  -9.328  1.00 23.56 ? 9    DT  C "O4'" 1 
ATOM   1081 C  "C3'" . DT  C 3 9  ? 11.409  -7.920  -10.300 1.00 25.33 ? 9    DT  C "C3'" 1 
ATOM   1082 O  "O3'" . DT  C 3 9  ? 12.027  -8.741  -9.363  1.00 25.93 ? 9    DT  C "O3'" 1 
ATOM   1083 C  "C2'" . DT  C 3 9  ? 10.036  -8.470  -10.712 1.00 23.79 ? 9    DT  C "C2'" 1 
ATOM   1084 C  "C1'" . DT  C 3 9  ? 9.187   -7.966  -9.566  1.00 22.07 ? 9    DT  C "C1'" 1 
ATOM   1085 N  N1    . DT  C 3 9  ? 7.712   -7.839  -9.869  1.00 22.38 ? 9    DT  C N1    1 
ATOM   1086 C  C2    . DT  C 3 9  ? 6.790   -8.015  -8.842  1.00 20.62 ? 9    DT  C C2    1 
ATOM   1087 O  O2    . DT  C 3 9  ? 7.113   -8.277  -7.716  1.00 20.79 ? 9    DT  C O2    1 
ATOM   1088 N  N3    . DT  C 3 9  ? 5.473   -7.899  -9.191  1.00 16.40 ? 9    DT  C N3    1 
ATOM   1089 C  C4    . DT  C 3 9  ? 4.997   -7.595  -10.425 1.00 15.83 ? 9    DT  C C4    1 
ATOM   1090 O  O4    . DT  C 3 9  ? 3.795   -7.468  -10.628 1.00 14.31 ? 9    DT  C O4    1 
ATOM   1091 C  C5    . DT  C 3 9  ? 6.001   -7.381  -11.459 1.00 17.99 ? 9    DT  C C5    1 
ATOM   1092 C  C7    . DT  C 3 9  ? 5.573   -7.050  -12.877 1.00 17.36 ? 9    DT  C C7    1 
ATOM   1093 C  C6    . DT  C 3 9  ? 7.293   -7.517  -11.139 1.00 18.27 ? 9    DT  C C6    1 
ATOM   1094 P  P     . DC  C 3 10 ? 12.613  -10.115 -9.833  1.00 25.09 ? 10   DC  C P     1 
ATOM   1095 O  OP1   . DC  C 3 10 ? 13.906  -10.267 -9.152  1.00 27.01 ? 10   DC  C OP1   1 
ATOM   1096 O  OP2   . DC  C 3 10 ? 12.480  -10.149 -11.298 1.00 27.29 ? 10   DC  C OP2   1 
ATOM   1097 O  "O5'" . DC  C 3 10 ? 11.610  -11.191 -9.220  1.00 27.06 ? 10   DC  C "O5'" 1 
ATOM   1098 C  "C5'" . DC  C 3 10 ? 11.271  -11.022 -7.849  1.00 27.06 ? 10   DC  C "C5'" 1 
ATOM   1099 C  "C4'" . DC  C 3 10 ? 10.229  -12.019 -7.410  1.00 25.78 ? 10   DC  C "C4'" 1 
ATOM   1100 O  "O4'" . DC  C 3 10 ? 8.940   -11.452 -7.603  1.00 25.26 ? 10   DC  C "O4'" 1 
ATOM   1101 C  "C3'" . DC  C 3 10 ? 10.197  -13.280 -8.219  1.00 24.85 ? 10   DC  C "C3'" 1 
ATOM   1102 O  "O3'" . DC  C 3 10 ? 11.061  -14.193 -7.595  1.00 28.07 ? 10   DC  C "O3'" 1 
ATOM   1103 C  "C2'" . DC  C 3 10 ? 8.748   -13.744 -8.115  1.00 24.32 ? 10   DC  C "C2'" 1 
ATOM   1104 C  "C1'" . DC  C 3 10 ? 8.002   -12.493 -7.670  1.00 25.88 ? 10   DC  C "C1'" 1 
ATOM   1105 N  N1    . DC  C 3 10 ? 7.045   -12.015 -8.629  1.00 27.67 ? 10   DC  C N1    1 
ATOM   1106 C  C2    . DC  C 3 10 ? 5.725   -11.858 -8.250  1.00 26.77 ? 10   DC  C C2    1 
ATOM   1107 O  O2    . DC  C 3 10 ? 5.418   -12.186 -7.109  1.00 27.53 ? 10   DC  C O2    1 
ATOM   1108 N  N3    . DC  C 3 10 ? 4.833   -11.380 -9.141  1.00 26.51 ? 10   DC  C N3    1 
ATOM   1109 C  C4    . DC  C 3 10 ? 5.255   -11.054 -10.369 1.00 28.33 ? 10   DC  C C4    1 
ATOM   1110 N  N4    . DC  C 3 10 ? 4.371   -10.573 -11.245 1.00 27.83 ? 10   DC  C N4    1 
ATOM   1111 C  C5    . DC  C 3 10 ? 6.619   -11.200 -10.766 1.00 29.58 ? 10   DC  C C5    1 
ATOM   1112 C  C6    . DC  C 3 10 ? 7.479   -11.680 -9.871  1.00 28.23 ? 10   DC  C C6    1 
HETATM 1113 ZN ZN    . ZN  D 4 .  ? -14.129 -9.728  -15.887 1.00 34.60 ? 1484 ZN  A ZN    1 
HETATM 1114 ZN ZN    . ZN  E 4 .  ? -4.729  -7.313  10.981  1.00 32.29 ? 1485 ZN  A ZN    1 
HETATM 1115 ZN ZN    . ZN  F 4 .  ? 17.257  6.561   2.269   1.00 40.68 ? 1486 ZN  A ZN    1 
HETATM 1116 O  O     . HOH G 5 .  ? -4.158  -11.211 12.998  1.00 25.56 ? 2001 HOH A O     1 
HETATM 1117 O  O     . HOH G 5 .  ? 16.936  17.737  0.447   1.00 21.76 ? 2002 HOH A O     1 
HETATM 1118 O  O     . HOH G 5 .  ? 21.224  14.372  1.273   1.00 45.10 ? 2003 HOH A O     1 
HETATM 1119 O  O     . HOH G 5 .  ? 24.703  10.454  5.665   0.50 5.82  ? 2004 HOH A O     1 
HETATM 1120 O  O     . HOH G 5 .  ? 8.613   11.630  -4.700  1.00 22.57 ? 2005 HOH A O     1 
HETATM 1121 O  O     . HOH G 5 .  ? 11.662  4.281   -0.070  1.00 36.27 ? 2006 HOH A O     1 
HETATM 1122 O  O     . HOH G 5 .  ? 9.573   1.211   8.851   1.00 14.72 ? 2007 HOH A O     1 
HETATM 1123 O  O     . HOH G 5 .  ? 13.515  -0.839  9.350   1.00 25.74 ? 2008 HOH A O     1 
HETATM 1124 O  O     . HOH G 5 .  ? -2.573  3.385   13.849  1.00 27.30 ? 2009 HOH A O     1 
HETATM 1125 O  O     . HOH G 5 .  ? -6.401  -11.899 13.929  1.00 19.55 ? 2010 HOH A O     1 
HETATM 1126 O  O     . HOH G 5 .  ? 4.557   -3.760  7.752   1.00 33.80 ? 2011 HOH A O     1 
HETATM 1127 O  O     . HOH G 5 .  ? 1.087   -0.281  -0.102  1.00 24.52 ? 2012 HOH A O     1 
HETATM 1128 O  O     . HOH G 5 .  ? -0.320  -6.218  -0.359  1.00 19.94 ? 2013 HOH A O     1 
HETATM 1129 O  O     . HOH G 5 .  ? -5.360  -7.275  0.268   1.00 29.79 ? 2014 HOH A O     1 
HETATM 1130 O  O     . HOH G 5 .  ? -10.945 -0.183  3.124   1.00 19.63 ? 2015 HOH A O     1 
HETATM 1131 O  O     . HOH G 5 .  ? -12.274 -3.285  4.268   1.00 11.89 ? 2016 HOH A O     1 
HETATM 1132 O  O     . HOH G 5 .  ? -20.635 -7.090  -13.590 1.00 3.83  ? 2017 HOH A O     1 
HETATM 1133 O  O     . HOH G 5 .  ? -8.253  -11.662 -27.783 1.00 42.69 ? 2018 HOH A O     1 
HETATM 1134 O  O     . HOH G 5 .  ? -10.170 -11.951 -25.546 1.00 43.15 ? 2019 HOH A O     1 
HETATM 1135 O  O     . HOH H 5 .  ? -3.321  -8.870  -3.305  1.00 18.06 ? 2001 HOH B O     1 
HETATM 1136 O  O     . HOH H 5 .  ? 9.224   0.597   -6.807  1.00 34.48 ? 2002 HOH B O     1 
# 
loop_
_pdbx_poly_seq_scheme.asym_id 
_pdbx_poly_seq_scheme.entity_id 
_pdbx_poly_seq_scheme.seq_id 
_pdbx_poly_seq_scheme.mon_id 
_pdbx_poly_seq_scheme.ndb_seq_num 
_pdbx_poly_seq_scheme.pdb_seq_num 
_pdbx_poly_seq_scheme.auth_seq_num 
_pdbx_poly_seq_scheme.pdb_mon_id 
_pdbx_poly_seq_scheme.auth_mon_id 
_pdbx_poly_seq_scheme.pdb_strand_id 
_pdbx_poly_seq_scheme.pdb_ins_code 
_pdbx_poly_seq_scheme.hetero 
A 1 1  GLY 1  394 ?   ?   ?   A . n 
A 1 2  SER 2  395 ?   ?   ?   A . n 
A 1 3  ARG 3  396 ?   ?   ?   A . n 
A 1 4  THR 4  397 ?   ?   ?   A . n 
A 1 5  ALA 5  398 ?   ?   ?   A . n 
A 1 6  THR 6  399 399 THR THR A . n 
A 1 7  HIS 7  400 400 HIS HIS A . n 
A 1 8  THR 8  401 401 THR THR A . n 
A 1 9  CYS 9  402 402 CYS CYS A . n 
A 1 10 ASP 10 403 403 ASP ASP A . n 
A 1 11 TYR 11 404 404 TYR TYR A . n 
A 1 12 ALA 12 405 405 ALA ALA A . n 
A 1 13 GLY 13 406 406 GLY GLY A . n 
A 1 14 CYS 14 407 407 CYS CYS A . n 
A 1 15 GLY 15 408 408 GLY GLY A . n 
A 1 16 LYS 16 409 409 LYS LYS A . n 
A 1 17 THR 17 410 410 THR THR A . n 
A 1 18 TYR 18 411 411 TYR TYR A . n 
A 1 19 THR 19 412 412 THR THR A . n 
A 1 20 LYS 20 413 413 LYS LYS A . n 
A 1 21 SER 21 414 414 SER SER A . n 
A 1 22 SER 22 415 415 SER SER A . n 
A 1 23 HIS 23 416 416 HIS HIS A . n 
A 1 24 LEU 24 417 417 LEU LEU A . n 
A 1 25 LYS 25 418 418 LYS LYS A . n 
A 1 26 ALA 26 419 419 ALA ALA A . n 
A 1 27 HIS 27 420 420 HIS HIS A . n 
A 1 28 LEU 28 421 421 LEU LEU A . n 
A 1 29 ARG 29 422 422 ARG ARG A . n 
A 1 30 THR 30 423 423 THR THR A . n 
A 1 31 HIS 31 424 424 HIS HIS A . n 
A 1 32 THR 32 425 425 THR THR A . n 
A 1 33 GLY 33 426 426 GLY GLY A . n 
A 1 34 GLU 34 427 427 GLU GLU A . n 
A 1 35 LYS 35 428 428 LYS LYS A . n 
A 1 36 PRO 36 429 429 PRO PRO A . n 
A 1 37 TYR 37 430 430 TYR TYR A . n 
A 1 38 HIS 38 431 431 HIS HIS A . n 
A 1 39 CYS 39 432 432 CYS CYS A . n 
A 1 40 ASP 40 433 433 ASP ASP A . n 
A 1 41 TRP 41 434 434 TRP TRP A . n 
A 1 42 ASP 42 435 435 ASP ASP A . n 
A 1 43 GLY 43 436 436 GLY GLY A . n 
A 1 44 CYS 44 437 437 CYS CYS A . n 
A 1 45 GLY 45 438 438 GLY GLY A . n 
A 1 46 TRP 46 439 439 TRP TRP A . n 
A 1 47 LYS 47 440 440 LYS LYS A . n 
A 1 48 PHE 48 441 441 PHE PHE A . n 
A 1 49 ALA 49 442 442 ALA ALA A . n 
A 1 50 ARG 50 443 443 ARG ARG A . n 
A 1 51 SER 51 444 444 SER SER A . n 
A 1 52 ASP 52 445 445 ASP ASP A . n 
A 1 53 GLU 53 446 446 GLU GLU A . n 
A 1 54 LEU 54 447 447 LEU LEU A . n 
A 1 55 THR 55 448 448 THR THR A . n 
A 1 56 ARG 56 449 449 ARG ARG A . n 
A 1 57 HIS 57 450 450 HIS HIS A . n 
A 1 58 TYR 58 451 451 TYR TYR A . n 
A 1 59 ARG 59 452 452 ARG ARG A . n 
A 1 60 LYS 60 453 453 LYS LYS A . n 
A 1 61 HIS 61 454 454 HIS HIS A . n 
A 1 62 THR 62 455 455 THR THR A . n 
A 1 63 GLY 63 456 456 GLY GLY A . n 
A 1 64 HIS 64 457 457 HIS HIS A . n 
A 1 65 ARG 65 458 458 ARG ARG A . n 
A 1 66 PRO 66 459 459 PRO PRO A . n 
A 1 67 PHE 67 460 460 PHE PHE A . n 
A 1 68 GLN 68 461 461 GLN GLN A . n 
A 1 69 CYS 69 462 462 CYS CYS A . n 
A 1 70 GLN 70 463 463 GLN GLN A . n 
A 1 71 LYS 71 464 464 LYS LYS A . n 
A 1 72 CYS 72 465 465 CYS CYS A . n 
A 1 73 ASP 73 466 466 ASP ASP A . n 
A 1 74 ARG 74 467 467 ARG ARG A . n 
A 1 75 ALA 75 468 468 ALA ALA A . n 
A 1 76 PHE 76 469 469 PHE PHE A . n 
A 1 77 SER 77 470 470 SER SER A . n 
A 1 78 ARG 78 471 471 ARG ARG A . n 
A 1 79 SER 79 472 472 SER SER A . n 
A 1 80 ASP 80 473 473 ASP ASP A . n 
A 1 81 HIS 81 474 474 HIS HIS A . n 
A 1 82 LEU 82 475 475 LEU LEU A . n 
A 1 83 ALA 83 476 476 ALA ALA A . n 
A 1 84 LEU 84 477 477 LEU LEU A . n 
A 1 85 HIS 85 478 478 HIS HIS A . n 
A 1 86 MET 86 479 479 MET MET A . n 
A 1 87 LYS 87 480 480 LYS LYS A . n 
A 1 88 ARG 88 481 481 ARG ARG A . n 
A 1 89 HIS 89 482 482 HIS HIS A . n 
A 1 90 PHE 90 483 483 PHE PHE A . n 
B 2 1  DG  1  1   1   DG  DG  B . n 
B 2 2  DA  2  2   2   DA  DA  B . n 
B 2 3  DG  3  3   3   DG  DG  B . n 
B 2 4  DG  4  4   4   DG  DG  B . n 
B 2 5  DC  5  5   5   DC  DC  B . n 
B 2 6  DG  6  6   6   DG  DG  B . n 
B 2 7  DT  7  7   7   DT  DT  B . n 
B 2 8  DG  8  8   8   DG  DG  B . n 
B 2 9  DG  9  9   9   DG  DG  B . n 
B 2 10 DC  10 10  10  DC  DC  B . n 
C 3 1  DG  1  1   1   DG  DG  C . n 
C 3 2  DC  2  2   2   DC  DC  C . n 
C 3 3  DC  3  3   3   DC  DC  C . n 
C 3 4  DA  4  4   4   DA  DA  C . n 
C 3 5  DC  5  5   5   DC  DC  C . n 
C 3 6  DG  6  6   6   DG  DG  C . n 
C 3 7  DC  7  7   7   DC  DC  C . n 
C 3 8  DC  8  8   8   DC  DC  C . n 
C 3 9  DT  9  9   9   DT  DT  C . n 
C 3 10 DC  10 10  10  DC  DC  C . n 
# 
loop_
_pdbx_nonpoly_scheme.asym_id 
_pdbx_nonpoly_scheme.entity_id 
_pdbx_nonpoly_scheme.mon_id 
_pdbx_nonpoly_scheme.ndb_seq_num 
_pdbx_nonpoly_scheme.pdb_seq_num 
_pdbx_nonpoly_scheme.auth_seq_num 
_pdbx_nonpoly_scheme.pdb_mon_id 
_pdbx_nonpoly_scheme.auth_mon_id 
_pdbx_nonpoly_scheme.pdb_strand_id 
_pdbx_nonpoly_scheme.pdb_ins_code 
D 4 ZN  1  1484 1484 ZN  ZN  A . 
E 4 ZN  1  1485 1485 ZN  ZN  A . 
F 4 ZN  1  1486 1486 ZN  ZN  A . 
G 5 HOH 1  2001 2001 HOH HOH A . 
G 5 HOH 2  2002 2002 HOH HOH A . 
G 5 HOH 3  2003 2003 HOH HOH A . 
G 5 HOH 4  2004 2004 HOH HOH A . 
G 5 HOH 5  2005 2005 HOH HOH A . 
G 5 HOH 6  2006 2006 HOH HOH A . 
G 5 HOH 7  2007 2007 HOH HOH A . 
G 5 HOH 8  2008 2008 HOH HOH A . 
G 5 HOH 9  2009 2009 HOH HOH A . 
G 5 HOH 10 2010 2010 HOH HOH A . 
G 5 HOH 11 2011 2011 HOH HOH A . 
G 5 HOH 12 2012 2012 HOH HOH A . 
G 5 HOH 13 2013 2013 HOH HOH A . 
G 5 HOH 14 2014 2014 HOH HOH A . 
G 5 HOH 15 2015 2015 HOH HOH A . 
G 5 HOH 16 2016 2016 HOH HOH A . 
G 5 HOH 17 2017 2017 HOH HOH A . 
G 5 HOH 18 2018 2018 HOH HOH A . 
G 5 HOH 19 2019 2019 HOH HOH A . 
H 5 HOH 1  2001 2001 HOH HOH B . 
H 5 HOH 2  2002 2002 HOH HOH B . 
# 
_pdbx_struct_assembly.id                   1 
_pdbx_struct_assembly.details              author_and_software_defined_assembly 
_pdbx_struct_assembly.method_details       PISA 
_pdbx_struct_assembly.oligomeric_details   trimeric 
_pdbx_struct_assembly.oligomeric_count     3 
# 
_pdbx_struct_assembly_gen.assembly_id       1 
_pdbx_struct_assembly_gen.oper_expression   1 
_pdbx_struct_assembly_gen.asym_id_list      A,B,C,D,E,F,G,H 
# 
loop_
_pdbx_struct_assembly_prop.biol_id 
_pdbx_struct_assembly_prop.type 
_pdbx_struct_assembly_prop.value 
_pdbx_struct_assembly_prop.details 
1 'ABSA (A^2)' 2930  ? 
1 MORE         -13.0 ? 
1 'SSA (A^2)'  8490  ? 
# 
_pdbx_struct_oper_list.id                   1 
_pdbx_struct_oper_list.type                 'identity operation' 
_pdbx_struct_oper_list.name                 1_555 
_pdbx_struct_oper_list.symmetry_operation   x,y,z 
_pdbx_struct_oper_list.matrix[1][1]         1.0000000000 
_pdbx_struct_oper_list.matrix[1][2]         0.0000000000 
_pdbx_struct_oper_list.matrix[1][3]         0.0000000000 
_pdbx_struct_oper_list.vector[1]            0.0000000000 
_pdbx_struct_oper_list.matrix[2][1]         0.0000000000 
_pdbx_struct_oper_list.matrix[2][2]         1.0000000000 
_pdbx_struct_oper_list.matrix[2][3]         0.0000000000 
_pdbx_struct_oper_list.vector[2]            0.0000000000 
_pdbx_struct_oper_list.matrix[3][1]         0.0000000000 
_pdbx_struct_oper_list.matrix[3][2]         0.0000000000 
_pdbx_struct_oper_list.matrix[3][3]         1.0000000000 
_pdbx_struct_oper_list.vector[3]            0.0000000000 
# 
loop_
_pdbx_struct_conn_angle.id 
_pdbx_struct_conn_angle.ptnr1_label_atom_id 
_pdbx_struct_conn_angle.ptnr1_label_alt_id 
_pdbx_struct_conn_angle.ptnr1_label_asym_id 
_pdbx_struct_conn_angle.ptnr1_label_comp_id 
_pdbx_struct_conn_angle.ptnr1_label_seq_id 
_pdbx_struct_conn_angle.ptnr1_auth_atom_id 
_pdbx_struct_conn_angle.ptnr1_auth_asym_id 
_pdbx_struct_conn_angle.ptnr1_auth_comp_id 
_pdbx_struct_conn_angle.ptnr1_auth_seq_id 
_pdbx_struct_conn_angle.ptnr1_PDB_ins_code 
_pdbx_struct_conn_angle.ptnr1_symmetry 
_pdbx_struct_conn_angle.ptnr2_label_atom_id 
_pdbx_struct_conn_angle.ptnr2_label_alt_id 
_pdbx_struct_conn_angle.ptnr2_label_asym_id 
_pdbx_struct_conn_angle.ptnr2_label_comp_id 
_pdbx_struct_conn_angle.ptnr2_label_seq_id 
_pdbx_struct_conn_angle.ptnr2_auth_atom_id 
_pdbx_struct_conn_angle.ptnr2_auth_asym_id 
_pdbx_struct_conn_angle.ptnr2_auth_comp_id 
_pdbx_struct_conn_angle.ptnr2_auth_seq_id 
_pdbx_struct_conn_angle.ptnr2_PDB_ins_code 
_pdbx_struct_conn_angle.ptnr2_symmetry 
_pdbx_struct_conn_angle.ptnr3_label_atom_id 
_pdbx_struct_conn_angle.ptnr3_label_alt_id 
_pdbx_struct_conn_angle.ptnr3_label_asym_id 
_pdbx_struct_conn_angle.ptnr3_label_comp_id 
_pdbx_struct_conn_angle.ptnr3_label_seq_id 
_pdbx_struct_conn_angle.ptnr3_auth_atom_id 
_pdbx_struct_conn_angle.ptnr3_auth_asym_id 
_pdbx_struct_conn_angle.ptnr3_auth_comp_id 
_pdbx_struct_conn_angle.ptnr3_auth_seq_id 
_pdbx_struct_conn_angle.ptnr3_PDB_ins_code 
_pdbx_struct_conn_angle.ptnr3_symmetry 
_pdbx_struct_conn_angle.value 
_pdbx_struct_conn_angle.value_esd 
1  SG  ? A CYS 9  ? A CYS 402 ? 1_555 ZN ? F ZN . ? A ZN 1486 ? 1_555 SG  ? A CYS 14 ? A CYS 407 ? 1_555 115.0 ? 
2  SG  ? A CYS 9  ? A CYS 402 ? 1_555 ZN ? F ZN . ? A ZN 1486 ? 1_555 NE2 ? A HIS 27 ? A HIS 420 ? 1_555 104.0 ? 
3  SG  ? A CYS 14 ? A CYS 407 ? 1_555 ZN ? F ZN . ? A ZN 1486 ? 1_555 NE2 ? A HIS 27 ? A HIS 420 ? 1_555 111.4 ? 
4  SG  ? A CYS 9  ? A CYS 402 ? 1_555 ZN ? F ZN . ? A ZN 1486 ? 1_555 NE2 ? A HIS 31 ? A HIS 424 ? 1_555 114.6 ? 
5  SG  ? A CYS 14 ? A CYS 407 ? 1_555 ZN ? F ZN . ? A ZN 1486 ? 1_555 NE2 ? A HIS 31 ? A HIS 424 ? 1_555 111.2 ? 
6  NE2 ? A HIS 27 ? A HIS 420 ? 1_555 ZN ? F ZN . ? A ZN 1486 ? 1_555 NE2 ? A HIS 31 ? A HIS 424 ? 1_555 99.1  ? 
7  SG  ? A CYS 39 ? A CYS 432 ? 1_555 ZN ? E ZN . ? A ZN 1485 ? 1_555 SG  ? A CYS 44 ? A CYS 437 ? 1_555 107.9 ? 
8  SG  ? A CYS 39 ? A CYS 432 ? 1_555 ZN ? E ZN . ? A ZN 1485 ? 1_555 NE2 ? A HIS 57 ? A HIS 450 ? 1_555 116.4 ? 
9  SG  ? A CYS 44 ? A CYS 437 ? 1_555 ZN ? E ZN . ? A ZN 1485 ? 1_555 NE2 ? A HIS 57 ? A HIS 450 ? 1_555 105.6 ? 
10 SG  ? A CYS 39 ? A CYS 432 ? 1_555 ZN ? E ZN . ? A ZN 1485 ? 1_555 NE2 ? A HIS 61 ? A HIS 454 ? 1_555 111.6 ? 
11 SG  ? A CYS 44 ? A CYS 437 ? 1_555 ZN ? E ZN . ? A ZN 1485 ? 1_555 NE2 ? A HIS 61 ? A HIS 454 ? 1_555 117.1 ? 
12 NE2 ? A HIS 57 ? A HIS 450 ? 1_555 ZN ? E ZN . ? A ZN 1485 ? 1_555 NE2 ? A HIS 61 ? A HIS 454 ? 1_555 98.1  ? 
13 SG  ? A CYS 69 ? A CYS 462 ? 1_555 ZN ? D ZN . ? A ZN 1484 ? 1_555 SG  ? A CYS 72 ? A CYS 465 ? 1_555 113.8 ? 
14 SG  ? A CYS 69 ? A CYS 462 ? 1_555 ZN ? D ZN . ? A ZN 1484 ? 1_555 NE2 ? A HIS 85 ? A HIS 478 ? 1_555 103.0 ? 
15 SG  ? A CYS 72 ? A CYS 465 ? 1_555 ZN ? D ZN . ? A ZN 1484 ? 1_555 NE2 ? A HIS 85 ? A HIS 478 ? 1_555 112.9 ? 
16 SG  ? A CYS 69 ? A CYS 462 ? 1_555 ZN ? D ZN . ? A ZN 1484 ? 1_555 NE2 ? A HIS 89 ? A HIS 482 ? 1_555 105.7 ? 
17 SG  ? A CYS 72 ? A CYS 465 ? 1_555 ZN ? D ZN . ? A ZN 1484 ? 1_555 NE2 ? A HIS 89 ? A HIS 482 ? 1_555 116.3 ? 
18 NE2 ? A HIS 85 ? A HIS 478 ? 1_555 ZN ? D ZN . ? A ZN 1484 ? 1_555 NE2 ? A HIS 89 ? A HIS 482 ? 1_555 103.8 ? 
# 
loop_
_pdbx_audit_revision_history.ordinal 
_pdbx_audit_revision_history.data_content_type 
_pdbx_audit_revision_history.major_revision 
_pdbx_audit_revision_history.minor_revision 
_pdbx_audit_revision_history.revision_date 
1 'Structure model' 1 0 2010-04-07 
2 'Structure model' 1 1 2011-07-13 
3 'Structure model' 1 2 2011-10-05 
4 'Structure model' 1 3 2023-12-13 
# 
_pdbx_audit_revision_details.ordinal             1 
_pdbx_audit_revision_details.revision_ordinal    1 
_pdbx_audit_revision_details.data_content_type   'Structure model' 
_pdbx_audit_revision_details.provider            repository 
_pdbx_audit_revision_details.type                'Initial release' 
_pdbx_audit_revision_details.description         ? 
_pdbx_audit_revision_details.details             ? 
# 
loop_
_pdbx_audit_revision_group.ordinal 
_pdbx_audit_revision_group.revision_ordinal 
_pdbx_audit_revision_group.data_content_type 
_pdbx_audit_revision_group.group 
1  2 'Structure model' Advisory                    
2  2 'Structure model' 'Version format compliance' 
3  3 'Structure model' 'Database references'       
4  3 'Structure model' 'Source and taxonomy'       
5  3 'Structure model' 'Structure summary'         
6  4 'Structure model' 'Data collection'           
7  4 'Structure model' 'Database references'       
8  4 'Structure model' 'Derived calculations'      
9  4 'Structure model' Other                       
10 4 'Structure model' 'Refinement description'    
# 
loop_
_pdbx_audit_revision_category.ordinal 
_pdbx_audit_revision_category.revision_ordinal 
_pdbx_audit_revision_category.data_content_type 
_pdbx_audit_revision_category.category 
1 4 'Structure model' chem_comp_atom                
2 4 'Structure model' chem_comp_bond                
3 4 'Structure model' database_2                    
4 4 'Structure model' pdbx_database_status          
5 4 'Structure model' pdbx_initial_refinement_model 
6 4 'Structure model' pdbx_struct_conn_angle        
7 4 'Structure model' struct_conn                   
8 4 'Structure model' struct_site                   
# 
loop_
_pdbx_audit_revision_item.ordinal 
_pdbx_audit_revision_item.revision_ordinal 
_pdbx_audit_revision_item.data_content_type 
_pdbx_audit_revision_item.item 
1  4 'Structure model' '_database_2.pdbx_DOI'                        
2  4 'Structure model' '_database_2.pdbx_database_accession'         
3  4 'Structure model' '_pdbx_database_status.status_code_sf'        
4  4 'Structure model' '_pdbx_struct_conn_angle.ptnr1_auth_comp_id'  
5  4 'Structure model' '_pdbx_struct_conn_angle.ptnr1_auth_seq_id'   
6  4 'Structure model' '_pdbx_struct_conn_angle.ptnr1_label_atom_id' 
7  4 'Structure model' '_pdbx_struct_conn_angle.ptnr1_label_comp_id' 
8  4 'Structure model' '_pdbx_struct_conn_angle.ptnr1_label_seq_id'  
9  4 'Structure model' '_pdbx_struct_conn_angle.ptnr2_auth_seq_id'   
10 4 'Structure model' '_pdbx_struct_conn_angle.ptnr2_label_asym_id' 
11 4 'Structure model' '_pdbx_struct_conn_angle.ptnr3_auth_comp_id'  
12 4 'Structure model' '_pdbx_struct_conn_angle.ptnr3_auth_seq_id'   
13 4 'Structure model' '_pdbx_struct_conn_angle.ptnr3_label_atom_id' 
14 4 'Structure model' '_pdbx_struct_conn_angle.ptnr3_label_comp_id' 
15 4 'Structure model' '_pdbx_struct_conn_angle.ptnr3_label_seq_id'  
16 4 'Structure model' '_pdbx_struct_conn_angle.value'               
17 4 'Structure model' '_struct_conn.pdbx_dist_value'                
18 4 'Structure model' '_struct_conn.ptnr1_auth_comp_id'             
19 4 'Structure model' '_struct_conn.ptnr1_auth_seq_id'              
20 4 'Structure model' '_struct_conn.ptnr1_label_asym_id'            
21 4 'Structure model' '_struct_conn.ptnr1_label_atom_id'            
22 4 'Structure model' '_struct_conn.ptnr1_label_comp_id'            
23 4 'Structure model' '_struct_conn.ptnr1_label_seq_id'             
24 4 'Structure model' '_struct_conn.ptnr2_auth_comp_id'             
25 4 'Structure model' '_struct_conn.ptnr2_auth_seq_id'              
26 4 'Structure model' '_struct_conn.ptnr2_label_asym_id'            
27 4 'Structure model' '_struct_conn.ptnr2_label_atom_id'            
28 4 'Structure model' '_struct_conn.ptnr2_label_comp_id'            
29 4 'Structure model' '_struct_conn.ptnr2_label_seq_id'             
30 4 'Structure model' '_struct_site.pdbx_auth_asym_id'              
31 4 'Structure model' '_struct_site.pdbx_auth_comp_id'              
32 4 'Structure model' '_struct_site.pdbx_auth_seq_id'               
# 
loop_
_pdbx_refine_tls.pdbx_refine_id 
_pdbx_refine_tls.id 
_pdbx_refine_tls.details 
_pdbx_refine_tls.method 
_pdbx_refine_tls.origin_x 
_pdbx_refine_tls.origin_y 
_pdbx_refine_tls.origin_z 
_pdbx_refine_tls.T[1][1] 
_pdbx_refine_tls.T[2][2] 
_pdbx_refine_tls.T[3][3] 
_pdbx_refine_tls.T[1][2] 
_pdbx_refine_tls.T[1][3] 
_pdbx_refine_tls.T[2][3] 
_pdbx_refine_tls.L[1][1] 
_pdbx_refine_tls.L[2][2] 
_pdbx_refine_tls.L[3][3] 
_pdbx_refine_tls.L[1][2] 
_pdbx_refine_tls.L[1][3] 
_pdbx_refine_tls.L[2][3] 
_pdbx_refine_tls.S[1][1] 
_pdbx_refine_tls.S[1][2] 
_pdbx_refine_tls.S[1][3] 
_pdbx_refine_tls.S[2][1] 
_pdbx_refine_tls.S[2][2] 
_pdbx_refine_tls.S[2][3] 
_pdbx_refine_tls.S[3][1] 
_pdbx_refine_tls.S[3][2] 
_pdbx_refine_tls.S[3][3] 
'X-RAY DIFFRACTION' 1 ? refined 13.7761  10.2240 1.7221   0.0761 0.2318 0.0718 -0.0332 0.0400  0.0115 10.4263 9.3824  6.7665  0.8090  5.2357  -1.2608 -0.1547 0.1014  0.3442  -0.4580 -0.1509 -0.3598 -0.3290 0.5257  0.3056  
'X-RAY DIFFRACTION' 2 ? refined -2.1300  -2.7856 8.6251   0.0575 0.2914 0.1101 -0.0353 -0.0079 0.0805 3.1903  3.8042  4.9820  2.0482  -0.1430 1.9902  0.0130  -0.3948 -0.4576 0.2253  -0.0820 -0.0697 0.2733  -0.1927 0.0690  
'X-RAY DIFFRACTION' 3 ? refined -11.2098 -6.8831 -12.0940 0.1909 0.2194 0.0596 -0.0471 -0.0490 0.0328 5.6275  1.8639  12.0454 1.5518  5.9356  1.8557  0.3427  -0.0880 -0.1601 -0.2201 0.0509  0.1438  0.6324  -0.5585 -0.3937 
'X-RAY DIFFRACTION' 4 ? refined 2.0055   2.8816  -4.8045  0.0264 0.0352 0.0068 -0.0073 -0.0009 0.0049 3.0810  11.0113 2.2745  -1.7635 -0.3129 1.0511  0.0972  0.0094  0.0407  -0.2604 -0.1052 -0.2232 -0.0515 0.0897  0.0080  
'X-RAY DIFFRACTION' 5 ? refined 0.8409   2.5764  -5.6925  0.0548 0.0399 0.0367 -0.0332 0.0143  0.0077 1.0547  8.4420  5.3858  -1.8423 -1.3296 5.9985  -0.1063 0.1026  0.0262  -0.2364 0.1619  -0.0362 -0.2038 0.1134  -0.0556  
# 
loop_
_pdbx_refine_tls_group.pdbx_refine_id 
_pdbx_refine_tls_group.id 
_pdbx_refine_tls_group.refine_tls_id 
_pdbx_refine_tls_group.beg_auth_asym_id 
_pdbx_refine_tls_group.beg_auth_seq_id 
_pdbx_refine_tls_group.beg_label_asym_id 
_pdbx_refine_tls_group.beg_label_seq_id 
_pdbx_refine_tls_group.end_auth_asym_id 
_pdbx_refine_tls_group.end_auth_seq_id 
_pdbx_refine_tls_group.end_label_asym_id 
_pdbx_refine_tls_group.end_label_seq_id 
_pdbx_refine_tls_group.selection 
_pdbx_refine_tls_group.selection_details 
'X-RAY DIFFRACTION' 1 1 A 399 ? ? A 424 ? ? ? ? 
'X-RAY DIFFRACTION' 2 2 A 425 ? ? A 455 ? ? ? ? 
'X-RAY DIFFRACTION' 3 3 A 456 ? ? A 483 ? ? ? ? 
'X-RAY DIFFRACTION' 4 4 B 1   ? ? B 10  ? ? ? ? 
'X-RAY DIFFRACTION' 5 5 C 1   ? ? C 10  ? ? ? ? 
# 
loop_
_software.name 
_software.classification 
_software.version 
_software.citation_id 
_software.pdbx_ordinal 
REFMAC refinement       5.5.0066 ? 1 
XDS    'data reduction' .        ? 2 
XDS    'data scaling'   .        ? 3 
PHASER phasing          .        ? 4 
# 
loop_
_pdbx_database_remark.id 
_pdbx_database_remark.text 
650 
;
HELIX
DETERMINATION METHOD: AUTHOR PROVIDED.
;
700 
;
SHEET
DETERMINATION METHOD: AUTHOR PROVIDED.
;
# 
loop_
_pdbx_validate_rmsd_bond.id 
_pdbx_validate_rmsd_bond.PDB_model_num 
_pdbx_validate_rmsd_bond.auth_atom_id_1 
_pdbx_validate_rmsd_bond.auth_asym_id_1 
_pdbx_validate_rmsd_bond.auth_comp_id_1 
_pdbx_validate_rmsd_bond.auth_seq_id_1 
_pdbx_validate_rmsd_bond.PDB_ins_code_1 
_pdbx_validate_rmsd_bond.label_alt_id_1 
_pdbx_validate_rmsd_bond.auth_atom_id_2 
_pdbx_validate_rmsd_bond.auth_asym_id_2 
_pdbx_validate_rmsd_bond.auth_comp_id_2 
_pdbx_validate_rmsd_bond.auth_seq_id_2 
_pdbx_validate_rmsd_bond.PDB_ins_code_2 
_pdbx_validate_rmsd_bond.label_alt_id_2 
_pdbx_validate_rmsd_bond.bond_value 
_pdbx_validate_rmsd_bond.bond_target_value 
_pdbx_validate_rmsd_bond.bond_deviation 
_pdbx_validate_rmsd_bond.bond_standard_deviation 
_pdbx_validate_rmsd_bond.linker_flag 
1 1 "O3'" B DG 4 ? ? "C3'" B DG 4 ? ? 1.371 1.419 -0.048 0.006 N 
2 1 "O3'" B DC 5 ? ? "C3'" B DC 5 ? ? 1.373 1.419 -0.046 0.006 N 
3 1 "O3'" B DG 9 ? ? "C3'" B DG 9 ? ? 1.382 1.419 -0.037 0.006 N 
4 1 "O3'" C DG 1 ? ? "C3'" C DG 1 ? ? 1.381 1.419 -0.038 0.006 N 
5 1 "O3'" C DC 2 ? ? "C3'" C DC 2 ? ? 1.382 1.419 -0.037 0.006 N 
6 1 "O3'" C DC 3 ? ? "C3'" C DC 3 ? ? 1.370 1.419 -0.049 0.006 N 
7 1 "O3'" C DA 4 ? ? "C3'" C DA 4 ? ? 1.355 1.419 -0.064 0.006 N 
# 
loop_
_pdbx_validate_rmsd_angle.id 
_pdbx_validate_rmsd_angle.PDB_model_num 
_pdbx_validate_rmsd_angle.auth_atom_id_1 
_pdbx_validate_rmsd_angle.auth_asym_id_1 
_pdbx_validate_rmsd_angle.auth_comp_id_1 
_pdbx_validate_rmsd_angle.auth_seq_id_1 
_pdbx_validate_rmsd_angle.PDB_ins_code_1 
_pdbx_validate_rmsd_angle.label_alt_id_1 
_pdbx_validate_rmsd_angle.auth_atom_id_2 
_pdbx_validate_rmsd_angle.auth_asym_id_2 
_pdbx_validate_rmsd_angle.auth_comp_id_2 
_pdbx_validate_rmsd_angle.auth_seq_id_2 
_pdbx_validate_rmsd_angle.PDB_ins_code_2 
_pdbx_validate_rmsd_angle.label_alt_id_2 
_pdbx_validate_rmsd_angle.auth_atom_id_3 
_pdbx_validate_rmsd_angle.auth_asym_id_3 
_pdbx_validate_rmsd_angle.auth_comp_id_3 
_pdbx_validate_rmsd_angle.auth_seq_id_3 
_pdbx_validate_rmsd_angle.PDB_ins_code_3 
_pdbx_validate_rmsd_angle.label_alt_id_3 
_pdbx_validate_rmsd_angle.angle_value 
_pdbx_validate_rmsd_angle.angle_target_value 
_pdbx_validate_rmsd_angle.angle_deviation 
_pdbx_validate_rmsd_angle.angle_standard_deviation 
_pdbx_validate_rmsd_angle.linker_flag 
1 1 "C3'" B DC 5  ? ? "C2'" B DC 5  ? ? "C1'" B DC 5  ? ? 96.29  102.40 -6.11 0.80 N 
2 1 "O4'" B DC 5  ? ? "C1'" B DC 5  ? ? N1    B DC 5  ? ? 111.88 108.30 3.58  0.30 N 
3 1 "C3'" B DG 8  ? ? "C2'" B DG 8  ? ? "C1'" B DG 8  ? ? 97.58  102.40 -4.82 0.80 N 
4 1 "O4'" C DG 1  ? ? "C1'" C DG 1  ? ? N9    C DG 1  ? ? 103.56 108.00 -4.44 0.70 N 
5 1 "C5'" C DC 8  ? ? "C4'" C DC 8  ? ? "C3'" C DC 8  ? ? 123.02 115.70 7.32  1.20 N 
6 1 "O4'" C DC 10 ? ? "C1'" C DC 10 ? ? N1    C DC 10 ? ? 103.32 108.00 -4.68 0.70 N 
# 
loop_
_pdbx_validate_torsion.id 
_pdbx_validate_torsion.PDB_model_num 
_pdbx_validate_torsion.auth_comp_id 
_pdbx_validate_torsion.auth_asym_id 
_pdbx_validate_torsion.auth_seq_id 
_pdbx_validate_torsion.PDB_ins_code 
_pdbx_validate_torsion.label_alt_id 
_pdbx_validate_torsion.phi 
_pdbx_validate_torsion.psi 
1 1 ASP A 403 ? ? -91.48  45.30   
2 1 ALA A 405 ? ? 58.44   -119.08 
3 1 LYS A 413 ? ? -167.01 118.12  
4 1 GLU A 427 ? ? -35.55  128.07  
5 1 ASP A 435 ? ? -39.21  124.37  
# 
loop_
_pdbx_unobs_or_zero_occ_residues.id 
_pdbx_unobs_or_zero_occ_residues.PDB_model_num 
_pdbx_unobs_or_zero_occ_residues.polymer_flag 
_pdbx_unobs_or_zero_occ_residues.occupancy_flag 
_pdbx_unobs_or_zero_occ_residues.auth_asym_id 
_pdbx_unobs_or_zero_occ_residues.auth_comp_id 
_pdbx_unobs_or_zero_occ_residues.auth_seq_id 
_pdbx_unobs_or_zero_occ_residues.PDB_ins_code 
_pdbx_unobs_or_zero_occ_residues.label_asym_id 
_pdbx_unobs_or_zero_occ_residues.label_comp_id 
_pdbx_unobs_or_zero_occ_residues.label_seq_id 
1 1 Y 1 A GLY 394 ? A GLY 1 
2 1 Y 1 A SER 395 ? A SER 2 
3 1 Y 1 A ARG 396 ? A ARG 3 
4 1 Y 1 A THR 397 ? A THR 4 
5 1 Y 1 A ALA 398 ? A ALA 5 
# 
loop_
_chem_comp_atom.comp_id 
_chem_comp_atom.atom_id 
_chem_comp_atom.type_symbol 
_chem_comp_atom.pdbx_aromatic_flag 
_chem_comp_atom.pdbx_stereo_config 
_chem_comp_atom.pdbx_ordinal 
ALA N      N  N N 1   
ALA CA     C  N S 2   
ALA C      C  N N 3   
ALA O      O  N N 4   
ALA CB     C  N N 5   
ALA OXT    O  N N 6   
ALA H      H  N N 7   
ALA H2     H  N N 8   
ALA HA     H  N N 9   
ALA HB1    H  N N 10  
ALA HB2    H  N N 11  
ALA HB3    H  N N 12  
ALA HXT    H  N N 13  
ARG N      N  N N 14  
ARG CA     C  N S 15  
ARG C      C  N N 16  
ARG O      O  N N 17  
ARG CB     C  N N 18  
ARG CG     C  N N 19  
ARG CD     C  N N 20  
ARG NE     N  N N 21  
ARG CZ     C  N N 22  
ARG NH1    N  N N 23  
ARG NH2    N  N N 24  
ARG OXT    O  N N 25  
ARG H      H  N N 26  
ARG H2     H  N N 27  
ARG HA     H  N N 28  
ARG HB2    H  N N 29  
ARG HB3    H  N N 30  
ARG HG2    H  N N 31  
ARG HG3    H  N N 32  
ARG HD2    H  N N 33  
ARG HD3    H  N N 34  
ARG HE     H  N N 35  
ARG HH11   H  N N 36  
ARG HH12   H  N N 37  
ARG HH21   H  N N 38  
ARG HH22   H  N N 39  
ARG HXT    H  N N 40  
ASP N      N  N N 41  
ASP CA     C  N S 42  
ASP C      C  N N 43  
ASP O      O  N N 44  
ASP CB     C  N N 45  
ASP CG     C  N N 46  
ASP OD1    O  N N 47  
ASP OD2    O  N N 48  
ASP OXT    O  N N 49  
ASP H      H  N N 50  
ASP H2     H  N N 51  
ASP HA     H  N N 52  
ASP HB2    H  N N 53  
ASP HB3    H  N N 54  
ASP HD2    H  N N 55  
ASP HXT    H  N N 56  
CYS N      N  N N 57  
CYS CA     C  N R 58  
CYS C      C  N N 59  
CYS O      O  N N 60  
CYS CB     C  N N 61  
CYS SG     S  N N 62  
CYS OXT    O  N N 63  
CYS H      H  N N 64  
CYS H2     H  N N 65  
CYS HA     H  N N 66  
CYS HB2    H  N N 67  
CYS HB3    H  N N 68  
CYS HG     H  N N 69  
CYS HXT    H  N N 70  
DA  OP3    O  N N 71  
DA  P      P  N N 72  
DA  OP1    O  N N 73  
DA  OP2    O  N N 74  
DA  "O5'"  O  N N 75  
DA  "C5'"  C  N N 76  
DA  "C4'"  C  N R 77  
DA  "O4'"  O  N N 78  
DA  "C3'"  C  N S 79  
DA  "O3'"  O  N N 80  
DA  "C2'"  C  N N 81  
DA  "C1'"  C  N R 82  
DA  N9     N  Y N 83  
DA  C8     C  Y N 84  
DA  N7     N  Y N 85  
DA  C5     C  Y N 86  
DA  C6     C  Y N 87  
DA  N6     N  N N 88  
DA  N1     N  Y N 89  
DA  C2     C  Y N 90  
DA  N3     N  Y N 91  
DA  C4     C  Y N 92  
DA  HOP3   H  N N 93  
DA  HOP2   H  N N 94  
DA  "H5'"  H  N N 95  
DA  "H5''" H  N N 96  
DA  "H4'"  H  N N 97  
DA  "H3'"  H  N N 98  
DA  "HO3'" H  N N 99  
DA  "H2'"  H  N N 100 
DA  "H2''" H  N N 101 
DA  "H1'"  H  N N 102 
DA  H8     H  N N 103 
DA  H61    H  N N 104 
DA  H62    H  N N 105 
DA  H2     H  N N 106 
DC  OP3    O  N N 107 
DC  P      P  N N 108 
DC  OP1    O  N N 109 
DC  OP2    O  N N 110 
DC  "O5'"  O  N N 111 
DC  "C5'"  C  N N 112 
DC  "C4'"  C  N R 113 
DC  "O4'"  O  N N 114 
DC  "C3'"  C  N S 115 
DC  "O3'"  O  N N 116 
DC  "C2'"  C  N N 117 
DC  "C1'"  C  N R 118 
DC  N1     N  N N 119 
DC  C2     C  N N 120 
DC  O2     O  N N 121 
DC  N3     N  N N 122 
DC  C4     C  N N 123 
DC  N4     N  N N 124 
DC  C5     C  N N 125 
DC  C6     C  N N 126 
DC  HOP3   H  N N 127 
DC  HOP2   H  N N 128 
DC  "H5'"  H  N N 129 
DC  "H5''" H  N N 130 
DC  "H4'"  H  N N 131 
DC  "H3'"  H  N N 132 
DC  "HO3'" H  N N 133 
DC  "H2'"  H  N N 134 
DC  "H2''" H  N N 135 
DC  "H1'"  H  N N 136 
DC  H41    H  N N 137 
DC  H42    H  N N 138 
DC  H5     H  N N 139 
DC  H6     H  N N 140 
DG  OP3    O  N N 141 
DG  P      P  N N 142 
DG  OP1    O  N N 143 
DG  OP2    O  N N 144 
DG  "O5'"  O  N N 145 
DG  "C5'"  C  N N 146 
DG  "C4'"  C  N R 147 
DG  "O4'"  O  N N 148 
DG  "C3'"  C  N S 149 
DG  "O3'"  O  N N 150 
DG  "C2'"  C  N N 151 
DG  "C1'"  C  N R 152 
DG  N9     N  Y N 153 
DG  C8     C  Y N 154 
DG  N7     N  Y N 155 
DG  C5     C  Y N 156 
DG  C6     C  N N 157 
DG  O6     O  N N 158 
DG  N1     N  N N 159 
DG  C2     C  N N 160 
DG  N2     N  N N 161 
DG  N3     N  N N 162 
DG  C4     C  Y N 163 
DG  HOP3   H  N N 164 
DG  HOP2   H  N N 165 
DG  "H5'"  H  N N 166 
DG  "H5''" H  N N 167 
DG  "H4'"  H  N N 168 
DG  "H3'"  H  N N 169 
DG  "HO3'" H  N N 170 
DG  "H2'"  H  N N 171 
DG  "H2''" H  N N 172 
DG  "H1'"  H  N N 173 
DG  H8     H  N N 174 
DG  H1     H  N N 175 
DG  H21    H  N N 176 
DG  H22    H  N N 177 
DT  OP3    O  N N 178 
DT  P      P  N N 179 
DT  OP1    O  N N 180 
DT  OP2    O  N N 181 
DT  "O5'"  O  N N 182 
DT  "C5'"  C  N N 183 
DT  "C4'"  C  N R 184 
DT  "O4'"  O  N N 185 
DT  "C3'"  C  N S 186 
DT  "O3'"  O  N N 187 
DT  "C2'"  C  N N 188 
DT  "C1'"  C  N R 189 
DT  N1     N  N N 190 
DT  C2     C  N N 191 
DT  O2     O  N N 192 
DT  N3     N  N N 193 
DT  C4     C  N N 194 
DT  O4     O  N N 195 
DT  C5     C  N N 196 
DT  C7     C  N N 197 
DT  C6     C  N N 198 
DT  HOP3   H  N N 199 
DT  HOP2   H  N N 200 
DT  "H5'"  H  N N 201 
DT  "H5''" H  N N 202 
DT  "H4'"  H  N N 203 
DT  "H3'"  H  N N 204 
DT  "HO3'" H  N N 205 
DT  "H2'"  H  N N 206 
DT  "H2''" H  N N 207 
DT  "H1'"  H  N N 208 
DT  H3     H  N N 209 
DT  H71    H  N N 210 
DT  H72    H  N N 211 
DT  H73    H  N N 212 
DT  H6     H  N N 213 
GLN N      N  N N 214 
GLN CA     C  N S 215 
GLN C      C  N N 216 
GLN O      O  N N 217 
GLN CB     C  N N 218 
GLN CG     C  N N 219 
GLN CD     C  N N 220 
GLN OE1    O  N N 221 
GLN NE2    N  N N 222 
GLN OXT    O  N N 223 
GLN H      H  N N 224 
GLN H2     H  N N 225 
GLN HA     H  N N 226 
GLN HB2    H  N N 227 
GLN HB3    H  N N 228 
GLN HG2    H  N N 229 
GLN HG3    H  N N 230 
GLN HE21   H  N N 231 
GLN HE22   H  N N 232 
GLN HXT    H  N N 233 
GLU N      N  N N 234 
GLU CA     C  N S 235 
GLU C      C  N N 236 
GLU O      O  N N 237 
GLU CB     C  N N 238 
GLU CG     C  N N 239 
GLU CD     C  N N 240 
GLU OE1    O  N N 241 
GLU OE2    O  N N 242 
GLU OXT    O  N N 243 
GLU H      H  N N 244 
GLU H2     H  N N 245 
GLU HA     H  N N 246 
GLU HB2    H  N N 247 
GLU HB3    H  N N 248 
GLU HG2    H  N N 249 
GLU HG3    H  N N 250 
GLU HE2    H  N N 251 
GLU HXT    H  N N 252 
GLY N      N  N N 253 
GLY CA     C  N N 254 
GLY C      C  N N 255 
GLY O      O  N N 256 
GLY OXT    O  N N 257 
GLY H      H  N N 258 
GLY H2     H  N N 259 
GLY HA2    H  N N 260 
GLY HA3    H  N N 261 
GLY HXT    H  N N 262 
HIS N      N  N N 263 
HIS CA     C  N S 264 
HIS C      C  N N 265 
HIS O      O  N N 266 
HIS CB     C  N N 267 
HIS CG     C  Y N 268 
HIS ND1    N  Y N 269 
HIS CD2    C  Y N 270 
HIS CE1    C  Y N 271 
HIS NE2    N  Y N 272 
HIS OXT    O  N N 273 
HIS H      H  N N 274 
HIS H2     H  N N 275 
HIS HA     H  N N 276 
HIS HB2    H  N N 277 
HIS HB3    H  N N 278 
HIS HD1    H  N N 279 
HIS HD2    H  N N 280 
HIS HE1    H  N N 281 
HIS HE2    H  N N 282 
HIS HXT    H  N N 283 
HOH O      O  N N 284 
HOH H1     H  N N 285 
HOH H2     H  N N 286 
LEU N      N  N N 287 
LEU CA     C  N S 288 
LEU C      C  N N 289 
LEU O      O  N N 290 
LEU CB     C  N N 291 
LEU CG     C  N N 292 
LEU CD1    C  N N 293 
LEU CD2    C  N N 294 
LEU OXT    O  N N 295 
LEU H      H  N N 296 
LEU H2     H  N N 297 
LEU HA     H  N N 298 
LEU HB2    H  N N 299 
LEU HB3    H  N N 300 
LEU HG     H  N N 301 
LEU HD11   H  N N 302 
LEU HD12   H  N N 303 
LEU HD13   H  N N 304 
LEU HD21   H  N N 305 
LEU HD22   H  N N 306 
LEU HD23   H  N N 307 
LEU HXT    H  N N 308 
LYS N      N  N N 309 
LYS CA     C  N S 310 
LYS C      C  N N 311 
LYS O      O  N N 312 
LYS CB     C  N N 313 
LYS CG     C  N N 314 
LYS CD     C  N N 315 
LYS CE     C  N N 316 
LYS NZ     N  N N 317 
LYS OXT    O  N N 318 
LYS H      H  N N 319 
LYS H2     H  N N 320 
LYS HA     H  N N 321 
LYS HB2    H  N N 322 
LYS HB3    H  N N 323 
LYS HG2    H  N N 324 
LYS HG3    H  N N 325 
LYS HD2    H  N N 326 
LYS HD3    H  N N 327 
LYS HE2    H  N N 328 
LYS HE3    H  N N 329 
LYS HZ1    H  N N 330 
LYS HZ2    H  N N 331 
LYS HZ3    H  N N 332 
LYS HXT    H  N N 333 
MET N      N  N N 334 
MET CA     C  N S 335 
MET C      C  N N 336 
MET O      O  N N 337 
MET CB     C  N N 338 
MET CG     C  N N 339 
MET SD     S  N N 340 
MET CE     C  N N 341 
MET OXT    O  N N 342 
MET H      H  N N 343 
MET H2     H  N N 344 
MET HA     H  N N 345 
MET HB2    H  N N 346 
MET HB3    H  N N 347 
MET HG2    H  N N 348 
MET HG3    H  N N 349 
MET HE1    H  N N 350 
MET HE2    H  N N 351 
MET HE3    H  N N 352 
MET HXT    H  N N 353 
PHE N      N  N N 354 
PHE CA     C  N S 355 
PHE C      C  N N 356 
PHE O      O  N N 357 
PHE CB     C  N N 358 
PHE CG     C  Y N 359 
PHE CD1    C  Y N 360 
PHE CD2    C  Y N 361 
PHE CE1    C  Y N 362 
PHE CE2    C  Y N 363 
PHE CZ     C  Y N 364 
PHE OXT    O  N N 365 
PHE H      H  N N 366 
PHE H2     H  N N 367 
PHE HA     H  N N 368 
PHE HB2    H  N N 369 
PHE HB3    H  N N 370 
PHE HD1    H  N N 371 
PHE HD2    H  N N 372 
PHE HE1    H  N N 373 
PHE HE2    H  N N 374 
PHE HZ     H  N N 375 
PHE HXT    H  N N 376 
PRO N      N  N N 377 
PRO CA     C  N S 378 
PRO C      C  N N 379 
PRO O      O  N N 380 
PRO CB     C  N N 381 
PRO CG     C  N N 382 
PRO CD     C  N N 383 
PRO OXT    O  N N 384 
PRO H      H  N N 385 
PRO HA     H  N N 386 
PRO HB2    H  N N 387 
PRO HB3    H  N N 388 
PRO HG2    H  N N 389 
PRO HG3    H  N N 390 
PRO HD2    H  N N 391 
PRO HD3    H  N N 392 
PRO HXT    H  N N 393 
SER N      N  N N 394 
SER CA     C  N S 395 
SER C      C  N N 396 
SER O      O  N N 397 
SER CB     C  N N 398 
SER OG     O  N N 399 
SER OXT    O  N N 400 
SER H      H  N N 401 
SER H2     H  N N 402 
SER HA     H  N N 403 
SER HB2    H  N N 404 
SER HB3    H  N N 405 
SER HG     H  N N 406 
SER HXT    H  N N 407 
THR N      N  N N 408 
THR CA     C  N S 409 
THR C      C  N N 410 
THR O      O  N N 411 
THR CB     C  N R 412 
THR OG1    O  N N 413 
THR CG2    C  N N 414 
THR OXT    O  N N 415 
THR H      H  N N 416 
THR H2     H  N N 417 
THR HA     H  N N 418 
THR HB     H  N N 419 
THR HG1    H  N N 420 
THR HG21   H  N N 421 
THR HG22   H  N N 422 
THR HG23   H  N N 423 
THR HXT    H  N N 424 
TRP N      N  N N 425 
TRP CA     C  N S 426 
TRP C      C  N N 427 
TRP O      O  N N 428 
TRP CB     C  N N 429 
TRP CG     C  Y N 430 
TRP CD1    C  Y N 431 
TRP CD2    C  Y N 432 
TRP NE1    N  Y N 433 
TRP CE2    C  Y N 434 
TRP CE3    C  Y N 435 
TRP CZ2    C  Y N 436 
TRP CZ3    C  Y N 437 
TRP CH2    C  Y N 438 
TRP OXT    O  N N 439 
TRP H      H  N N 440 
TRP H2     H  N N 441 
TRP HA     H  N N 442 
TRP HB2    H  N N 443 
TRP HB3    H  N N 444 
TRP HD1    H  N N 445 
TRP HE1    H  N N 446 
TRP HE3    H  N N 447 
TRP HZ2    H  N N 448 
TRP HZ3    H  N N 449 
TRP HH2    H  N N 450 
TRP HXT    H  N N 451 
TYR N      N  N N 452 
TYR CA     C  N S 453 
TYR C      C  N N 454 
TYR O      O  N N 455 
TYR CB     C  N N 456 
TYR CG     C  Y N 457 
TYR CD1    C  Y N 458 
TYR CD2    C  Y N 459 
TYR CE1    C  Y N 460 
TYR CE2    C  Y N 461 
TYR CZ     C  Y N 462 
TYR OH     O  N N 463 
TYR OXT    O  N N 464 
TYR H      H  N N 465 
TYR H2     H  N N 466 
TYR HA     H  N N 467 
TYR HB2    H  N N 468 
TYR HB3    H  N N 469 
TYR HD1    H  N N 470 
TYR HD2    H  N N 471 
TYR HE1    H  N N 472 
TYR HE2    H  N N 473 
TYR HH     H  N N 474 
TYR HXT    H  N N 475 
ZN  ZN     ZN N N 476 
# 
loop_
_chem_comp_bond.comp_id 
_chem_comp_bond.atom_id_1 
_chem_comp_bond.atom_id_2 
_chem_comp_bond.value_order 
_chem_comp_bond.pdbx_aromatic_flag 
_chem_comp_bond.pdbx_stereo_config 
_chem_comp_bond.pdbx_ordinal 
ALA N     CA     sing N N 1   
ALA N     H      sing N N 2   
ALA N     H2     sing N N 3   
ALA CA    C      sing N N 4   
ALA CA    CB     sing N N 5   
ALA CA    HA     sing N N 6   
ALA C     O      doub N N 7   
ALA C     OXT    sing N N 8   
ALA CB    HB1    sing N N 9   
ALA CB    HB2    sing N N 10  
ALA CB    HB3    sing N N 11  
ALA OXT   HXT    sing N N 12  
ARG N     CA     sing N N 13  
ARG N     H      sing N N 14  
ARG N     H2     sing N N 15  
ARG CA    C      sing N N 16  
ARG CA    CB     sing N N 17  
ARG CA    HA     sing N N 18  
ARG C     O      doub N N 19  
ARG C     OXT    sing N N 20  
ARG CB    CG     sing N N 21  
ARG CB    HB2    sing N N 22  
ARG CB    HB3    sing N N 23  
ARG CG    CD     sing N N 24  
ARG CG    HG2    sing N N 25  
ARG CG    HG3    sing N N 26  
ARG CD    NE     sing N N 27  
ARG CD    HD2    sing N N 28  
ARG CD    HD3    sing N N 29  
ARG NE    CZ     sing N N 30  
ARG NE    HE     sing N N 31  
ARG CZ    NH1    sing N N 32  
ARG CZ    NH2    doub N N 33  
ARG NH1   HH11   sing N N 34  
ARG NH1   HH12   sing N N 35  
ARG NH2   HH21   sing N N 36  
ARG NH2   HH22   sing N N 37  
ARG OXT   HXT    sing N N 38  
ASP N     CA     sing N N 39  
ASP N     H      sing N N 40  
ASP N     H2     sing N N 41  
ASP CA    C      sing N N 42  
ASP CA    CB     sing N N 43  
ASP CA    HA     sing N N 44  
ASP C     O      doub N N 45  
ASP C     OXT    sing N N 46  
ASP CB    CG     sing N N 47  
ASP CB    HB2    sing N N 48  
ASP CB    HB3    sing N N 49  
ASP CG    OD1    doub N N 50  
ASP CG    OD2    sing N N 51  
ASP OD2   HD2    sing N N 52  
ASP OXT   HXT    sing N N 53  
CYS N     CA     sing N N 54  
CYS N     H      sing N N 55  
CYS N     H2     sing N N 56  
CYS CA    C      sing N N 57  
CYS CA    CB     sing N N 58  
CYS CA    HA     sing N N 59  
CYS C     O      doub N N 60  
CYS C     OXT    sing N N 61  
CYS CB    SG     sing N N 62  
CYS CB    HB2    sing N N 63  
CYS CB    HB3    sing N N 64  
CYS SG    HG     sing N N 65  
CYS OXT   HXT    sing N N 66  
DA  OP3   P      sing N N 67  
DA  OP3   HOP3   sing N N 68  
DA  P     OP1    doub N N 69  
DA  P     OP2    sing N N 70  
DA  P     "O5'"  sing N N 71  
DA  OP2   HOP2   sing N N 72  
DA  "O5'" "C5'"  sing N N 73  
DA  "C5'" "C4'"  sing N N 74  
DA  "C5'" "H5'"  sing N N 75  
DA  "C5'" "H5''" sing N N 76  
DA  "C4'" "O4'"  sing N N 77  
DA  "C4'" "C3'"  sing N N 78  
DA  "C4'" "H4'"  sing N N 79  
DA  "O4'" "C1'"  sing N N 80  
DA  "C3'" "O3'"  sing N N 81  
DA  "C3'" "C2'"  sing N N 82  
DA  "C3'" "H3'"  sing N N 83  
DA  "O3'" "HO3'" sing N N 84  
DA  "C2'" "C1'"  sing N N 85  
DA  "C2'" "H2'"  sing N N 86  
DA  "C2'" "H2''" sing N N 87  
DA  "C1'" N9     sing N N 88  
DA  "C1'" "H1'"  sing N N 89  
DA  N9    C8     sing Y N 90  
DA  N9    C4     sing Y N 91  
DA  C8    N7     doub Y N 92  
DA  C8    H8     sing N N 93  
DA  N7    C5     sing Y N 94  
DA  C5    C6     sing Y N 95  
DA  C5    C4     doub Y N 96  
DA  C6    N6     sing N N 97  
DA  C6    N1     doub Y N 98  
DA  N6    H61    sing N N 99  
DA  N6    H62    sing N N 100 
DA  N1    C2     sing Y N 101 
DA  C2    N3     doub Y N 102 
DA  C2    H2     sing N N 103 
DA  N3    C4     sing Y N 104 
DC  OP3   P      sing N N 105 
DC  OP3   HOP3   sing N N 106 
DC  P     OP1    doub N N 107 
DC  P     OP2    sing N N 108 
DC  P     "O5'"  sing N N 109 
DC  OP2   HOP2   sing N N 110 
DC  "O5'" "C5'"  sing N N 111 
DC  "C5'" "C4'"  sing N N 112 
DC  "C5'" "H5'"  sing N N 113 
DC  "C5'" "H5''" sing N N 114 
DC  "C4'" "O4'"  sing N N 115 
DC  "C4'" "C3'"  sing N N 116 
DC  "C4'" "H4'"  sing N N 117 
DC  "O4'" "C1'"  sing N N 118 
DC  "C3'" "O3'"  sing N N 119 
DC  "C3'" "C2'"  sing N N 120 
DC  "C3'" "H3'"  sing N N 121 
DC  "O3'" "HO3'" sing N N 122 
DC  "C2'" "C1'"  sing N N 123 
DC  "C2'" "H2'"  sing N N 124 
DC  "C2'" "H2''" sing N N 125 
DC  "C1'" N1     sing N N 126 
DC  "C1'" "H1'"  sing N N 127 
DC  N1    C2     sing N N 128 
DC  N1    C6     sing N N 129 
DC  C2    O2     doub N N 130 
DC  C2    N3     sing N N 131 
DC  N3    C4     doub N N 132 
DC  C4    N4     sing N N 133 
DC  C4    C5     sing N N 134 
DC  N4    H41    sing N N 135 
DC  N4    H42    sing N N 136 
DC  C5    C6     doub N N 137 
DC  C5    H5     sing N N 138 
DC  C6    H6     sing N N 139 
DG  OP3   P      sing N N 140 
DG  OP3   HOP3   sing N N 141 
DG  P     OP1    doub N N 142 
DG  P     OP2    sing N N 143 
DG  P     "O5'"  sing N N 144 
DG  OP2   HOP2   sing N N 145 
DG  "O5'" "C5'"  sing N N 146 
DG  "C5'" "C4'"  sing N N 147 
DG  "C5'" "H5'"  sing N N 148 
DG  "C5'" "H5''" sing N N 149 
DG  "C4'" "O4'"  sing N N 150 
DG  "C4'" "C3'"  sing N N 151 
DG  "C4'" "H4'"  sing N N 152 
DG  "O4'" "C1'"  sing N N 153 
DG  "C3'" "O3'"  sing N N 154 
DG  "C3'" "C2'"  sing N N 155 
DG  "C3'" "H3'"  sing N N 156 
DG  "O3'" "HO3'" sing N N 157 
DG  "C2'" "C1'"  sing N N 158 
DG  "C2'" "H2'"  sing N N 159 
DG  "C2'" "H2''" sing N N 160 
DG  "C1'" N9     sing N N 161 
DG  "C1'" "H1'"  sing N N 162 
DG  N9    C8     sing Y N 163 
DG  N9    C4     sing Y N 164 
DG  C8    N7     doub Y N 165 
DG  C8    H8     sing N N 166 
DG  N7    C5     sing Y N 167 
DG  C5    C6     sing N N 168 
DG  C5    C4     doub Y N 169 
DG  C6    O6     doub N N 170 
DG  C6    N1     sing N N 171 
DG  N1    C2     sing N N 172 
DG  N1    H1     sing N N 173 
DG  C2    N2     sing N N 174 
DG  C2    N3     doub N N 175 
DG  N2    H21    sing N N 176 
DG  N2    H22    sing N N 177 
DG  N3    C4     sing N N 178 
DT  OP3   P      sing N N 179 
DT  OP3   HOP3   sing N N 180 
DT  P     OP1    doub N N 181 
DT  P     OP2    sing N N 182 
DT  P     "O5'"  sing N N 183 
DT  OP2   HOP2   sing N N 184 
DT  "O5'" "C5'"  sing N N 185 
DT  "C5'" "C4'"  sing N N 186 
DT  "C5'" "H5'"  sing N N 187 
DT  "C5'" "H5''" sing N N 188 
DT  "C4'" "O4'"  sing N N 189 
DT  "C4'" "C3'"  sing N N 190 
DT  "C4'" "H4'"  sing N N 191 
DT  "O4'" "C1'"  sing N N 192 
DT  "C3'" "O3'"  sing N N 193 
DT  "C3'" "C2'"  sing N N 194 
DT  "C3'" "H3'"  sing N N 195 
DT  "O3'" "HO3'" sing N N 196 
DT  "C2'" "C1'"  sing N N 197 
DT  "C2'" "H2'"  sing N N 198 
DT  "C2'" "H2''" sing N N 199 
DT  "C1'" N1     sing N N 200 
DT  "C1'" "H1'"  sing N N 201 
DT  N1    C2     sing N N 202 
DT  N1    C6     sing N N 203 
DT  C2    O2     doub N N 204 
DT  C2    N3     sing N N 205 
DT  N3    C4     sing N N 206 
DT  N3    H3     sing N N 207 
DT  C4    O4     doub N N 208 
DT  C4    C5     sing N N 209 
DT  C5    C7     sing N N 210 
DT  C5    C6     doub N N 211 
DT  C7    H71    sing N N 212 
DT  C7    H72    sing N N 213 
DT  C7    H73    sing N N 214 
DT  C6    H6     sing N N 215 
GLN N     CA     sing N N 216 
GLN N     H      sing N N 217 
GLN N     H2     sing N N 218 
GLN CA    C      sing N N 219 
GLN CA    CB     sing N N 220 
GLN CA    HA     sing N N 221 
GLN C     O      doub N N 222 
GLN C     OXT    sing N N 223 
GLN CB    CG     sing N N 224 
GLN CB    HB2    sing N N 225 
GLN CB    HB3    sing N N 226 
GLN CG    CD     sing N N 227 
GLN CG    HG2    sing N N 228 
GLN CG    HG3    sing N N 229 
GLN CD    OE1    doub N N 230 
GLN CD    NE2    sing N N 231 
GLN NE2   HE21   sing N N 232 
GLN NE2   HE22   sing N N 233 
GLN OXT   HXT    sing N N 234 
GLU N     CA     sing N N 235 
GLU N     H      sing N N 236 
GLU N     H2     sing N N 237 
GLU CA    C      sing N N 238 
GLU CA    CB     sing N N 239 
GLU CA    HA     sing N N 240 
GLU C     O      doub N N 241 
GLU C     OXT    sing N N 242 
GLU CB    CG     sing N N 243 
GLU CB    HB2    sing N N 244 
GLU CB    HB3    sing N N 245 
GLU CG    CD     sing N N 246 
GLU CG    HG2    sing N N 247 
GLU CG    HG3    sing N N 248 
GLU CD    OE1    doub N N 249 
GLU CD    OE2    sing N N 250 
GLU OE2   HE2    sing N N 251 
GLU OXT   HXT    sing N N 252 
GLY N     CA     sing N N 253 
GLY N     H      sing N N 254 
GLY N     H2     sing N N 255 
GLY CA    C      sing N N 256 
GLY CA    HA2    sing N N 257 
GLY CA    HA3    sing N N 258 
GLY C     O      doub N N 259 
GLY C     OXT    sing N N 260 
GLY OXT   HXT    sing N N 261 
HIS N     CA     sing N N 262 
HIS N     H      sing N N 263 
HIS N     H2     sing N N 264 
HIS CA    C      sing N N 265 
HIS CA    CB     sing N N 266 
HIS CA    HA     sing N N 267 
HIS C     O      doub N N 268 
HIS C     OXT    sing N N 269 
HIS CB    CG     sing N N 270 
HIS CB    HB2    sing N N 271 
HIS CB    HB3    sing N N 272 
HIS CG    ND1    sing Y N 273 
HIS CG    CD2    doub Y N 274 
HIS ND1   CE1    doub Y N 275 
HIS ND1   HD1    sing N N 276 
HIS CD2   NE2    sing Y N 277 
HIS CD2   HD2    sing N N 278 
HIS CE1   NE2    sing Y N 279 
HIS CE1   HE1    sing N N 280 
HIS NE2   HE2    sing N N 281 
HIS OXT   HXT    sing N N 282 
HOH O     H1     sing N N 283 
HOH O     H2     sing N N 284 
LEU N     CA     sing N N 285 
LEU N     H      sing N N 286 
LEU N     H2     sing N N 287 
LEU CA    C      sing N N 288 
LEU CA    CB     sing N N 289 
LEU CA    HA     sing N N 290 
LEU C     O      doub N N 291 
LEU C     OXT    sing N N 292 
LEU CB    CG     sing N N 293 
LEU CB    HB2    sing N N 294 
LEU CB    HB3    sing N N 295 
LEU CG    CD1    sing N N 296 
LEU CG    CD2    sing N N 297 
LEU CG    HG     sing N N 298 
LEU CD1   HD11   sing N N 299 
LEU CD1   HD12   sing N N 300 
LEU CD1   HD13   sing N N 301 
LEU CD2   HD21   sing N N 302 
LEU CD2   HD22   sing N N 303 
LEU CD2   HD23   sing N N 304 
LEU OXT   HXT    sing N N 305 
LYS N     CA     sing N N 306 
LYS N     H      sing N N 307 
LYS N     H2     sing N N 308 
LYS CA    C      sing N N 309 
LYS CA    CB     sing N N 310 
LYS CA    HA     sing N N 311 
LYS C     O      doub N N 312 
LYS C     OXT    sing N N 313 
LYS CB    CG     sing N N 314 
LYS CB    HB2    sing N N 315 
LYS CB    HB3    sing N N 316 
LYS CG    CD     sing N N 317 
LYS CG    HG2    sing N N 318 
LYS CG    HG3    sing N N 319 
LYS CD    CE     sing N N 320 
LYS CD    HD2    sing N N 321 
LYS CD    HD3    sing N N 322 
LYS CE    NZ     sing N N 323 
LYS CE    HE2    sing N N 324 
LYS CE    HE3    sing N N 325 
LYS NZ    HZ1    sing N N 326 
LYS NZ    HZ2    sing N N 327 
LYS NZ    HZ3    sing N N 328 
LYS OXT   HXT    sing N N 329 
MET N     CA     sing N N 330 
MET N     H      sing N N 331 
MET N     H2     sing N N 332 
MET CA    C      sing N N 333 
MET CA    CB     sing N N 334 
MET CA    HA     sing N N 335 
MET C     O      doub N N 336 
MET C     OXT    sing N N 337 
MET CB    CG     sing N N 338 
MET CB    HB2    sing N N 339 
MET CB    HB3    sing N N 340 
MET CG    SD     sing N N 341 
MET CG    HG2    sing N N 342 
MET CG    HG3    sing N N 343 
MET SD    CE     sing N N 344 
MET CE    HE1    sing N N 345 
MET CE    HE2    sing N N 346 
MET CE    HE3    sing N N 347 
MET OXT   HXT    sing N N 348 
PHE N     CA     sing N N 349 
PHE N     H      sing N N 350 
PHE N     H2     sing N N 351 
PHE CA    C      sing N N 352 
PHE CA    CB     sing N N 353 
PHE CA    HA     sing N N 354 
PHE C     O      doub N N 355 
PHE C     OXT    sing N N 356 
PHE CB    CG     sing N N 357 
PHE CB    HB2    sing N N 358 
PHE CB    HB3    sing N N 359 
PHE CG    CD1    doub Y N 360 
PHE CG    CD2    sing Y N 361 
PHE CD1   CE1    sing Y N 362 
PHE CD1   HD1    sing N N 363 
PHE CD2   CE2    doub Y N 364 
PHE CD2   HD2    sing N N 365 
PHE CE1   CZ     doub Y N 366 
PHE CE1   HE1    sing N N 367 
PHE CE2   CZ     sing Y N 368 
PHE CE2   HE2    sing N N 369 
PHE CZ    HZ     sing N N 370 
PHE OXT   HXT    sing N N 371 
PRO N     CA     sing N N 372 
PRO N     CD     sing N N 373 
PRO N     H      sing N N 374 
PRO CA    C      sing N N 375 
PRO CA    CB     sing N N 376 
PRO CA    HA     sing N N 377 
PRO C     O      doub N N 378 
PRO C     OXT    sing N N 379 
PRO CB    CG     sing N N 380 
PRO CB    HB2    sing N N 381 
PRO CB    HB3    sing N N 382 
PRO CG    CD     sing N N 383 
PRO CG    HG2    sing N N 384 
PRO CG    HG3    sing N N 385 
PRO CD    HD2    sing N N 386 
PRO CD    HD3    sing N N 387 
PRO OXT   HXT    sing N N 388 
SER N     CA     sing N N 389 
SER N     H      sing N N 390 
SER N     H2     sing N N 391 
SER CA    C      sing N N 392 
SER CA    CB     sing N N 393 
SER CA    HA     sing N N 394 
SER C     O      doub N N 395 
SER C     OXT    sing N N 396 
SER CB    OG     sing N N 397 
SER CB    HB2    sing N N 398 
SER CB    HB3    sing N N 399 
SER OG    HG     sing N N 400 
SER OXT   HXT    sing N N 401 
THR N     CA     sing N N 402 
THR N     H      sing N N 403 
THR N     H2     sing N N 404 
THR CA    C      sing N N 405 
THR CA    CB     sing N N 406 
THR CA    HA     sing N N 407 
THR C     O      doub N N 408 
THR C     OXT    sing N N 409 
THR CB    OG1    sing N N 410 
THR CB    CG2    sing N N 411 
THR CB    HB     sing N N 412 
THR OG1   HG1    sing N N 413 
THR CG2   HG21   sing N N 414 
THR CG2   HG22   sing N N 415 
THR CG2   HG23   sing N N 416 
THR OXT   HXT    sing N N 417 
TRP N     CA     sing N N 418 
TRP N     H      sing N N 419 
TRP N     H2     sing N N 420 
TRP CA    C      sing N N 421 
TRP CA    CB     sing N N 422 
TRP CA    HA     sing N N 423 
TRP C     O      doub N N 424 
TRP C     OXT    sing N N 425 
TRP CB    CG     sing N N 426 
TRP CB    HB2    sing N N 427 
TRP CB    HB3    sing N N 428 
TRP CG    CD1    doub Y N 429 
TRP CG    CD2    sing Y N 430 
TRP CD1   NE1    sing Y N 431 
TRP CD1   HD1    sing N N 432 
TRP CD2   CE2    doub Y N 433 
TRP CD2   CE3    sing Y N 434 
TRP NE1   CE2    sing Y N 435 
TRP NE1   HE1    sing N N 436 
TRP CE2   CZ2    sing Y N 437 
TRP CE3   CZ3    doub Y N 438 
TRP CE3   HE3    sing N N 439 
TRP CZ2   CH2    doub Y N 440 
TRP CZ2   HZ2    sing N N 441 
TRP CZ3   CH2    sing Y N 442 
TRP CZ3   HZ3    sing N N 443 
TRP CH2   HH2    sing N N 444 
TRP OXT   HXT    sing N N 445 
TYR N     CA     sing N N 446 
TYR N     H      sing N N 447 
TYR N     H2     sing N N 448 
TYR CA    C      sing N N 449 
TYR CA    CB     sing N N 450 
TYR CA    HA     sing N N 451 
TYR C     O      doub N N 452 
TYR C     OXT    sing N N 453 
TYR CB    CG     sing N N 454 
TYR CB    HB2    sing N N 455 
TYR CB    HB3    sing N N 456 
TYR CG    CD1    doub Y N 457 
TYR CG    CD2    sing Y N 458 
TYR CD1   CE1    sing Y N 459 
TYR CD1   HD1    sing N N 460 
TYR CD2   CE2    doub Y N 461 
TYR CD2   HD2    sing N N 462 
TYR CE1   CZ     doub Y N 463 
TYR CE1   HE1    sing N N 464 
TYR CE2   CZ     sing Y N 465 
TYR CE2   HE2    sing N N 466 
TYR CZ    OH     sing N N 467 
TYR OH    HH     sing N N 468 
TYR OXT   HXT    sing N N 469 
# 
_ndb_struct_conf_na.entry_id   2WBU 
_ndb_struct_conf_na.feature    'b-form double helix' 
# 
loop_
_ndb_struct_na_base_pair.model_number 
_ndb_struct_na_base_pair.i_label_asym_id 
_ndb_struct_na_base_pair.i_label_comp_id 
_ndb_struct_na_base_pair.i_label_seq_id 
_ndb_struct_na_base_pair.i_symmetry 
_ndb_struct_na_base_pair.j_label_asym_id 
_ndb_struct_na_base_pair.j_label_comp_id 
_ndb_struct_na_base_pair.j_label_seq_id 
_ndb_struct_na_base_pair.j_symmetry 
_ndb_struct_na_base_pair.shear 
_ndb_struct_na_base_pair.stretch 
_ndb_struct_na_base_pair.stagger 
_ndb_struct_na_base_pair.buckle 
_ndb_struct_na_base_pair.propeller 
_ndb_struct_na_base_pair.opening 
_ndb_struct_na_base_pair.pair_number 
_ndb_struct_na_base_pair.pair_name 
_ndb_struct_na_base_pair.i_auth_asym_id 
_ndb_struct_na_base_pair.i_auth_seq_id 
_ndb_struct_na_base_pair.i_PDB_ins_code 
_ndb_struct_na_base_pair.j_auth_asym_id 
_ndb_struct_na_base_pair.j_auth_seq_id 
_ndb_struct_na_base_pair.j_PDB_ins_code 
_ndb_struct_na_base_pair.hbond_type_28 
_ndb_struct_na_base_pair.hbond_type_12 
1 B DG 1  1_555 C DC 10 1_555 -0.088 0.031  -0.346 -4.745 -10.068 3.374  1  B_DG1:DC10_C B 1  ? C 10 ? 19 1 
1 B DA 2  1_555 C DT 9  1_555 0.208  -0.154 -0.301 -1.297 -12.524 -5.130 2  B_DA2:DT9_C  B 2  ? C 9  ? 20 1 
1 B DG 3  1_555 C DC 8  1_555 -0.101 -0.187 0.378  7.400  -12.125 -0.575 3  B_DG3:DC8_C  B 3  ? C 8  ? 19 1 
1 B DG 4  1_555 C DC 7  1_555 -0.123 -0.073 -0.343 -7.623 -9.121  -0.216 4  B_DG4:DC7_C  B 4  ? C 7  ? 19 1 
1 B DC 5  1_555 C DG 6  1_555 -0.137 -0.178 -0.314 0.145  -3.349  1.459  5  B_DC5:DG6_C  B 5  ? C 6  ? 19 1 
1 B DG 6  1_555 C DC 5  1_555 0.042  -0.185 -0.177 -6.374 -10.771 -3.457 6  B_DG6:DC5_C  B 6  ? C 5  ? 19 1 
1 B DT 7  1_555 C DA 4  1_555 -0.718 0.093  -0.100 -7.709 -6.904  11.353 7  B_DT7:DA4_C  B 7  ? C 4  ? 20 1 
1 B DG 8  1_555 C DC 3  1_555 0.074  -0.150 -0.104 5.093  -1.739  -1.315 8  B_DG8:DC3_C  B 8  ? C 3  ? 19 1 
1 B DG 9  1_555 C DC 2  1_555 0.059  -0.280 -0.065 6.551  -10.925 -4.542 9  B_DG9:DC2_C  B 9  ? C 2  ? 19 1 
1 B DC 10 1_555 C DG 1  1_555 0.224  -0.098 0.199  -0.651 -9.009  4.951  10 B_DC10:DG1_C B 10 ? C 1  ? 19 1 
# 
loop_
_ndb_struct_na_base_pair_step.model_number 
_ndb_struct_na_base_pair_step.i_label_asym_id_1 
_ndb_struct_na_base_pair_step.i_label_comp_id_1 
_ndb_struct_na_base_pair_step.i_label_seq_id_1 
_ndb_struct_na_base_pair_step.i_symmetry_1 
_ndb_struct_na_base_pair_step.j_label_asym_id_1 
_ndb_struct_na_base_pair_step.j_label_comp_id_1 
_ndb_struct_na_base_pair_step.j_label_seq_id_1 
_ndb_struct_na_base_pair_step.j_symmetry_1 
_ndb_struct_na_base_pair_step.i_label_asym_id_2 
_ndb_struct_na_base_pair_step.i_label_comp_id_2 
_ndb_struct_na_base_pair_step.i_label_seq_id_2 
_ndb_struct_na_base_pair_step.i_symmetry_2 
_ndb_struct_na_base_pair_step.j_label_asym_id_2 
_ndb_struct_na_base_pair_step.j_label_comp_id_2 
_ndb_struct_na_base_pair_step.j_label_seq_id_2 
_ndb_struct_na_base_pair_step.j_symmetry_2 
_ndb_struct_na_base_pair_step.shift 
_ndb_struct_na_base_pair_step.slide 
_ndb_struct_na_base_pair_step.rise 
_ndb_struct_na_base_pair_step.tilt 
_ndb_struct_na_base_pair_step.roll 
_ndb_struct_na_base_pair_step.twist 
_ndb_struct_na_base_pair_step.x_displacement 
_ndb_struct_na_base_pair_step.y_displacement 
_ndb_struct_na_base_pair_step.helical_rise 
_ndb_struct_na_base_pair_step.inclination 
_ndb_struct_na_base_pair_step.tip 
_ndb_struct_na_base_pair_step.helical_twist 
_ndb_struct_na_base_pair_step.step_number 
_ndb_struct_na_base_pair_step.step_name 
_ndb_struct_na_base_pair_step.i_auth_asym_id_1 
_ndb_struct_na_base_pair_step.i_auth_seq_id_1 
_ndb_struct_na_base_pair_step.i_PDB_ins_code_1 
_ndb_struct_na_base_pair_step.j_auth_asym_id_1 
_ndb_struct_na_base_pair_step.j_auth_seq_id_1 
_ndb_struct_na_base_pair_step.j_PDB_ins_code_1 
_ndb_struct_na_base_pair_step.i_auth_asym_id_2 
_ndb_struct_na_base_pair_step.i_auth_seq_id_2 
_ndb_struct_na_base_pair_step.i_PDB_ins_code_2 
_ndb_struct_na_base_pair_step.j_auth_asym_id_2 
_ndb_struct_na_base_pair_step.j_auth_seq_id_2 
_ndb_struct_na_base_pair_step.j_PDB_ins_code_2 
1 B DG 1 1_555 C DC 10 1_555 B DA 2  1_555 C DT 9 1_555 -0.337 -0.502 3.177 -1.217 6.509  32.746 -1.908 0.393  3.034 11.399 2.131  
33.391 1 BB_DG1DA2:DT9DC10_CC B 1 ? C 10 ? B 2  ? C 9 ? 
1 B DA 2 1_555 C DT 9  1_555 B DG 3  1_555 C DC 8 1_555 0.029  -0.255 3.051 -5.554 6.285  30.989 -1.507 -0.977 2.896 11.500 10.163 
32.077 2 BB_DA2DG3:DC8DT9_CC  B 2 ? C 9  ? B 3  ? C 8 ? 
1 B DG 3 1_555 C DC 8  1_555 B DG 4  1_555 C DC 7 1_555 0.045  -0.520 3.686 2.807  9.190  36.776 -2.102 0.328  3.456 14.269 -4.358 
37.969 3 BB_DG3DG4:DC7DC8_CC  B 3 ? C 8  ? B 4  ? C 7 ? 
1 B DG 4 1_555 C DC 7  1_555 B DC 5  1_555 C DG 6 1_555 0.838  -0.394 3.076 2.484  -0.126 28.388 -0.772 -1.163 3.138 -0.257 -5.052 
28.495 4 BB_DG4DC5:DG6DC7_CC  B 4 ? C 7  ? B 5  ? C 6 ? 
1 B DC 5 1_555 C DG 6  1_555 B DG 6  1_555 C DC 5 1_555 -1.350 -0.058 3.645 -3.393 7.254  33.886 -1.350 1.672  3.669 12.234 5.722  
34.793 5 BB_DC5DG6:DC5DG6_CC  B 5 ? C 6  ? B 6  ? C 5 ? 
1 B DG 6 1_555 C DC 5  1_555 B DT 7  1_555 C DA 4 1_555 1.686  -0.349 3.249 2.368  3.138  29.541 -1.340 -2.781 3.317 6.119  -4.617 
29.796 6 BB_DG6DT7:DA4DC5_CC  B 6 ? C 5  ? B 7  ? C 4 ? 
1 B DT 7 1_555 C DA 4  1_555 B DG 8  1_555 C DC 3 1_555 -1.081 0.760  3.208 -0.370 7.004  35.227 0.225  1.701  3.304 11.432 0.603  
35.897 7 BB_DT7DG8:DC3DA4_CC  B 7 ? C 4  ? B 8  ? C 3 ? 
1 B DG 8 1_555 C DC 3  1_555 B DG 9  1_555 C DC 2 1_555 -1.153 0.067  3.263 -2.786 5.729  32.371 -0.871 1.551  3.311 10.154 4.938  
32.975 8 BB_DG8DG9:DC2DC3_CC  B 8 ? C 3  ? B 9  ? C 2 ? 
1 B DG 9 1_555 C DC 2  1_555 B DC 10 1_555 C DG 1 1_555 1.207  -0.563 3.452 -1.192 -3.671 36.041 -0.361 -2.118 3.450 -5.913 1.920  
36.240 9 BB_DG9DC10:DG1DC2_CC B 9 ? C 2  ? B 10 ? C 1 ? 
# 
loop_
_pdbx_entity_nonpoly.entity_id 
_pdbx_entity_nonpoly.name 
_pdbx_entity_nonpoly.comp_id 
4 'ZINC ION' ZN  
5 water      HOH 
# 
_pdbx_initial_refinement_model.id               1 
_pdbx_initial_refinement_model.entity_id_list   ? 
_pdbx_initial_refinement_model.type             'experimental model' 
_pdbx_initial_refinement_model.source_name      PDB 
_pdbx_initial_refinement_model.accession_code   2WBS 
_pdbx_initial_refinement_model.details          'PDB ENTRY 2WBS' 
# 
